data_5MM4
#
_entry.id   5MM4
#
_cell.length_a   1.0
_cell.length_b   1.0
_cell.length_c   1.0
_cell.angle_alpha   90.00
_cell.angle_beta   90.00
_cell.angle_gamma   90.00
#
_symmetry.space_group_name_H-M   'P 1'
#
loop_
_entity.id
_entity.type
_entity.pdbx_description
1 polymer kinesin-5
2 polymer 'Tubulin alpha-1A chain'
3 polymer 'Tubulin beta chain'
4 non-polymer 'MAGNESIUM ION'
5 non-polymer 'PHOSPHOAMINOPHOSPHONIC ACID-ADENYLATE ESTER'
6 non-polymer "GUANOSINE-5'-TRIPHOSPHATE"
7 non-polymer TAXOL
8 non-polymer "GUANOSINE-5'-DIPHOSPHATE"
#
loop_
_entity_poly.entity_id
_entity_poly.type
_entity_poly.pdbx_seq_one_letter_code
_entity_poly.pdbx_strand_id
1 'polypeptide(L)'
;MGESNIQVVVRVRGQAPNEPKRTAPGILTTSGPRCQQIDVAIEAPQVSSSSAIASTSNLVQESATRQKSYHFDQVFGPEA
DQGMVYQDVVGPILEEVMSGYNCTIFAYGQTGTGKTHTMEGDLTSQMGTYSSEAGIIPRSLYRLFHTLELSKEDYSVKAT
FIELYNEELRDLLSIDSSTSSAEPSSSATATKEPQHALRMYDDARGKGVVIQGLEEVALKDAAHGLSVLRRGSQKRQIAA
TNCNEQSSRSHSVFTMTVFIKDKGSRGEDVLKIGKLNLVDLAGSENIGRSGAENKRAREAGMINQSLLTLGRVINALVEK
NSHIPYRESKLTRLLQESLGGRTKTCIIATVSQERANIEETLSTLDYALRAKSIKNRPELNTRMT
;
K
2 'polypeptide(L)'
;MRECISIHVGQAGVQIGNACWELYCLEHGIQPDGQMPSDKTIGGGDDSFNTFFSETGAGKHVPRAVFVDLEPTVIDEVRT
GTYRQLFHPEQLITGKEDAANNYARGHYTIGKEIIDLVLDRIRKLADQCTGLQGFSVFHSFGGGTGSGFTSLLMERLSVD
YGKKSKLEFSIYPAPQVSTAVVEPYNSILTTHTTLEHSDCAFMVDNEAIYDICRRNLDIERPTYTNLNRLIGQIVSSITA
SLRFDGALNVDLTEFQTNLVPYPRGHFPLATYAPVISAEKAYHEQLSVAEITNACFEPANQMVKCDPRHGKYMACCLLYR
GDVVPKDVNAAIATIKTKRTIQFVDWCPTGFKVGINYEPPTVVPGGDLAKVQRAVCMLSNTTAIAEAWARLDHKFDLMYA
KRAFVHWYVGEGMEEGEFSEAREDMAALEKDYEEVGVDS
;
A
3 'polypeptide(L)'
;MREIVHIQAGQCGNQIGAKFWEVISDEHGIDPTGSYHGDSDLQLERINVYYNEAAGNKYVPRAILVDLEPGTMDSVRSGP
FGQIFRPDNFVFGQSGAGNNWAKGHYTEGAELVDSVLDVVRKESESCDCLQGFQLTHSLGGGTGSGMGTLLISKIREEYP
DRIMNTFSVVPSPKVSDTVVEPYNATLSVHQLVENTDETYCIDNEALYDICFRTLKLTTPTYGDLNHLVSATMSGVTTCL
RFPGQLNADLRKLAVNMVPFPRLHFFMPGFAPLTSRGSQQYRALTVPELTQQMFDAKNMMAACDPRHGRYLTVAAVFRGR
MSMKEVDEQMLNVQNKNSSYFVEWIPNNVKTAVCDIPPRGLKMSATFIGNSTAIQELFKRISEQFTAMFRRKAFLHWYTG
EGMDEMEFTEAESNMNDLVSEYQQYQD
;
B
#
loop_
_chem_comp.id
_chem_comp.type
_chem_comp.name
_chem_comp.formula
ANP non-polymer 'PHOSPHOAMINOPHOSPHONIC ACID-ADENYLATE ESTER' 'C10 H17 N6 O12 P3'
GDP RNA linking GUANOSINE-5'-DIPHOSPHATE 'C10 H15 N5 O11 P2'
GTP non-polymer GUANOSINE-5'-TRIPHOSPHATE 'C10 H16 N5 O14 P3'
MG non-polymer 'MAGNESIUM ION' 'Mg 2'
TA1 non-polymer TAXOL 'C47 H51 N O14'
#
# COMPACT_ATOMS: atom_id res chain seq x y z
N MET A 1 -36.69 -12.32 13.91
CA MET A 1 -35.43 -11.72 13.47
C MET A 1 -35.44 -11.45 11.98
N GLY A 2 -36.47 -11.95 11.30
CA GLY A 2 -36.70 -11.62 9.91
C GLY A 2 -35.83 -12.37 8.94
N GLU A 3 -36.39 -12.58 7.73
CA GLU A 3 -35.70 -13.17 6.59
C GLU A 3 -36.13 -12.40 5.34
N SER A 4 -36.11 -11.07 5.43
CA SER A 4 -36.55 -10.24 4.31
C SER A 4 -35.37 -9.80 3.47
N ASN A 5 -34.41 -10.71 3.26
CA ASN A 5 -32.97 -10.55 3.03
C ASN A 5 -32.68 -9.47 2.00
N ILE A 6 -33.05 -9.66 0.73
CA ILE A 6 -32.42 -8.86 -0.32
C ILE A 6 -33.20 -8.98 -1.62
N GLN A 7 -32.99 -8.03 -2.53
CA GLN A 7 -33.35 -8.16 -3.93
C GLN A 7 -32.08 -8.07 -4.77
N VAL A 8 -31.99 -8.88 -5.82
CA VAL A 8 -30.84 -8.90 -6.72
C VAL A 8 -31.34 -8.72 -8.15
N VAL A 9 -31.00 -7.59 -8.78
CA VAL A 9 -31.45 -7.29 -10.14
C VAL A 9 -30.24 -6.90 -10.99
N VAL A 10 -30.34 -7.16 -12.30
CA VAL A 10 -29.25 -6.94 -13.24
C VAL A 10 -29.81 -6.36 -14.54
N ARG A 11 -29.27 -5.22 -14.97
CA ARG A 11 -29.41 -4.69 -16.30
C ARG A 11 -28.01 -4.39 -16.84
N VAL A 12 -27.81 -4.55 -18.15
CA VAL A 12 -26.49 -4.36 -18.76
C VAL A 12 -26.58 -3.27 -19.81
N ARG A 13 -25.43 -2.95 -20.40
CA ARG A 13 -25.36 -1.95 -21.45
C ARG A 13 -25.69 -2.58 -22.80
N GLY A 14 -25.61 -1.77 -23.85
CA GLY A 14 -26.24 -2.15 -25.10
C GLY A 14 -26.79 -0.98 -25.91
N GLN A 15 -28.11 -0.97 -26.10
CA GLN A 15 -28.76 -0.06 -27.05
C GLN A 15 -28.67 1.37 -26.50
N ALA A 16 -27.50 1.97 -26.71
CA ALA A 16 -27.23 3.37 -26.43
C ALA A 16 -26.57 3.91 -27.69
N PRO A 17 -27.08 5.02 -28.27
CA PRO A 17 -26.94 5.28 -29.72
C PRO A 17 -25.54 5.44 -30.31
N ASN A 18 -24.49 5.33 -29.50
CA ASN A 18 -23.15 5.14 -30.02
C ASN A 18 -22.72 3.69 -30.00
N GLU A 19 -23.25 2.89 -29.08
CA GLU A 19 -22.74 1.56 -28.78
C GLU A 19 -23.02 0.46 -29.82
N PRO A 20 -24.27 0.19 -30.27
CA PRO A 20 -24.48 -1.04 -31.05
C PRO A 20 -23.94 -1.01 -32.48
N LYS A 21 -23.51 0.13 -33.00
CA LYS A 21 -23.05 0.19 -34.38
C LYS A 21 -21.63 -0.34 -34.56
N ARG A 22 -20.92 -0.66 -33.48
CA ARG A 22 -19.54 -1.10 -33.60
C ARG A 22 -19.31 -2.43 -32.90
N THR A 23 -20.06 -2.68 -31.83
CA THR A 23 -19.85 -3.90 -31.04
C THR A 23 -20.37 -5.13 -31.78
N ALA A 24 -21.68 -5.17 -32.04
CA ALA A 24 -22.32 -6.25 -32.77
C ALA A 24 -21.83 -6.41 -34.22
N PRO A 25 -21.42 -5.36 -34.95
CA PRO A 25 -20.62 -5.64 -36.16
C PRO A 25 -19.22 -6.11 -35.86
N GLY A 26 -18.60 -5.65 -34.77
CA GLY A 26 -17.25 -6.06 -34.47
C GLY A 26 -17.16 -7.46 -33.89
N ILE A 27 -17.84 -7.67 -32.77
CA ILE A 27 -17.78 -8.94 -32.04
C ILE A 27 -19.20 -9.47 -32.13
N LEU A 28 -19.47 -10.61 -31.49
CA LEU A 28 -20.79 -11.22 -31.47
C LEU A 28 -21.79 -10.30 -30.76
N THR A 29 -23.07 -10.55 -31.02
CA THR A 29 -24.16 -9.64 -30.69
C THR A 29 -24.50 -9.63 -29.20
N THR A 30 -25.70 -9.12 -28.88
CA THR A 30 -26.11 -8.47 -27.62
C THR A 30 -25.53 -9.01 -26.31
N SER A 31 -25.29 -10.31 -26.21
CA SER A 31 -24.47 -10.89 -25.15
C SER A 31 -23.60 -11.94 -25.84
N GLY A 32 -22.43 -11.51 -26.32
CA GLY A 32 -21.58 -12.32 -27.15
C GLY A 32 -21.05 -13.54 -26.44
N PRO A 33 -20.14 -13.34 -25.48
CA PRO A 33 -19.74 -14.48 -24.65
C PRO A 33 -20.79 -14.87 -23.64
N ARG A 34 -21.74 -13.98 -23.34
CA ARG A 34 -22.42 -13.96 -22.05
C ARG A 34 -23.68 -14.78 -22.01
N CYS A 35 -24.41 -14.88 -23.13
CA CYS A 35 -25.67 -15.63 -23.26
C CYS A 35 -26.74 -15.12 -22.29
N GLN A 36 -27.26 -13.94 -22.64
CA GLN A 36 -28.44 -13.38 -22.00
C GLN A 36 -29.62 -14.33 -22.08
N GLN A 37 -30.23 -14.62 -20.92
CA GLN A 37 -31.54 -15.28 -20.85
C GLN A 37 -32.40 -14.57 -19.82
N ILE A 38 -33.70 -14.79 -19.90
CA ILE A 38 -34.66 -13.93 -19.21
C ILE A 38 -35.49 -14.72 -18.19
N ASP A 39 -35.62 -16.03 -18.40
CA ASP A 39 -36.58 -16.83 -17.62
C ASP A 39 -36.09 -17.07 -16.20
N VAL A 40 -35.03 -17.87 -16.05
CA VAL A 40 -34.45 -18.14 -14.74
C VAL A 40 -33.30 -17.18 -14.46
N ALA A 41 -33.08 -16.20 -15.36
CA ALA A 41 -32.07 -15.15 -15.28
C ALA A 41 -30.66 -15.74 -15.20
N ILE A 42 -30.36 -16.63 -16.12
CA ILE A 42 -29.05 -17.27 -16.20
C ILE A 42 -28.24 -16.58 -17.29
N GLU A 43 -26.92 -16.52 -17.08
CA GLU A 43 -26.01 -15.83 -17.98
C GLU A 43 -24.60 -16.34 -17.70
N ALA A 44 -23.80 -16.53 -18.76
CA ALA A 44 -22.47 -17.10 -18.57
C ALA A 44 -21.49 -16.62 -19.63
N PRO A 45 -20.58 -15.72 -19.29
CA PRO A 45 -19.52 -15.33 -20.25
C PRO A 45 -18.34 -16.28 -20.24
N GLN A 46 -17.63 -16.32 -21.37
CA GLN A 46 -16.45 -17.17 -21.57
C GLN A 46 -15.45 -16.42 -22.45
N VAL A 47 -14.31 -17.07 -22.73
CA VAL A 47 -13.35 -16.60 -23.72
C VAL A 47 -13.03 -17.75 -24.67
N SER A 48 -12.08 -17.51 -25.57
CA SER A 48 -11.62 -18.54 -26.49
C SER A 48 -10.93 -19.68 -25.76
N SER A 49 -11.21 -20.90 -26.18
CA SER A 49 -10.62 -22.11 -25.60
C SER A 49 -9.55 -22.63 -26.55
N SER A 50 -8.29 -22.36 -26.22
CA SER A 50 -7.16 -22.79 -27.02
C SER A 50 -6.25 -23.68 -26.20
N SER A 51 -5.52 -24.54 -26.89
CA SER A 51 -4.55 -25.44 -26.24
C SER A 51 -3.35 -24.59 -25.83
N ALA A 52 -3.53 -23.86 -24.74
CA ALA A 52 -2.61 -22.80 -24.38
C ALA A 52 -1.54 -23.33 -23.45
N ILE A 53 -0.28 -23.17 -23.87
CA ILE A 53 0.86 -23.60 -23.07
C ILE A 53 0.93 -22.79 -21.78
N ALA A 54 0.50 -21.54 -21.83
CA ALA A 54 0.11 -20.79 -20.64
C ALA A 54 -1.40 -20.62 -20.74
N SER A 55 -2.13 -21.44 -19.98
CA SER A 55 -3.58 -21.49 -20.08
C SER A 55 -4.20 -20.18 -19.62
N THR A 56 -4.99 -19.57 -20.49
CA THR A 56 -5.55 -18.26 -20.22
C THR A 56 -6.64 -18.35 -19.15
N SER A 57 -7.02 -17.19 -18.63
CA SER A 57 -8.16 -17.10 -17.72
C SER A 57 -9.44 -17.39 -18.50
N ASN A 58 -10.46 -17.84 -17.75
CA ASN A 58 -11.69 -18.43 -18.29
C ASN A 58 -11.40 -19.59 -19.25
N LEU A 59 -10.53 -20.49 -18.81
CA LEU A 59 -10.43 -21.83 -19.39
C LEU A 59 -10.88 -22.78 -18.30
N VAL A 60 -12.19 -22.93 -18.16
CA VAL A 60 -12.80 -23.79 -17.16
C VAL A 60 -13.87 -24.63 -17.86
N GLN A 61 -13.93 -24.52 -19.17
CA GLN A 61 -15.02 -25.07 -19.95
C GLN A 61 -14.67 -26.43 -20.53
N GLU A 62 -15.65 -27.02 -21.20
CA GLU A 62 -15.50 -28.27 -21.91
C GLU A 62 -16.18 -28.12 -23.27
N SER A 63 -16.39 -29.25 -23.96
CA SER A 63 -17.07 -29.23 -25.24
C SER A 63 -18.58 -29.03 -25.02
N ALA A 64 -19.09 -27.87 -25.47
CA ALA A 64 -20.51 -27.52 -25.49
C ALA A 64 -21.12 -27.52 -24.09
N THR A 65 -20.59 -26.65 -23.23
CA THR A 65 -21.15 -26.42 -21.91
C THR A 65 -20.82 -25.00 -21.49
N ARG A 66 -21.56 -24.52 -20.48
CA ARG A 66 -21.36 -23.18 -19.95
C ARG A 66 -20.68 -23.26 -18.59
N GLN A 67 -19.96 -22.19 -18.27
CA GLN A 67 -19.28 -22.07 -16.99
C GLN A 67 -19.52 -20.67 -16.44
N LYS A 68 -19.32 -20.58 -15.12
CA LYS A 68 -19.74 -19.47 -14.25
C LYS A 68 -21.12 -18.93 -14.64
N SER A 69 -22.07 -19.85 -14.81
CA SER A 69 -23.45 -19.50 -15.15
C SER A 69 -24.11 -18.94 -13.89
N TYR A 70 -23.82 -17.67 -13.63
CA TYR A 70 -24.32 -17.00 -12.43
C TYR A 70 -25.79 -16.65 -12.65
N HIS A 71 -26.63 -17.68 -12.50
CA HIS A 71 -28.06 -17.48 -12.62
C HIS A 71 -28.57 -16.70 -11.42
N PHE A 72 -29.33 -15.66 -11.69
CA PHE A 72 -29.75 -14.72 -10.66
C PHE A 72 -31.26 -14.71 -10.54
N ASP A 73 -31.74 -13.76 -9.75
CA ASP A 73 -33.17 -13.57 -9.61
C ASP A 73 -33.75 -13.01 -10.90
N GLN A 74 -33.32 -11.81 -11.28
CA GLN A 74 -33.77 -11.14 -12.49
C GLN A 74 -32.59 -10.46 -13.16
N VAL A 75 -32.23 -10.89 -14.36
CA VAL A 75 -31.24 -10.19 -15.15
C VAL A 75 -31.96 -9.65 -16.38
N PHE A 76 -31.38 -8.61 -16.96
CA PHE A 76 -31.98 -7.95 -18.10
C PHE A 76 -30.88 -7.52 -19.07
N GLY A 77 -31.27 -7.24 -20.31
CA GLY A 77 -30.35 -6.87 -21.34
C GLY A 77 -30.57 -5.46 -21.86
N PRO A 78 -30.09 -5.19 -23.08
CA PRO A 78 -30.35 -3.89 -23.70
C PRO A 78 -31.81 -3.65 -24.04
N GLU A 79 -32.61 -4.70 -24.14
CA GLU A 79 -34.00 -4.60 -24.54
C GLU A 79 -34.90 -4.06 -23.44
N ALA A 80 -34.47 -4.16 -22.17
CA ALA A 80 -35.31 -3.80 -21.04
C ALA A 80 -35.53 -2.29 -20.99
N ASP A 81 -36.79 -1.87 -21.06
CA ASP A 81 -37.13 -0.45 -21.06
C ASP A 81 -36.91 0.15 -19.67
N GLN A 82 -36.98 1.48 -19.64
CA GLN A 82 -36.98 2.19 -18.37
C GLN A 82 -38.21 1.82 -17.56
N GLY A 83 -39.36 1.73 -18.22
CA GLY A 83 -40.57 1.27 -17.54
C GLY A 83 -40.57 -0.23 -17.29
N MET A 84 -39.89 -1.00 -18.13
CA MET A 84 -39.81 -2.45 -17.91
C MET A 84 -38.93 -2.77 -16.72
N VAL A 85 -37.87 -1.99 -16.52
CA VAL A 85 -37.14 -2.08 -15.26
C VAL A 85 -38.00 -1.55 -14.13
N TYR A 86 -38.79 -0.49 -14.40
CA TYR A 86 -39.75 -0.03 -13.41
C TYR A 86 -40.89 -1.04 -13.22
N GLN A 87 -41.16 -1.87 -14.24
CA GLN A 87 -42.19 -2.90 -14.11
C GLN A 87 -41.81 -3.95 -13.08
N ASP A 88 -40.53 -4.22 -12.94
CA ASP A 88 -40.07 -5.31 -12.09
C ASP A 88 -39.37 -4.86 -10.83
N VAL A 89 -38.58 -3.79 -10.89
CA VAL A 89 -37.72 -3.39 -9.79
C VAL A 89 -38.41 -2.40 -8.86
N VAL A 90 -38.82 -1.26 -9.40
CA VAL A 90 -39.19 -0.11 -8.56
C VAL A 90 -40.70 -0.02 -8.38
N GLY A 91 -41.46 -0.17 -9.45
CA GLY A 91 -42.92 -0.15 -9.44
C GLY A 91 -43.64 -1.04 -8.43
N PRO A 92 -43.39 -2.36 -8.43
CA PRO A 92 -44.12 -3.22 -7.49
C PRO A 92 -43.70 -3.10 -6.04
N ILE A 93 -42.74 -2.23 -5.71
CA ILE A 93 -42.42 -1.94 -4.32
C ILE A 93 -42.61 -0.47 -3.97
N LEU A 94 -42.91 0.40 -4.94
CA LEU A 94 -43.17 1.79 -4.60
C LEU A 94 -44.56 1.97 -3.98
N GLU A 95 -45.51 1.13 -4.33
CA GLU A 95 -46.78 1.13 -3.61
C GLU A 95 -46.75 0.25 -2.36
N GLU A 96 -45.63 -0.41 -2.08
CA GLU A 96 -45.44 -1.13 -0.82
C GLU A 96 -44.78 -0.26 0.24
N VAL A 97 -43.88 0.65 -0.16
CA VAL A 97 -43.23 1.54 0.80
C VAL A 97 -44.12 2.69 1.22
N MET A 98 -45.33 2.80 0.65
CA MET A 98 -46.27 3.81 1.10
C MET A 98 -46.74 3.53 2.52
N SER A 99 -46.80 2.25 2.91
CA SER A 99 -47.19 1.90 4.27
C SER A 99 -46.12 2.24 5.29
N GLY A 100 -44.86 2.42 4.85
CA GLY A 100 -43.82 2.82 5.76
C GLY A 100 -42.53 2.04 5.57
N TYR A 101 -42.51 1.17 4.54
CA TYR A 101 -41.30 0.45 4.21
C TYR A 101 -40.26 1.40 3.63
N ASN A 102 -39.01 0.97 3.62
CA ASN A 102 -37.92 1.85 3.22
C ASN A 102 -37.04 1.13 2.19
N CYS A 103 -36.52 1.90 1.24
CA CYS A 103 -35.69 1.34 0.18
C CYS A 103 -34.43 2.16 -0.02
N THR A 104 -33.49 1.55 -0.74
CA THR A 104 -32.20 2.15 -1.06
C THR A 104 -31.73 1.58 -2.39
N ILE A 105 -31.33 2.45 -3.31
CA ILE A 105 -30.88 2.04 -4.64
C ILE A 105 -29.47 2.54 -4.85
N PHE A 106 -28.58 1.65 -5.29
CA PHE A 106 -27.21 1.98 -5.63
C PHE A 106 -26.74 1.00 -6.68
N ALA A 107 -25.69 1.38 -7.41
CA ALA A 107 -25.15 0.55 -8.48
C ALA A 107 -23.67 0.26 -8.22
N TYR A 108 -23.14 -0.68 -9.00
CA TYR A 108 -21.76 -1.11 -8.89
C TYR A 108 -21.34 -1.85 -10.16
N GLY A 109 -20.10 -1.63 -10.58
CA GLY A 109 -19.58 -2.27 -11.77
C GLY A 109 -18.30 -1.56 -12.21
N GLN A 110 -17.92 -1.83 -13.46
CA GLN A 110 -16.76 -1.17 -14.03
C GLN A 110 -17.13 0.26 -14.44
N THR A 111 -16.13 1.11 -14.62
CA THR A 111 -16.37 2.53 -14.85
C THR A 111 -17.05 2.80 -16.19
N GLY A 112 -17.86 3.85 -16.22
CA GLY A 112 -18.55 4.23 -17.43
C GLY A 112 -19.63 3.27 -17.89
N THR A 113 -20.11 2.40 -17.01
CA THR A 113 -21.01 1.35 -17.45
C THR A 113 -22.46 1.79 -17.54
N GLY A 114 -22.76 3.06 -17.27
CA GLY A 114 -24.11 3.55 -17.35
C GLY A 114 -24.87 3.57 -16.05
N LYS A 115 -24.18 3.78 -14.93
CA LYS A 115 -24.86 3.90 -13.65
C LYS A 115 -25.69 5.17 -13.59
N THR A 116 -25.15 6.28 -14.08
CA THR A 116 -25.90 7.53 -14.04
C THR A 116 -26.97 7.61 -15.11
N HIS A 117 -26.97 6.72 -16.10
CA HIS A 117 -28.11 6.66 -17.00
C HIS A 117 -29.27 5.92 -16.35
N THR A 118 -28.97 4.99 -15.45
CA THR A 118 -30.01 4.33 -14.69
C THR A 118 -30.56 5.25 -13.60
N MET A 119 -29.67 5.85 -12.80
CA MET A 119 -30.06 6.77 -11.74
C MET A 119 -30.70 8.03 -12.29
N GLU A 120 -29.92 8.84 -13.02
CA GLU A 120 -30.41 10.12 -13.52
C GLU A 120 -31.15 9.93 -14.84
N GLY A 121 -30.45 9.40 -15.86
CA GLY A 121 -31.03 9.37 -17.19
C GLY A 121 -31.16 10.76 -17.77
N ASP A 122 -31.94 10.85 -18.85
CA ASP A 122 -32.35 12.13 -19.36
C ASP A 122 -33.64 11.93 -20.15
N LEU A 123 -34.26 13.04 -20.53
CA LEU A 123 -35.64 13.07 -20.98
C LEU A 123 -35.79 12.43 -22.37
N THR A 124 -37.03 12.38 -22.84
CA THR A 124 -37.35 11.85 -24.15
C THR A 124 -37.71 12.99 -25.09
N SER A 125 -38.05 12.63 -26.34
CA SER A 125 -38.34 13.61 -27.39
C SER A 125 -39.73 14.18 -27.16
N GLN A 126 -39.80 15.24 -26.35
CA GLN A 126 -41.00 16.03 -26.17
C GLN A 126 -40.64 17.50 -26.24
N MET A 127 -41.52 18.29 -26.84
CA MET A 127 -41.32 19.74 -26.85
C MET A 127 -41.50 20.31 -25.45
N GLY A 128 -42.52 19.86 -24.75
CA GLY A 128 -42.69 20.18 -23.34
C GLY A 128 -42.72 18.89 -22.53
N THR A 129 -41.71 18.69 -21.70
CA THR A 129 -41.58 17.45 -20.95
C THR A 129 -42.42 17.55 -19.69
N TYR A 130 -43.56 16.87 -19.69
CA TYR A 130 -44.44 16.81 -18.52
C TYR A 130 -44.03 15.62 -17.66
N SER A 131 -42.84 15.76 -17.07
CA SER A 131 -42.10 14.70 -16.37
C SER A 131 -41.95 13.47 -17.28
N SER A 132 -41.25 13.68 -18.38
CA SER A 132 -41.14 12.68 -19.42
C SER A 132 -40.17 11.57 -19.00
N GLU A 133 -39.97 10.60 -19.89
CA GLU A 133 -39.25 9.39 -19.53
C GLU A 133 -37.74 9.62 -19.44
N ALA A 134 -37.16 9.14 -18.36
CA ALA A 134 -35.75 9.33 -18.01
C ALA A 134 -35.37 8.19 -17.07
N GLY A 135 -34.30 8.37 -16.30
CA GLY A 135 -33.89 7.39 -15.31
C GLY A 135 -34.84 7.19 -14.15
N ILE A 136 -34.38 6.51 -13.10
CA ILE A 136 -35.29 6.04 -12.06
C ILE A 136 -35.76 7.12 -11.09
N ILE A 137 -35.14 8.30 -11.11
CA ILE A 137 -35.53 9.37 -10.18
C ILE A 137 -36.80 10.10 -10.63
N PRO A 138 -36.94 10.66 -11.85
CA PRO A 138 -38.19 11.39 -12.13
C PRO A 138 -39.40 10.48 -12.35
N ARG A 139 -39.18 9.20 -12.63
CA ARG A 139 -40.31 8.29 -12.79
C ARG A 139 -40.99 8.03 -11.45
N SER A 140 -40.22 7.94 -10.39
CA SER A 140 -40.81 7.88 -9.06
C SER A 140 -41.35 9.23 -8.65
N LEU A 141 -40.72 10.32 -9.11
CA LEU A 141 -41.26 11.65 -8.85
C LEU A 141 -42.50 11.93 -9.67
N TYR A 142 -42.72 11.18 -10.74
CA TYR A 142 -43.98 11.26 -11.46
C TYR A 142 -45.05 10.43 -10.77
N ARG A 143 -44.67 9.29 -10.17
CA ARG A 143 -45.58 8.51 -9.35
C ARG A 143 -45.78 9.16 -7.99
N LEU A 144 -44.88 10.07 -7.60
CA LEU A 144 -45.04 10.86 -6.38
C LEU A 144 -46.34 11.64 -6.39
N PHE A 145 -46.60 12.38 -7.44
CA PHE A 145 -47.81 13.17 -7.49
C PHE A 145 -49.01 12.37 -8.00
N HIS A 146 -48.82 11.07 -8.22
CA HIS A 146 -49.92 10.17 -8.54
C HIS A 146 -50.39 9.39 -7.32
N THR A 147 -49.53 8.54 -6.76
CA THR A 147 -50.01 7.65 -5.71
C THR A 147 -50.08 8.31 -4.34
N LEU A 148 -49.59 9.54 -4.21
CA LEU A 148 -49.83 10.34 -3.03
C LEU A 148 -50.97 11.33 -3.23
N GLU A 149 -51.50 11.41 -4.45
CA GLU A 149 -52.69 12.20 -4.75
C GLU A 149 -53.91 11.35 -5.08
N LEU A 150 -53.74 10.26 -5.84
CA LEU A 150 -54.87 9.38 -6.10
C LEU A 150 -55.25 8.56 -4.88
N SER A 151 -54.37 8.48 -3.88
CA SER A 151 -54.78 7.96 -2.58
C SER A 151 -55.62 8.96 -1.81
N LYS A 152 -55.62 10.24 -2.24
CA LYS A 152 -56.46 11.32 -1.68
C LYS A 152 -56.16 11.59 -0.21
N GLU A 153 -54.93 11.38 0.21
CA GLU A 153 -54.56 11.52 1.60
C GLU A 153 -53.58 12.68 1.75
N ASP A 154 -53.58 13.27 2.95
CA ASP A 154 -52.65 14.32 3.30
C ASP A 154 -51.24 13.77 3.24
N TYR A 155 -50.48 14.26 2.28
CA TYR A 155 -49.14 13.79 1.99
C TYR A 155 -48.13 14.86 2.42
N SER A 156 -46.86 14.52 2.34
CA SER A 156 -45.80 15.51 2.58
C SER A 156 -44.62 15.12 1.72
N VAL A 157 -44.43 15.84 0.62
CA VAL A 157 -43.29 15.63 -0.28
C VAL A 157 -42.04 16.12 0.42
N LYS A 158 -41.19 15.19 0.86
CA LYS A 158 -39.98 15.54 1.58
C LYS A 158 -38.79 14.81 1.00
N ALA A 159 -37.75 15.57 0.64
CA ALA A 159 -36.53 15.03 0.06
C ALA A 159 -35.42 16.06 0.22
N THR A 160 -34.19 15.57 0.19
CA THR A 160 -33.02 16.45 0.34
C THR A 160 -31.85 15.86 -0.44
N PHE A 161 -31.16 16.71 -1.18
CA PHE A 161 -30.10 16.32 -2.12
C PHE A 161 -28.75 16.65 -1.51
N ILE A 162 -27.92 15.63 -1.31
CA ILE A 162 -26.60 15.77 -0.71
C ILE A 162 -25.55 15.12 -1.62
N GLU A 163 -24.54 15.89 -2.00
CA GLU A 163 -23.43 15.29 -2.72
C GLU A 163 -22.36 14.86 -1.73
N LEU A 164 -21.49 13.93 -2.18
CA LEU A 164 -20.40 13.40 -1.35
C LEU A 164 -19.12 13.38 -2.17
N TYR A 165 -18.39 14.49 -2.14
CA TYR A 165 -17.19 14.64 -2.96
C TYR A 165 -15.98 14.38 -2.09
N ASN A 166 -15.45 13.14 -2.17
CA ASN A 166 -14.18 12.73 -1.58
C ASN A 166 -14.18 12.91 -0.05
N GLU A 167 -15.03 12.09 0.58
CA GLU A 167 -15.17 12.00 2.03
C GLU A 167 -15.67 13.32 2.63
N GLU A 168 -16.64 13.94 1.97
CA GLU A 168 -17.39 15.05 2.55
C GLU A 168 -18.86 14.82 2.27
N LEU A 169 -19.70 15.71 2.80
CA LEU A 169 -21.11 15.74 2.46
C LEU A 169 -21.49 17.20 2.26
N ARG A 170 -21.90 17.55 1.04
CA ARG A 170 -22.18 18.94 0.72
C ARG A 170 -23.60 19.07 0.19
N ASP A 171 -24.31 20.06 0.73
CA ASP A 171 -25.65 20.39 0.25
C ASP A 171 -25.54 21.09 -1.10
N LEU A 172 -26.42 20.70 -2.01
CA LEU A 172 -26.53 21.41 -3.28
C LEU A 172 -27.90 22.00 -3.50
N LEU A 173 -28.79 21.88 -2.52
CA LEU A 173 -30.06 22.59 -2.53
C LEU A 173 -29.94 23.97 -1.90
N SER A 174 -28.74 24.41 -1.56
CA SER A 174 -28.55 25.59 -0.74
C SER A 174 -28.80 26.87 -1.54
N ILE A 175 -28.59 28.00 -0.86
CA ILE A 175 -28.64 29.31 -1.48
C ILE A 175 -27.49 29.47 -2.46
N ASP A 176 -26.38 28.77 -2.19
CA ASP A 176 -25.16 28.54 -2.96
C ASP A 176 -24.69 29.73 -3.80
N SER A 177 -24.76 30.92 -3.20
CA SER A 177 -24.22 32.11 -3.82
C SER A 177 -22.72 32.20 -3.61
N SER A 178 -22.20 31.62 -2.52
CA SER A 178 -20.77 31.59 -2.28
C SER A 178 -20.04 30.66 -3.25
N THR A 179 -20.72 29.60 -3.71
CA THR A 179 -20.12 28.70 -4.70
C THR A 179 -20.06 29.36 -6.07
N SER A 180 -21.00 30.26 -6.37
CA SER A 180 -20.99 31.00 -7.62
C SER A 180 -20.11 32.24 -7.47
N SER A 181 -20.13 33.09 -8.49
CA SER A 181 -19.33 34.32 -8.47
C SER A 181 -20.06 35.36 -7.64
N ALA A 182 -19.56 35.58 -6.42
CA ALA A 182 -20.16 36.56 -5.51
C ALA A 182 -19.09 37.55 -5.03
N GLU A 183 -19.43 38.35 -4.02
CA GLU A 183 -18.50 39.34 -3.50
C GLU A 183 -18.08 39.00 -2.07
N PRO A 184 -16.92 38.39 -1.87
CA PRO A 184 -16.34 38.33 -0.53
C PRO A 184 -15.68 39.64 -0.15
N SER A 185 -15.30 39.76 1.11
CA SER A 185 -14.65 40.96 1.57
C SER A 185 -13.18 40.96 1.16
N SER A 186 -12.60 42.16 1.14
CA SER A 186 -11.18 42.31 0.79
C SER A 186 -10.26 41.81 1.90
N SER A 187 -10.80 41.67 3.12
CA SER A 187 -10.05 41.13 4.24
C SER A 187 -10.98 40.31 5.10
N ALA A 188 -10.41 39.40 5.88
CA ALA A 188 -11.18 38.48 6.71
C ALA A 188 -11.37 39.04 8.12
N THR A 189 -12.60 38.90 8.63
CA THR A 189 -12.95 39.37 9.96
C THR A 189 -12.85 38.22 10.97
N ALA A 190 -13.19 38.54 12.22
CA ALA A 190 -13.12 37.55 13.29
C ALA A 190 -14.40 36.72 13.34
N THR A 191 -14.25 35.44 13.67
CA THR A 191 -15.39 34.53 13.78
C THR A 191 -15.95 34.64 15.19
N LYS A 192 -16.95 35.50 15.35
CA LYS A 192 -17.56 35.72 16.67
C LYS A 192 -18.44 34.55 17.10
N GLU A 193 -18.84 33.70 16.18
CA GLU A 193 -19.72 32.57 16.41
C GLU A 193 -18.93 31.33 16.80
N PRO A 194 -19.53 30.41 17.58
CA PRO A 194 -18.87 29.14 17.89
C PRO A 194 -18.83 28.15 16.73
N GLN A 195 -18.45 26.90 17.03
CA GLN A 195 -18.29 25.85 16.04
C GLN A 195 -19.64 25.46 15.40
N HIS A 196 -19.54 24.63 14.35
CA HIS A 196 -20.67 24.23 13.51
C HIS A 196 -20.80 22.72 13.58
N ALA A 197 -22.02 22.24 13.87
CA ALA A 197 -22.28 20.81 13.97
C ALA A 197 -23.00 20.29 12.74
N LEU A 198 -22.38 19.33 12.06
CA LEU A 198 -22.88 18.81 10.79
C LEU A 198 -22.56 17.32 10.72
N ARG A 199 -23.60 16.52 10.39
CA ARG A 199 -23.52 15.10 10.02
C ARG A 199 -23.21 14.18 11.20
N MET A 200 -22.85 14.73 12.36
CA MET A 200 -22.20 13.97 13.43
C MET A 200 -23.19 13.41 14.44
N TYR A 201 -24.33 12.91 13.99
CA TYR A 201 -25.32 12.32 14.87
C TYR A 201 -25.47 10.83 14.58
N ASP A 202 -25.45 10.01 15.62
CA ASP A 202 -25.92 8.63 15.58
C ASP A 202 -26.80 8.37 16.80
N ASP A 203 -27.93 7.73 16.60
CA ASP A 203 -28.88 7.46 17.67
C ASP A 203 -28.86 5.98 18.04
N ALA A 204 -29.52 5.69 19.16
CA ALA A 204 -29.73 4.32 19.62
C ALA A 204 -31.20 3.98 19.71
N ARG A 205 -32.05 4.69 18.97
CA ARG A 205 -33.47 4.34 18.90
C ARG A 205 -33.64 2.98 18.27
N GLY A 206 -33.22 2.84 17.02
CA GLY A 206 -32.97 1.54 16.44
C GLY A 206 -31.47 1.36 16.30
N LYS A 207 -31.01 0.75 15.22
CA LYS A 207 -29.58 0.71 14.94
C LYS A 207 -29.38 0.73 13.44
N GLY A 208 -28.25 1.30 13.04
CA GLY A 208 -27.96 1.56 11.65
C GLY A 208 -28.44 2.90 11.14
N VAL A 209 -29.49 3.45 11.73
CA VAL A 209 -30.02 4.75 11.36
C VAL A 209 -29.06 5.84 11.83
N VAL A 210 -28.80 6.79 10.94
CA VAL A 210 -27.91 7.91 11.21
C VAL A 210 -28.66 9.22 10.92
N ILE A 211 -28.62 10.11 11.91
CA ILE A 211 -29.25 11.41 11.84
C ILE A 211 -28.21 12.39 11.33
N GLN A 212 -28.64 13.37 10.55
CA GLN A 212 -27.74 14.28 9.87
C GLN A 212 -28.04 15.72 10.25
N GLY A 213 -27.04 16.58 10.04
CA GLY A 213 -27.22 17.99 10.25
C GLY A 213 -27.69 18.66 8.97
N LEU A 214 -28.65 19.57 9.12
CA LEU A 214 -29.09 20.51 8.09
C LEU A 214 -29.65 19.80 6.87
N GLU A 215 -30.76 19.10 7.07
CA GLU A 215 -31.53 18.47 5.99
C GLU A 215 -32.42 19.52 5.35
N GLU A 216 -31.94 20.16 4.29
CA GLU A 216 -32.75 21.17 3.61
C GLU A 216 -33.81 20.45 2.79
N VAL A 217 -35.03 20.45 3.29
CA VAL A 217 -36.10 19.68 2.69
C VAL A 217 -36.60 20.39 1.43
N ALA A 218 -37.08 19.59 0.48
CA ALA A 218 -37.63 20.09 -0.77
C ALA A 218 -39.11 19.72 -0.85
N LEU A 219 -39.95 20.71 -1.14
CA LEU A 219 -41.39 20.51 -1.25
C LEU A 219 -41.83 21.11 -2.58
N LYS A 220 -42.46 20.29 -3.43
CA LYS A 220 -42.97 20.75 -4.70
C LYS A 220 -44.43 20.35 -4.85
N ASP A 221 -45.18 21.19 -5.56
CA ASP A 221 -46.59 20.89 -5.82
C ASP A 221 -46.75 19.97 -7.03
N ALA A 222 -45.81 20.02 -7.96
CA ALA A 222 -45.80 19.16 -9.13
C ALA A 222 -44.34 19.02 -9.59
N ALA A 223 -44.15 18.54 -10.81
CA ALA A 223 -42.83 18.44 -11.43
C ALA A 223 -42.40 19.74 -12.11
N HIS A 224 -43.03 20.86 -11.75
CA HIS A 224 -42.79 22.12 -12.43
C HIS A 224 -41.44 22.73 -12.06
N GLY A 225 -41.09 22.73 -10.78
CA GLY A 225 -39.84 23.30 -10.32
C GLY A 225 -38.91 22.21 -9.87
N LEU A 226 -39.16 21.00 -10.37
CA LEU A 226 -38.41 19.81 -10.00
C LEU A 226 -37.03 19.76 -10.67
N SER A 227 -36.70 20.76 -11.49
CA SER A 227 -35.36 20.93 -12.01
C SER A 227 -34.37 21.44 -10.98
N VAL A 228 -34.81 21.67 -9.74
CA VAL A 228 -33.88 21.88 -8.63
C VAL A 228 -33.07 20.61 -8.38
N LEU A 229 -33.65 19.44 -8.66
CA LEU A 229 -32.89 18.20 -8.65
C LEU A 229 -31.91 18.16 -9.80
N ARG A 230 -32.26 18.78 -10.93
CA ARG A 230 -31.31 18.97 -12.02
C ARG A 230 -30.31 20.08 -11.69
N ARG A 231 -30.78 21.14 -11.01
CA ARG A 231 -29.88 22.16 -10.50
C ARG A 231 -28.91 21.58 -9.48
N GLY A 232 -29.37 20.63 -8.67
CA GLY A 232 -28.46 19.94 -7.77
C GLY A 232 -27.52 19.01 -8.51
N SER A 233 -28.04 18.27 -9.48
CA SER A 233 -27.19 17.38 -10.26
C SER A 233 -26.23 18.14 -11.16
N GLN A 234 -26.50 19.43 -11.43
CA GLN A 234 -25.60 20.23 -12.21
C GLN A 234 -24.30 20.50 -11.46
N LYS A 235 -24.40 20.73 -10.15
CA LYS A 235 -23.21 20.98 -9.35
C LYS A 235 -22.50 19.71 -8.92
N ARG A 236 -23.06 18.54 -9.24
CA ARG A 236 -22.37 17.28 -8.98
C ARG A 236 -21.15 17.16 -9.88
N GLN A 237 -20.01 16.78 -9.30
CA GLN A 237 -18.75 16.89 -9.99
C GLN A 237 -18.54 15.73 -10.95
N ILE A 238 -18.13 16.05 -12.18
CA ILE A 238 -17.77 15.07 -13.20
C ILE A 238 -16.38 15.39 -13.73
N ALA A 239 -15.89 14.57 -14.66
CA ALA A 239 -14.66 14.85 -15.38
C ALA A 239 -14.72 14.16 -16.73
N ALA A 240 -13.66 14.33 -17.51
CA ALA A 240 -13.57 13.78 -18.87
C ALA A 240 -12.33 12.90 -18.97
N THR A 241 -12.50 11.59 -18.73
CA THR A 241 -11.40 10.65 -18.83
C THR A 241 -11.25 10.22 -20.29
N ASN A 242 -10.54 9.11 -20.50
CA ASN A 242 -10.56 8.47 -21.80
C ASN A 242 -11.26 7.12 -21.79
N CYS A 243 -11.43 6.50 -20.61
CA CYS A 243 -12.25 5.31 -20.56
C CYS A 243 -13.72 5.66 -20.71
N ASN A 244 -14.16 6.73 -20.03
CA ASN A 244 -15.43 7.36 -20.37
C ASN A 244 -15.32 8.85 -20.10
N GLU A 245 -15.60 9.64 -21.12
CA GLU A 245 -15.72 11.07 -20.97
C GLU A 245 -17.01 11.46 -20.25
N GLN A 246 -18.02 10.60 -20.30
CA GLN A 246 -19.34 10.94 -19.80
C GLN A 246 -19.53 10.58 -18.34
N SER A 247 -18.82 9.54 -17.88
CA SER A 247 -19.01 9.01 -16.53
C SER A 247 -18.56 10.04 -15.50
N SER A 248 -19.32 10.15 -14.41
CA SER A 248 -19.11 11.20 -13.44
C SER A 248 -17.87 10.93 -12.61
N ARG A 249 -17.44 11.96 -11.89
CA ARG A 249 -16.30 11.86 -10.99
C ARG A 249 -16.70 11.74 -9.53
N SER A 250 -17.65 12.55 -9.08
CA SER A 250 -18.09 12.49 -7.69
C SER A 250 -19.20 11.46 -7.53
N HIS A 251 -19.81 11.46 -6.35
CA HIS A 251 -20.86 10.50 -6.02
C HIS A 251 -21.79 11.11 -4.98
N SER A 252 -23.07 10.80 -5.07
CA SER A 252 -24.10 11.51 -4.33
C SER A 252 -25.01 10.56 -3.57
N VAL A 253 -25.66 11.10 -2.55
CA VAL A 253 -26.69 10.40 -1.77
C VAL A 253 -27.92 11.31 -1.70
N PHE A 254 -29.01 10.89 -2.33
CA PHE A 254 -30.25 11.64 -2.33
C PHE A 254 -31.34 10.84 -1.63
N THR A 255 -32.00 11.46 -0.66
CA THR A 255 -32.99 10.79 0.17
C THR A 255 -34.40 11.15 -0.27
N MET A 256 -35.34 10.31 0.17
CA MET A 256 -36.77 10.48 -0.09
C MET A 256 -37.54 10.23 1.20
N THR A 257 -38.63 10.97 1.38
CA THR A 257 -39.43 10.84 2.60
C THR A 257 -40.88 11.16 2.28
N VAL A 258 -41.76 10.18 2.49
CA VAL A 258 -43.18 10.36 2.22
C VAL A 258 -44.00 10.30 3.50
N PHE A 259 -44.17 11.45 4.15
CA PHE A 259 -45.03 11.54 5.33
C PHE A 259 -46.47 11.67 4.85
N ILE A 260 -47.23 10.60 4.94
CA ILE A 260 -48.63 10.58 4.54
C ILE A 260 -49.46 10.30 5.78
N LYS A 261 -50.56 11.02 5.95
CA LYS A 261 -51.43 10.82 7.10
C LYS A 261 -52.85 10.59 6.63
N ASP A 262 -53.48 9.53 7.16
CA ASP A 262 -54.91 9.29 7.02
C ASP A 262 -55.40 8.71 8.33
N LYS A 263 -56.54 9.20 8.79
CA LYS A 263 -57.20 8.64 9.96
C LYS A 263 -57.85 7.32 9.55
N GLY A 264 -57.33 6.22 10.08
CA GLY A 264 -57.87 4.92 9.75
C GLY A 264 -59.22 4.68 10.40
N SER A 265 -59.79 3.52 10.09
CA SER A 265 -61.09 3.15 10.65
C SER A 265 -61.00 2.75 12.12
N ARG A 266 -59.80 2.53 12.65
CA ARG A 266 -59.63 2.20 14.06
C ARG A 266 -59.80 3.40 14.97
N GLY A 267 -59.76 4.62 14.43
CA GLY A 267 -59.81 5.82 15.23
C GLY A 267 -58.50 6.55 15.39
N GLU A 268 -57.47 6.16 14.65
CA GLU A 268 -56.16 6.79 14.74
C GLU A 268 -55.65 7.15 13.35
N ASP A 269 -54.78 8.15 13.30
CA ASP A 269 -54.16 8.53 12.05
C ASP A 269 -52.96 7.63 11.74
N VAL A 270 -52.76 7.36 10.46
CA VAL A 270 -51.72 6.46 10.01
C VAL A 270 -50.52 7.32 9.64
N LEU A 271 -49.52 7.37 10.53
CA LEU A 271 -48.32 8.16 10.30
C LEU A 271 -47.29 7.29 9.59
N LYS A 272 -47.50 7.09 8.29
CA LYS A 272 -46.65 6.24 7.49
C LYS A 272 -45.60 7.08 6.76
N ILE A 273 -44.34 6.68 6.93
CA ILE A 273 -43.20 7.40 6.35
C ILE A 273 -42.28 6.38 5.68
N GLY A 274 -42.01 6.59 4.39
CA GLY A 274 -41.12 5.74 3.64
C GLY A 274 -39.78 6.39 3.35
N LYS A 275 -38.90 5.60 2.75
CA LYS A 275 -37.56 6.07 2.42
C LYS A 275 -37.08 5.40 1.15
N LEU A 276 -36.56 6.19 0.22
CA LEU A 276 -36.01 5.72 -1.04
C LEU A 276 -34.65 6.40 -1.18
N ASN A 277 -33.59 5.72 -0.73
CA ASN A 277 -32.26 6.31 -0.75
C ASN A 277 -31.71 6.23 -2.17
N LEU A 278 -32.02 7.24 -2.97
CA LEU A 278 -31.57 7.30 -4.36
C LEU A 278 -30.10 7.70 -4.35
N VAL A 279 -29.22 6.70 -4.39
CA VAL A 279 -27.79 6.90 -4.22
C VAL A 279 -27.07 6.49 -5.50
N ASP A 280 -26.30 7.41 -6.07
CA ASP A 280 -25.49 7.15 -7.24
C ASP A 280 -24.02 7.21 -6.85
N LEU A 281 -23.20 6.41 -7.53
CA LEU A 281 -21.76 6.37 -7.31
C LEU A 281 -21.03 6.69 -8.59
N ALA A 282 -19.72 6.91 -8.44
CA ALA A 282 -18.88 7.22 -9.58
C ALA A 282 -18.44 5.92 -10.26
N GLY A 283 -17.73 6.09 -11.38
CA GLY A 283 -17.22 4.94 -12.11
C GLY A 283 -15.96 4.39 -11.47
N SER A 284 -15.88 3.07 -11.40
CA SER A 284 -14.72 2.41 -10.80
C SER A 284 -13.55 2.49 -11.75
N GLU A 285 -12.80 3.58 -11.69
CA GLU A 285 -11.92 3.97 -12.78
C GLU A 285 -10.65 3.12 -12.80
N ASN A 286 -10.44 2.42 -13.91
CA ASN A 286 -9.14 1.85 -14.23
C ASN A 286 -8.30 2.96 -14.84
N ILE A 287 -7.44 3.55 -14.02
CA ILE A 287 -6.74 4.79 -14.37
C ILE A 287 -5.65 4.60 -15.41
N GLY A 288 -5.05 3.42 -15.49
CA GLY A 288 -4.12 3.13 -16.57
C GLY A 288 -4.79 3.12 -17.92
N ARG A 289 -6.05 2.68 -17.96
CA ARG A 289 -6.82 2.77 -19.19
C ARG A 289 -7.32 4.19 -19.42
N SER A 290 -7.90 4.80 -18.39
CA SER A 290 -8.55 6.09 -18.58
C SER A 290 -7.55 7.23 -18.70
N GLY A 291 -6.38 7.08 -18.08
CA GLY A 291 -5.41 8.14 -18.12
C GLY A 291 -5.74 9.29 -17.19
N ALA A 292 -5.93 8.98 -15.90
CA ALA A 292 -6.06 10.03 -14.91
C ALA A 292 -4.72 10.71 -14.70
N GLU A 293 -4.76 11.94 -14.20
CA GLU A 293 -3.58 12.74 -14.00
C GLU A 293 -3.55 13.22 -12.55
N ASN A 294 -2.68 14.20 -12.29
CA ASN A 294 -2.21 14.54 -10.94
C ASN A 294 -3.34 14.86 -9.97
N LYS A 295 -4.08 15.92 -10.24
CA LYS A 295 -5.23 16.22 -9.38
C LYS A 295 -6.34 15.21 -9.60
N ARG A 296 -6.46 14.68 -10.81
CA ARG A 296 -7.43 13.64 -11.11
C ARG A 296 -7.15 12.34 -10.39
N ALA A 297 -5.90 12.11 -9.95
CA ALA A 297 -5.52 10.85 -9.32
C ALA A 297 -6.22 10.67 -7.99
N ARG A 298 -6.07 11.66 -7.09
CA ARG A 298 -6.78 11.61 -5.82
C ARG A 298 -8.30 11.74 -6.04
N GLU A 299 -8.71 12.33 -7.16
CA GLU A 299 -10.11 12.30 -7.52
C GLU A 299 -10.55 10.91 -7.97
N ALA A 300 -9.60 10.09 -8.42
CA ALA A 300 -9.97 8.78 -8.92
C ALA A 300 -9.86 7.68 -7.88
N GLY A 301 -8.81 7.71 -7.07
CA GLY A 301 -8.53 6.58 -6.19
C GLY A 301 -9.52 6.46 -5.05
N MET A 302 -10.02 7.57 -4.55
CA MET A 302 -10.97 7.55 -3.44
C MET A 302 -12.31 6.98 -3.86
N ILE A 303 -12.62 7.03 -5.15
CA ILE A 303 -13.78 6.32 -5.69
C ILE A 303 -13.63 4.83 -5.45
N ASN A 304 -12.52 4.27 -5.93
CA ASN A 304 -12.26 2.86 -5.75
C ASN A 304 -12.01 2.53 -4.29
N GLN A 305 -11.41 3.45 -3.55
CA GLN A 305 -11.22 3.29 -2.12
C GLN A 305 -12.55 3.20 -1.39
N SER A 306 -13.52 4.00 -1.83
CA SER A 306 -14.87 3.86 -1.32
C SER A 306 -15.48 2.52 -1.73
N LEU A 307 -15.31 2.15 -3.00
CA LEU A 307 -15.88 0.89 -3.48
C LEU A 307 -15.20 -0.30 -2.86
N LEU A 308 -13.91 -0.15 -2.52
CA LEU A 308 -13.21 -1.16 -1.74
C LEU A 308 -13.86 -1.33 -0.37
N THR A 309 -14.10 -0.20 0.30
CA THR A 309 -14.76 -0.24 1.61
C THR A 309 -16.19 -0.75 1.47
N LEU A 310 -16.82 -0.48 0.34
CA LEU A 310 -18.12 -1.06 0.05
C LEU A 310 -17.99 -2.57 -0.11
N GLY A 311 -16.90 -3.02 -0.72
CA GLY A 311 -16.61 -4.44 -0.75
C GLY A 311 -16.19 -4.99 0.59
N ARG A 312 -15.68 -4.13 1.48
CA ARG A 312 -15.30 -4.56 2.81
C ARG A 312 -16.48 -4.85 3.71
N VAL A 313 -17.70 -4.58 3.27
CA VAL A 313 -18.88 -4.76 4.09
C VAL A 313 -19.56 -6.08 3.78
N ILE A 314 -19.84 -6.32 2.50
CA ILE A 314 -20.74 -7.38 2.09
C ILE A 314 -20.13 -8.74 2.37
N ASN A 315 -18.80 -8.84 2.31
CA ASN A 315 -18.10 -10.06 2.71
C ASN A 315 -18.32 -10.36 4.19
N ALA A 316 -18.38 -9.32 5.02
CA ALA A 316 -18.63 -9.50 6.44
C ALA A 316 -20.11 -9.66 6.75
N LEU A 317 -20.98 -9.19 5.85
CA LEU A 317 -22.41 -9.43 6.04
C LEU A 317 -22.77 -10.88 5.85
N VAL A 318 -22.18 -11.52 4.83
CA VAL A 318 -22.45 -12.93 4.60
C VAL A 318 -21.59 -13.80 5.51
N GLU A 319 -20.56 -13.23 6.13
CA GLU A 319 -19.71 -13.99 7.04
C GLU A 319 -20.45 -14.35 8.32
N LYS A 320 -21.28 -13.43 8.80
CA LYS A 320 -21.90 -13.46 10.13
C LYS A 320 -20.84 -13.57 11.22
N ASN A 321 -19.98 -12.54 11.28
CA ASN A 321 -18.99 -12.41 12.33
C ASN A 321 -19.22 -11.09 13.07
N SER A 322 -18.68 -11.02 14.28
CA SER A 322 -18.93 -9.91 15.18
C SER A 322 -18.19 -8.65 14.74
N HIS A 323 -18.83 -7.50 14.97
CA HIS A 323 -18.30 -6.15 14.78
C HIS A 323 -17.84 -5.92 13.34
N ILE A 324 -18.81 -6.01 12.44
CA ILE A 324 -18.62 -5.62 11.05
C ILE A 324 -18.27 -4.14 10.98
N PRO A 325 -17.09 -3.82 10.48
CA PRO A 325 -16.60 -2.44 10.53
C PRO A 325 -17.26 -1.53 9.51
N TYR A 326 -18.40 -0.96 9.86
CA TYR A 326 -19.02 0.03 8.98
C TYR A 326 -18.34 1.39 9.03
N ARG A 327 -17.27 1.55 9.82
CA ARG A 327 -16.82 2.85 10.30
C ARG A 327 -15.62 3.41 9.53
N GLU A 328 -15.47 3.08 8.26
CA GLU A 328 -14.46 3.74 7.42
C GLU A 328 -15.08 4.70 6.42
N SER A 329 -15.99 4.25 5.58
CA SER A 329 -16.70 5.14 4.69
C SER A 329 -17.99 5.60 5.33
N LYS A 330 -18.27 6.90 5.18
CA LYS A 330 -19.54 7.45 5.63
C LYS A 330 -20.70 6.91 4.81
N LEU A 331 -20.42 6.45 3.59
CA LEU A 331 -21.43 5.77 2.78
C LEU A 331 -21.87 4.48 3.44
N THR A 332 -20.94 3.76 4.06
CA THR A 332 -21.29 2.50 4.72
C THR A 332 -22.17 2.74 5.94
N ARG A 333 -21.92 3.82 6.65
CA ARG A 333 -22.78 4.19 7.76
C ARG A 333 -24.14 4.67 7.27
N LEU A 334 -24.20 5.24 6.07
CA LEU A 334 -25.50 5.47 5.46
C LEU A 334 -26.13 4.17 5.00
N LEU A 335 -25.31 3.16 4.73
CA LEU A 335 -25.82 1.89 4.27
C LEU A 335 -25.97 0.87 5.38
N GLN A 336 -25.42 1.13 6.57
CA GLN A 336 -25.56 0.16 7.65
C GLN A 336 -26.98 0.08 8.20
N GLU A 337 -27.86 1.01 7.80
CA GLU A 337 -29.27 0.93 8.18
C GLU A 337 -29.98 -0.27 7.55
N SER A 338 -29.46 -0.80 6.45
CA SER A 338 -30.16 -1.86 5.75
C SER A 338 -29.21 -2.98 5.38
N LEU A 339 -27.92 -2.67 5.26
CA LEU A 339 -26.93 -3.72 5.03
C LEU A 339 -26.71 -4.46 6.32
N GLY A 340 -27.45 -5.56 6.48
CA GLY A 340 -27.62 -6.20 7.76
C GLY A 340 -28.65 -5.55 8.65
N GLY A 341 -29.27 -4.47 8.20
CA GLY A 341 -30.22 -3.74 9.02
C GLY A 341 -31.61 -4.32 8.99
N ARG A 342 -32.61 -3.50 8.66
CA ARG A 342 -33.99 -3.93 8.76
C ARG A 342 -34.74 -3.91 7.43
N THR A 343 -34.85 -2.75 6.78
CA THR A 343 -35.82 -2.60 5.70
C THR A 343 -35.25 -3.07 4.36
N LYS A 344 -35.92 -2.69 3.27
CA LYS A 344 -35.62 -3.16 1.94
C LYS A 344 -34.53 -2.32 1.28
N THR A 345 -33.85 -2.93 0.30
CA THR A 345 -32.77 -2.33 -0.49
C THR A 345 -32.48 -3.20 -1.70
N CYS A 346 -32.43 -2.62 -2.89
CA CYS A 346 -32.07 -3.37 -4.08
C CYS A 346 -30.67 -3.01 -4.53
N ILE A 347 -30.10 -3.88 -5.37
CA ILE A 347 -28.71 -3.79 -5.82
C ILE A 347 -28.69 -3.84 -7.35
N ILE A 348 -28.09 -2.83 -7.96
CA ILE A 348 -27.96 -2.73 -9.41
C ILE A 348 -26.57 -3.23 -9.81
N ALA A 349 -26.51 -4.20 -10.72
CA ALA A 349 -25.25 -4.75 -11.21
C ALA A 349 -25.13 -4.48 -12.71
N THR A 350 -24.69 -3.27 -13.05
CA THR A 350 -24.42 -2.89 -14.42
C THR A 350 -22.93 -3.09 -14.69
N VAL A 351 -22.61 -3.89 -15.71
CA VAL A 351 -21.24 -4.24 -16.04
C VAL A 351 -21.03 -4.07 -17.54
N SER A 352 -19.83 -4.44 -17.99
CA SER A 352 -19.44 -4.25 -19.38
C SER A 352 -19.78 -5.50 -20.21
N GLN A 353 -19.53 -5.38 -21.53
CA GLN A 353 -19.74 -6.50 -22.45
C GLN A 353 -18.52 -6.73 -23.34
N GLU A 354 -17.41 -6.03 -23.11
CA GLU A 354 -16.22 -6.26 -23.89
C GLU A 354 -15.57 -7.59 -23.52
N ARG A 355 -14.96 -8.22 -24.52
CA ARG A 355 -14.12 -9.38 -24.25
C ARG A 355 -12.89 -8.96 -23.47
N ALA A 356 -12.41 -7.73 -23.68
CA ALA A 356 -11.35 -7.17 -22.86
C ALA A 356 -11.83 -6.78 -21.47
N ASN A 357 -13.13 -6.85 -21.21
CA ASN A 357 -13.68 -6.53 -19.91
C ASN A 357 -14.56 -7.66 -19.41
N ILE A 358 -14.04 -8.88 -19.47
CA ILE A 358 -14.71 -10.01 -18.83
C ILE A 358 -14.17 -10.25 -17.43
N GLU A 359 -12.84 -10.27 -17.30
CA GLU A 359 -12.20 -10.44 -16.01
C GLU A 359 -12.47 -9.26 -15.08
N GLU A 360 -12.59 -8.07 -15.66
CA GLU A 360 -12.83 -6.86 -14.90
C GLU A 360 -14.24 -6.80 -14.33
N THR A 361 -15.14 -7.65 -14.80
CA THR A 361 -16.47 -7.74 -14.21
C THR A 361 -16.56 -8.83 -13.16
N LEU A 362 -15.57 -9.72 -13.08
CA LEU A 362 -15.65 -10.86 -12.17
C LEU A 362 -15.58 -10.46 -10.70
N SER A 363 -14.95 -9.33 -10.39
CA SER A 363 -15.03 -8.85 -9.01
C SER A 363 -16.44 -8.37 -8.69
N THR A 364 -17.14 -7.82 -9.67
CA THR A 364 -18.56 -7.53 -9.51
C THR A 364 -19.37 -8.81 -9.53
N LEU A 365 -19.01 -9.73 -10.44
CA LEU A 365 -19.72 -11.00 -10.56
C LEU A 365 -19.57 -11.88 -9.33
N ASP A 366 -18.49 -11.69 -8.57
CA ASP A 366 -18.39 -12.35 -7.27
C ASP A 366 -19.26 -11.64 -6.23
N TYR A 367 -19.36 -10.32 -6.32
CA TYR A 367 -20.12 -9.57 -5.32
C TYR A 367 -21.62 -9.73 -5.52
N ALA A 368 -22.07 -9.88 -6.76
CA ALA A 368 -23.46 -10.24 -6.98
C ALA A 368 -23.70 -11.71 -6.67
N LEU A 369 -22.66 -12.54 -6.70
CA LEU A 369 -22.81 -13.95 -6.35
C LEU A 369 -23.00 -14.13 -4.85
N ARG A 370 -22.34 -13.30 -4.05
CA ARG A 370 -22.50 -13.33 -2.61
C ARG A 370 -23.64 -12.45 -2.13
N ALA A 371 -24.44 -11.92 -3.04
CA ALA A 371 -25.40 -10.88 -2.71
C ALA A 371 -26.73 -11.43 -2.23
N LYS A 372 -26.77 -12.60 -1.58
CA LYS A 372 -28.01 -13.17 -1.10
C LYS A 372 -28.03 -13.40 0.41
N SER A 373 -26.87 -13.56 1.05
CA SER A 373 -26.77 -14.04 2.43
C SER A 373 -26.66 -12.90 3.42
N ILE A 374 -27.44 -11.85 3.22
CA ILE A 374 -27.48 -10.68 4.09
C ILE A 374 -28.87 -10.63 4.73
N LYS A 375 -28.93 -10.81 6.04
CA LYS A 375 -30.21 -10.96 6.73
C LYS A 375 -30.72 -9.63 7.27
N ASN A 376 -32.05 -9.47 7.24
CA ASN A 376 -32.73 -8.25 7.67
C ASN A 376 -34.01 -8.63 8.40
N ARG A 377 -34.89 -7.64 8.64
CA ARG A 377 -36.22 -7.83 9.20
C ARG A 377 -37.14 -6.66 8.86
N PRO A 378 -38.26 -6.89 8.19
CA PRO A 378 -39.01 -5.78 7.58
C PRO A 378 -39.97 -5.12 8.55
N GLU A 379 -40.21 -3.82 8.31
CA GLU A 379 -41.16 -3.07 9.12
C GLU A 379 -41.60 -1.83 8.34
N LEU A 380 -42.76 -1.30 8.73
CA LEU A 380 -43.30 -0.06 8.22
C LEU A 380 -43.44 0.95 9.34
N ASN A 381 -44.06 2.09 9.04
CA ASN A 381 -44.29 3.14 10.02
C ASN A 381 -45.79 3.35 10.21
N THR A 382 -46.20 3.52 11.47
CA THR A 382 -47.59 3.83 11.80
C THR A 382 -47.70 5.18 12.49
N ARG B 2 26.70 -5.45 -31.82
CA ARG B 2 27.58 -6.43 -31.20
C ARG B 2 27.90 -6.01 -29.77
N GLU B 3 26.88 -5.60 -29.01
CA GLU B 3 27.06 -5.06 -27.67
C GLU B 3 25.92 -5.52 -26.78
N CYS B 4 25.88 -4.98 -25.55
CA CYS B 4 24.89 -5.39 -24.57
C CYS B 4 24.70 -4.30 -23.52
N ILE B 5 23.45 -4.15 -23.04
CA ILE B 5 23.03 -3.01 -22.23
C ILE B 5 22.49 -3.52 -20.90
N SER B 6 22.69 -2.76 -19.84
CA SER B 6 22.23 -3.13 -18.50
C SER B 6 21.14 -2.19 -18.00
N ILE B 7 20.16 -2.75 -17.30
CA ILE B 7 19.13 -1.98 -16.60
C ILE B 7 19.09 -2.42 -15.14
N HIS B 8 19.23 -1.46 -14.23
CA HIS B 8 19.27 -1.70 -12.79
C HIS B 8 18.09 -0.98 -12.16
N VAL B 9 17.09 -1.73 -11.73
CA VAL B 9 15.87 -1.16 -11.16
C VAL B 9 15.74 -1.65 -9.73
N GLY B 10 15.54 -0.72 -8.81
CA GLY B 10 15.26 -1.08 -7.45
C GLY B 10 16.50 -1.06 -6.58
N GLN B 11 16.26 -0.94 -5.27
CA GLN B 11 17.35 -0.85 -4.30
C GLN B 11 18.17 -2.12 -4.28
N ALA B 12 17.52 -3.26 -4.51
CA ALA B 12 18.27 -4.47 -4.82
C ALA B 12 18.98 -4.34 -6.15
N GLY B 13 18.26 -3.91 -7.18
CA GLY B 13 18.76 -3.91 -8.54
C GLY B 13 19.94 -3.00 -8.77
N VAL B 14 20.12 -1.99 -7.93
CA VAL B 14 21.30 -1.14 -8.04
C VAL B 14 22.52 -1.86 -7.52
N GLN B 15 22.44 -2.35 -6.28
CA GLN B 15 23.61 -2.83 -5.60
C GLN B 15 24.11 -4.15 -6.16
N ILE B 16 23.27 -4.84 -6.94
CA ILE B 16 23.72 -5.94 -7.78
C ILE B 16 24.87 -5.49 -8.66
N GLY B 17 24.65 -4.43 -9.43
CA GLY B 17 25.65 -3.98 -10.36
C GLY B 17 26.86 -3.38 -9.71
N ASN B 18 26.72 -2.89 -8.47
CA ASN B 18 27.83 -2.29 -7.76
C ASN B 18 28.95 -3.28 -7.53
N ALA B 19 28.62 -4.56 -7.45
CA ALA B 19 29.64 -5.58 -7.56
C ALA B 19 29.95 -5.89 -9.02
N CYS B 20 28.90 -5.98 -9.84
CA CYS B 20 29.06 -6.47 -11.21
C CYS B 20 29.89 -5.51 -12.05
N TRP B 21 29.66 -4.22 -11.87
CA TRP B 21 30.45 -3.25 -12.61
C TRP B 21 31.79 -3.01 -11.96
N GLU B 22 31.95 -3.36 -10.70
CA GLU B 22 33.30 -3.49 -10.18
C GLU B 22 33.99 -4.66 -10.85
N LEU B 23 33.27 -5.75 -11.06
CA LEU B 23 33.82 -6.91 -11.76
C LEU B 23 34.03 -6.61 -13.23
N TYR B 24 33.09 -5.92 -13.85
CA TYR B 24 33.23 -5.55 -15.24
C TYR B 24 34.41 -4.61 -15.45
N CYS B 25 34.67 -3.73 -14.50
CA CYS B 25 35.89 -2.95 -14.57
C CYS B 25 37.08 -3.73 -14.08
N LEU B 26 36.86 -4.81 -13.35
CA LEU B 26 37.96 -5.70 -13.06
C LEU B 26 38.31 -6.58 -14.26
N GLU B 27 37.41 -6.67 -15.24
CA GLU B 27 37.66 -7.47 -16.44
C GLU B 27 38.83 -6.95 -17.27
N HIS B 28 39.21 -5.69 -17.09
CA HIS B 28 40.27 -5.12 -17.93
C HIS B 28 41.24 -4.26 -17.14
N GLY B 29 41.22 -4.33 -15.82
CA GLY B 29 42.06 -3.44 -15.02
C GLY B 29 41.59 -2.00 -15.10
N ILE B 30 40.28 -1.79 -15.21
CA ILE B 30 39.75 -0.45 -15.42
C ILE B 30 39.68 0.25 -14.08
N GLN B 31 40.54 1.25 -13.91
CA GLN B 31 40.53 2.12 -12.75
C GLN B 31 39.37 3.12 -12.91
N PRO B 32 39.14 4.04 -11.94
CA PRO B 32 38.13 5.09 -12.17
C PRO B 32 38.34 6.07 -13.33
N ASP B 33 39.37 5.88 -14.16
CA ASP B 33 39.46 6.59 -15.43
C ASP B 33 38.85 5.78 -16.59
N GLY B 34 39.36 4.58 -16.85
CA GLY B 34 39.08 3.90 -18.10
C GLY B 34 40.33 3.37 -18.77
N GLN B 35 41.41 3.24 -18.00
CA GLN B 35 42.66 2.60 -18.40
C GLN B 35 42.45 1.15 -18.84
N MET B 36 42.62 0.88 -20.14
CA MET B 36 42.52 -0.48 -20.66
C MET B 36 43.21 -0.60 -22.02
N PRO B 37 43.98 -1.67 -22.25
CA PRO B 37 44.37 -2.02 -23.63
C PRO B 37 43.48 -3.10 -24.24
N SER B 38 43.36 -3.09 -25.58
CA SER B 38 42.63 -4.10 -26.39
C SER B 38 41.18 -4.33 -25.99
N PHE B 49 37.48 -4.69 -27.72
CA PHE B 49 36.46 -5.01 -26.73
C PHE B 49 35.34 -3.98 -26.67
N ASN B 50 34.16 -4.33 -27.19
CA ASN B 50 33.01 -3.43 -27.19
C ASN B 50 31.78 -4.26 -26.87
N THR B 51 31.49 -4.43 -25.58
CA THR B 51 30.29 -5.15 -25.19
C THR B 51 29.38 -4.30 -24.32
N PHE B 52 29.90 -3.82 -23.19
CA PHE B 52 29.17 -2.97 -22.26
C PHE B 52 29.64 -1.54 -22.33
N PHE B 53 30.48 -1.19 -23.29
CA PHE B 53 31.30 -0.01 -23.18
C PHE B 53 31.25 0.83 -24.44
N SER B 54 31.43 2.13 -24.26
CA SER B 54 31.82 3.03 -25.32
C SER B 54 33.21 3.54 -25.02
N GLU B 55 33.89 4.00 -26.05
CA GLU B 55 35.24 4.52 -25.92
C GLU B 55 35.19 6.03 -26.07
N THR B 56 35.89 6.74 -25.18
CA THR B 56 35.90 8.19 -25.26
C THR B 56 36.98 8.66 -26.22
N GLY B 57 37.07 9.98 -26.37
CA GLY B 57 38.14 10.55 -27.17
C GLY B 57 39.49 10.34 -26.52
N ALA B 58 39.54 10.41 -25.19
CA ALA B 58 40.73 9.98 -24.50
C ALA B 58 40.74 8.48 -24.26
N GLY B 59 39.67 7.78 -24.62
CA GLY B 59 39.64 6.34 -24.46
C GLY B 59 39.46 5.88 -23.03
N LYS B 60 38.64 6.57 -22.25
CA LYS B 60 38.43 6.25 -20.85
C LYS B 60 37.00 5.77 -20.71
N HIS B 61 36.83 4.45 -20.84
CA HIS B 61 35.57 3.84 -21.24
C HIS B 61 34.49 4.02 -20.18
N VAL B 62 33.25 3.88 -20.64
CA VAL B 62 32.07 4.13 -19.82
C VAL B 62 31.05 3.02 -20.03
N PRO B 63 30.26 2.68 -19.01
CA PRO B 63 29.33 1.56 -19.12
C PRO B 63 28.14 1.86 -20.01
N ARG B 64 27.59 0.80 -20.58
CA ARG B 64 26.29 0.89 -21.27
C ARG B 64 25.25 0.35 -20.30
N ALA B 65 24.93 1.17 -19.31
CA ALA B 65 24.07 0.73 -18.22
C ALA B 65 23.12 1.83 -17.81
N VAL B 66 21.95 1.43 -17.31
CA VAL B 66 20.89 2.36 -16.93
C VAL B 66 20.54 2.11 -15.47
N PHE B 67 20.52 3.18 -14.68
CA PHE B 67 20.17 3.13 -13.27
C PHE B 67 18.81 3.80 -13.07
N VAL B 68 17.96 3.17 -12.26
CA VAL B 68 16.67 3.75 -11.91
C VAL B 68 16.48 3.61 -10.41
N ASP B 69 16.24 4.74 -9.74
CA ASP B 69 16.00 4.77 -8.30
C ASP B 69 14.97 5.85 -8.04
N LEU B 70 13.84 5.46 -7.45
CA LEU B 70 12.80 6.44 -7.21
C LEU B 70 13.10 7.34 -6.02
N GLU B 71 13.94 6.91 -5.13
CA GLU B 71 14.45 7.81 -4.11
C GLU B 71 15.78 8.38 -4.53
N PRO B 72 16.25 9.42 -3.87
CA PRO B 72 17.64 9.84 -4.06
C PRO B 72 18.58 9.09 -3.14
N THR B 73 18.13 7.97 -2.59
CA THR B 73 18.84 7.35 -1.48
C THR B 73 20.13 6.69 -1.91
N VAL B 74 20.03 5.66 -2.73
CA VAL B 74 21.13 4.71 -2.88
C VAL B 74 22.20 5.29 -3.78
N ILE B 75 21.79 6.05 -4.80
CA ILE B 75 22.69 6.45 -5.86
C ILE B 75 23.65 7.52 -5.39
N ASP B 76 23.29 8.25 -4.34
CA ASP B 76 24.20 9.25 -3.81
C ASP B 76 25.45 8.62 -3.24
N GLU B 77 25.33 7.41 -2.71
CA GLU B 77 26.52 6.62 -2.40
C GLU B 77 27.31 6.35 -3.67
N VAL B 78 26.60 6.03 -4.75
CA VAL B 78 27.27 5.64 -5.98
C VAL B 78 27.95 6.85 -6.61
N ARG B 79 27.24 7.97 -6.65
CA ARG B 79 27.76 9.12 -7.34
C ARG B 79 28.55 10.06 -6.44
N THR B 80 28.86 9.65 -5.22
CA THR B 80 29.85 10.35 -4.42
C THR B 80 30.97 9.46 -3.94
N GLY B 81 30.69 8.20 -3.67
CA GLY B 81 31.68 7.28 -3.16
C GLY B 81 32.62 6.80 -4.24
N THR B 82 33.14 5.58 -4.05
CA THR B 82 34.04 5.02 -5.04
C THR B 82 33.27 4.67 -6.30
N TYR B 83 33.97 4.85 -7.42
CA TYR B 83 33.47 4.56 -8.77
C TYR B 83 32.23 5.41 -9.08
N ARG B 84 32.35 6.71 -8.79
CA ARG B 84 31.38 7.68 -9.27
C ARG B 84 31.72 8.17 -10.67
N GLN B 85 33.00 8.20 -11.02
CA GLN B 85 33.41 8.87 -12.24
C GLN B 85 33.36 7.96 -13.45
N LEU B 86 33.38 6.65 -13.27
CA LEU B 86 33.20 5.76 -14.41
C LEU B 86 31.77 5.83 -14.91
N PHE B 87 30.82 6.06 -14.02
CA PHE B 87 29.51 6.32 -14.53
C PHE B 87 29.40 7.77 -15.00
N HIS B 88 28.33 8.03 -15.71
CA HIS B 88 28.12 9.31 -16.36
C HIS B 88 26.79 9.82 -15.88
N PRO B 89 26.67 11.10 -15.54
CA PRO B 89 25.38 11.62 -15.06
C PRO B 89 24.28 11.63 -16.11
N GLU B 90 24.63 11.32 -17.35
CA GLU B 90 23.67 10.82 -18.32
C GLU B 90 22.97 9.58 -17.80
N GLN B 91 23.69 8.72 -17.07
CA GLN B 91 23.13 7.43 -16.66
C GLN B 91 22.52 7.44 -15.26
N LEU B 92 22.96 8.31 -14.35
CA LEU B 92 22.62 8.21 -12.93
C LEU B 92 21.22 8.75 -12.64
N ILE B 93 20.23 8.17 -13.30
CA ILE B 93 18.89 8.74 -13.37
C ILE B 93 18.24 8.52 -12.00
N THR B 94 18.31 9.53 -11.14
CA THR B 94 17.71 9.46 -9.83
C THR B 94 16.32 10.08 -9.85
N GLY B 95 15.51 9.72 -8.85
CA GLY B 95 14.13 10.14 -8.78
C GLY B 95 13.83 10.86 -7.47
N LYS B 96 12.56 11.25 -7.33
CA LYS B 96 12.15 12.09 -6.21
C LYS B 96 11.70 11.28 -5.00
N GLU B 97 10.63 10.51 -5.17
CA GLU B 97 9.99 9.82 -4.07
C GLU B 97 9.85 8.36 -4.44
N ASP B 98 9.99 7.48 -3.46
CA ASP B 98 9.65 6.10 -3.66
C ASP B 98 8.14 5.96 -3.89
N ALA B 99 7.77 4.87 -4.54
CA ALA B 99 6.40 4.40 -4.51
C ALA B 99 6.06 3.74 -3.19
N ALA B 100 7.06 3.54 -2.34
CA ALA B 100 6.96 2.95 -1.01
C ALA B 100 6.44 1.52 -1.09
N ASN B 101 7.20 0.71 -1.84
CA ASN B 101 6.98 -0.73 -1.96
C ASN B 101 5.58 -1.01 -2.48
N ASN B 102 5.25 -0.38 -3.59
CA ASN B 102 3.91 -0.44 -4.13
C ASN B 102 3.97 -0.73 -5.62
N TYR B 103 3.37 -1.84 -6.02
CA TYR B 103 3.20 -2.15 -7.43
C TYR B 103 2.26 -1.16 -8.10
N ALA B 104 1.36 -0.55 -7.35
CA ALA B 104 0.41 0.37 -7.94
C ALA B 104 1.08 1.67 -8.35
N ARG B 105 1.68 2.37 -7.39
CA ARG B 105 2.35 3.63 -7.71
C ARG B 105 3.62 3.41 -8.50
N GLY B 106 4.27 2.26 -8.31
CA GLY B 106 5.45 1.95 -9.10
C GLY B 106 5.13 1.70 -10.55
N HIS B 107 3.91 1.25 -10.84
CA HIS B 107 3.47 1.11 -12.22
C HIS B 107 2.72 2.33 -12.71
N TYR B 108 1.86 2.93 -11.88
CA TYR B 108 1.03 3.98 -12.41
C TYR B 108 1.58 5.36 -12.11
N THR B 109 1.72 5.71 -10.84
CA THR B 109 1.79 7.13 -10.49
C THR B 109 3.17 7.72 -10.70
N ILE B 110 4.16 7.27 -9.92
CA ILE B 110 5.49 7.83 -10.02
C ILE B 110 6.18 7.32 -11.27
N GLY B 111 5.74 6.16 -11.75
CA GLY B 111 6.41 5.52 -12.88
C GLY B 111 6.27 6.28 -14.18
N LYS B 112 5.18 7.03 -14.35
CA LYS B 112 5.05 7.83 -15.55
C LYS B 112 5.63 9.23 -15.36
N GLU B 113 6.49 9.43 -14.36
CA GLU B 113 7.20 10.70 -14.21
C GLU B 113 8.66 10.63 -14.64
N ILE B 114 9.26 9.46 -14.67
CA ILE B 114 10.67 9.33 -15.04
C ILE B 114 10.82 8.56 -16.34
N ILE B 115 9.80 7.82 -16.78
CA ILE B 115 9.93 6.86 -17.88
C ILE B 115 10.23 7.55 -19.20
N ASP B 116 9.80 8.79 -19.38
CA ASP B 116 10.17 9.51 -20.59
C ASP B 116 11.61 9.95 -20.56
N LEU B 117 12.23 10.02 -19.38
CA LEU B 117 13.65 10.31 -19.31
C LEU B 117 14.50 9.06 -19.40
N VAL B 118 13.96 7.93 -18.95
CA VAL B 118 14.71 6.68 -19.00
C VAL B 118 14.72 6.12 -20.41
N LEU B 119 13.56 6.11 -21.07
CA LEU B 119 13.49 5.72 -22.47
C LEU B 119 14.29 6.64 -23.37
N ASP B 120 14.50 7.89 -22.94
CA ASP B 120 15.29 8.84 -23.71
C ASP B 120 16.75 8.46 -23.74
N ARG B 121 17.30 7.99 -22.61
CA ARG B 121 18.70 7.57 -22.59
C ARG B 121 18.92 6.31 -23.42
N ILE B 122 17.86 5.53 -23.63
CA ILE B 122 17.96 4.33 -24.45
C ILE B 122 18.22 4.68 -25.90
N ARG B 123 17.47 5.65 -26.44
CA ARG B 123 17.60 6.03 -27.84
C ARG B 123 18.95 6.64 -28.16
N LYS B 124 19.70 7.08 -27.16
CA LYS B 124 21.05 7.55 -27.35
C LYS B 124 22.08 6.47 -27.10
N LEU B 125 21.71 5.41 -26.40
CA LEU B 125 22.68 4.35 -26.20
C LEU B 125 22.44 3.17 -27.12
N ALA B 126 21.18 2.76 -27.29
CA ALA B 126 20.87 1.65 -28.18
C ALA B 126 21.14 1.99 -29.62
N ASP B 127 21.04 3.26 -29.99
CA ASP B 127 21.39 3.65 -31.34
C ASP B 127 22.90 3.62 -31.56
N GLN B 128 23.69 3.71 -30.48
CA GLN B 128 25.13 3.50 -30.63
C GLN B 128 25.50 2.05 -30.85
N CYS B 129 24.58 1.12 -30.63
CA CYS B 129 24.88 -0.30 -30.74
C CYS B 129 24.87 -0.72 -32.20
N THR B 130 26.02 -1.13 -32.70
CA THR B 130 26.12 -1.64 -34.07
C THR B 130 25.63 -3.08 -34.04
N GLY B 131 24.33 -3.25 -34.28
CA GLY B 131 23.75 -4.58 -34.24
C GLY B 131 23.70 -5.14 -32.84
N LEU B 132 22.81 -4.59 -32.01
CA LEU B 132 22.72 -4.96 -30.60
C LEU B 132 22.35 -6.42 -30.40
N GLN B 133 23.14 -7.11 -29.56
CA GLN B 133 22.84 -8.49 -29.22
C GLN B 133 21.58 -8.57 -28.36
N GLY B 134 21.64 -8.01 -27.17
CA GLY B 134 20.51 -8.02 -26.28
C GLY B 134 20.78 -7.11 -25.11
N PHE B 135 19.90 -7.18 -24.12
CA PHE B 135 20.07 -6.36 -22.93
C PHE B 135 19.37 -7.05 -21.77
N SER B 136 19.85 -6.75 -20.56
CA SER B 136 19.40 -7.43 -19.36
C SER B 136 18.85 -6.43 -18.35
N VAL B 137 17.86 -6.88 -17.59
CA VAL B 137 17.12 -6.07 -16.65
C VAL B 137 17.34 -6.63 -15.25
N PHE B 138 17.65 -5.76 -14.28
CA PHE B 138 17.80 -6.16 -12.89
C PHE B 138 16.69 -5.53 -12.06
N HIS B 139 15.96 -6.36 -11.32
CA HIS B 139 14.94 -5.86 -10.42
C HIS B 139 14.79 -6.85 -9.28
N SER B 140 13.80 -6.62 -8.44
CA SER B 140 13.45 -7.56 -7.38
C SER B 140 12.00 -7.97 -7.49
N PHE B 141 11.47 -8.56 -6.43
CA PHE B 141 10.05 -8.89 -6.39
C PHE B 141 9.39 -8.08 -5.28
N GLY B 142 10.01 -8.07 -4.10
CA GLY B 142 9.49 -7.34 -2.96
C GLY B 142 9.45 -5.83 -3.12
N GLY B 143 10.51 -5.26 -3.66
CA GLY B 143 10.57 -3.82 -3.82
C GLY B 143 9.51 -3.30 -4.77
N GLY B 144 8.91 -2.17 -4.42
CA GLY B 144 7.89 -1.57 -5.28
C GLY B 144 8.50 -1.19 -6.61
N THR B 145 9.69 -0.63 -6.54
CA THR B 145 10.41 -0.17 -7.72
C THR B 145 10.62 -1.32 -8.67
N GLY B 146 11.02 -2.47 -8.16
CA GLY B 146 11.20 -3.62 -8.99
C GLY B 146 9.95 -4.31 -9.46
N SER B 147 8.77 -3.89 -9.00
CA SER B 147 7.54 -4.54 -9.37
C SER B 147 6.75 -3.74 -10.40
N GLY B 148 6.38 -2.50 -10.08
CA GLY B 148 5.52 -1.75 -10.96
C GLY B 148 6.23 -1.14 -12.14
N PHE B 149 7.44 -0.65 -11.90
CA PHE B 149 8.24 -0.11 -12.99
C PHE B 149 8.60 -1.19 -13.99
N THR B 150 8.76 -2.43 -13.51
CA THR B 150 8.90 -3.57 -14.39
C THR B 150 7.66 -3.73 -15.25
N SER B 151 6.48 -3.53 -14.66
CA SER B 151 5.23 -3.63 -15.40
C SER B 151 5.12 -2.53 -16.45
N LEU B 152 5.72 -1.38 -16.20
CA LEU B 152 5.71 -0.37 -17.23
C LEU B 152 6.79 -0.65 -18.27
N LEU B 153 8.05 -0.78 -17.82
CA LEU B 153 9.20 -0.73 -18.71
C LEU B 153 9.23 -1.91 -19.67
N MET B 154 8.96 -3.10 -19.17
CA MET B 154 9.10 -4.29 -19.98
C MET B 154 8.00 -4.42 -21.02
N GLU B 155 6.91 -3.68 -20.87
CA GLU B 155 5.97 -3.60 -21.97
C GLU B 155 6.32 -2.46 -22.91
N ARG B 156 6.83 -1.35 -22.38
CA ARG B 156 7.15 -0.22 -23.22
C ARG B 156 8.40 -0.44 -24.06
N LEU B 157 9.31 -1.30 -23.62
CA LEU B 157 10.45 -1.63 -24.46
C LEU B 157 10.03 -2.39 -25.69
N SER B 158 9.10 -3.33 -25.54
CA SER B 158 8.61 -4.13 -26.67
C SER B 158 7.81 -3.30 -27.67
N VAL B 159 7.39 -2.10 -27.29
CA VAL B 159 6.82 -1.19 -28.26
C VAL B 159 7.90 -0.71 -29.23
N ASP B 160 9.10 -0.45 -28.72
CA ASP B 160 10.19 0.02 -29.56
C ASP B 160 11.31 -0.99 -29.75
N TYR B 161 11.31 -2.08 -29.01
CA TYR B 161 12.33 -3.11 -29.16
C TYR B 161 11.58 -4.44 -29.00
N GLY B 162 11.00 -4.92 -30.10
CA GLY B 162 10.24 -6.14 -30.00
C GLY B 162 11.07 -7.31 -30.48
N LYS B 163 12.25 -7.01 -30.99
CA LYS B 163 13.08 -7.99 -31.67
C LYS B 163 14.50 -7.96 -31.14
N LYS B 164 14.64 -7.78 -29.83
CA LYS B 164 15.92 -7.99 -29.18
C LYS B 164 15.74 -8.98 -28.05
N SER B 165 16.73 -9.09 -27.18
CA SER B 165 16.66 -10.00 -26.06
C SER B 165 16.45 -9.24 -24.76
N LYS B 166 15.65 -9.84 -23.86
CA LYS B 166 15.29 -9.22 -22.59
C LYS B 166 15.57 -10.22 -21.48
N LEU B 167 16.73 -10.11 -20.85
CA LEU B 167 17.10 -10.98 -19.75
C LEU B 167 16.67 -10.38 -18.43
N GLU B 168 16.32 -11.26 -17.49
CA GLU B 168 15.93 -10.85 -16.15
C GLU B 168 16.70 -11.67 -15.14
N PHE B 169 17.50 -11.00 -14.32
CA PHE B 169 18.14 -11.65 -13.19
C PHE B 169 17.41 -11.03 -12.00
N SER B 170 16.38 -11.72 -11.53
CA SER B 170 15.43 -11.14 -10.60
C SER B 170 15.53 -11.82 -9.24
N ILE B 171 15.78 -11.03 -8.20
CA ILE B 171 15.87 -11.54 -6.84
C ILE B 171 14.46 -11.84 -6.35
N TYR B 172 14.27 -13.04 -5.81
CA TYR B 172 13.01 -13.67 -5.50
C TYR B 172 13.01 -14.20 -4.06
N PRO B 173 11.92 -14.05 -3.32
CA PRO B 173 11.96 -14.31 -1.87
C PRO B 173 12.03 -15.79 -1.57
N ALA B 174 12.40 -16.09 -0.28
CA ALA B 174 12.38 -17.43 0.29
C ALA B 174 10.99 -17.77 0.82
N PRO B 175 10.62 -19.04 0.82
CA PRO B 175 9.37 -19.43 1.47
C PRO B 175 9.45 -19.49 2.99
N GLN B 176 10.58 -19.10 3.57
CA GLN B 176 10.75 -19.13 5.02
C GLN B 176 11.30 -17.85 5.59
N VAL B 177 12.21 -17.19 4.88
CA VAL B 177 12.84 -15.97 5.36
C VAL B 177 12.39 -14.83 4.48
N SER B 178 11.69 -13.86 5.07
CA SER B 178 11.11 -12.76 4.32
C SER B 178 11.29 -11.47 5.10
N THR B 179 11.23 -10.35 4.38
CA THR B 179 11.57 -9.07 4.98
C THR B 179 10.45 -8.03 4.96
N ALA B 180 9.36 -8.27 4.23
CA ALA B 180 8.24 -7.33 4.22
C ALA B 180 6.95 -8.09 4.03
N VAL B 181 5.84 -7.43 4.32
CA VAL B 181 4.55 -8.11 4.36
C VAL B 181 4.05 -8.43 2.96
N VAL B 182 4.08 -7.45 2.08
CA VAL B 182 3.33 -7.57 0.83
C VAL B 182 4.22 -8.06 -0.29
N GLU B 183 5.31 -8.73 0.08
CA GLU B 183 6.21 -9.31 -0.91
C GLU B 183 5.55 -10.33 -1.83
N PRO B 184 4.76 -11.33 -1.36
CA PRO B 184 4.03 -12.13 -2.34
C PRO B 184 2.90 -11.35 -2.97
N TYR B 185 2.39 -10.36 -2.25
CA TYR B 185 1.37 -9.47 -2.75
C TYR B 185 1.90 -8.54 -3.82
N ASN B 186 3.23 -8.44 -3.99
CA ASN B 186 3.80 -7.81 -5.17
C ASN B 186 3.86 -8.75 -6.35
N SER B 187 4.55 -9.88 -6.19
CA SER B 187 5.15 -10.60 -7.32
C SER B 187 4.09 -11.21 -8.22
N ILE B 188 2.93 -11.54 -7.67
CA ILE B 188 1.87 -12.12 -8.48
C ILE B 188 1.33 -11.09 -9.46
N LEU B 189 1.18 -9.84 -9.01
CA LEU B 189 0.76 -8.77 -9.90
C LEU B 189 1.79 -8.45 -10.96
N THR B 190 3.04 -8.77 -10.72
CA THR B 190 4.10 -8.41 -11.65
C THR B 190 4.34 -9.47 -12.71
N THR B 191 4.40 -10.72 -12.28
CA THR B 191 5.08 -11.75 -13.04
C THR B 191 4.25 -12.23 -14.22
N HIS B 192 2.92 -12.19 -14.12
CA HIS B 192 2.10 -12.67 -15.24
C HIS B 192 2.22 -11.75 -16.44
N THR B 193 2.19 -10.43 -16.22
CA THR B 193 2.48 -9.53 -17.31
C THR B 193 3.95 -9.52 -17.66
N THR B 194 4.82 -9.95 -16.74
CA THR B 194 6.22 -10.12 -17.07
C THR B 194 6.43 -11.29 -18.01
N LEU B 195 5.80 -12.43 -17.71
CA LEU B 195 5.87 -13.58 -18.61
C LEU B 195 5.17 -13.30 -19.94
N GLU B 196 4.18 -12.41 -19.91
CA GLU B 196 3.52 -11.93 -21.12
C GLU B 196 4.48 -11.25 -22.09
N HIS B 197 5.53 -10.61 -21.57
CA HIS B 197 6.40 -9.80 -22.41
C HIS B 197 7.87 -10.19 -22.37
N SER B 198 8.39 -10.59 -21.20
CA SER B 198 9.83 -10.78 -21.10
C SER B 198 10.27 -12.10 -21.74
N ASP B 199 11.56 -12.15 -22.09
CA ASP B 199 12.13 -13.22 -22.90
C ASP B 199 12.64 -14.38 -22.07
N CYS B 200 13.33 -14.10 -20.97
CA CYS B 200 14.06 -15.11 -20.20
C CYS B 200 14.36 -14.52 -18.84
N ALA B 201 14.11 -15.30 -17.79
CA ALA B 201 14.13 -14.77 -16.43
C ALA B 201 14.86 -15.72 -15.51
N PHE B 202 15.82 -15.19 -14.76
CA PHE B 202 16.50 -15.96 -13.73
C PHE B 202 15.92 -15.60 -12.37
N MET B 203 16.16 -16.46 -11.40
CA MET B 203 15.66 -16.27 -10.04
C MET B 203 16.70 -16.79 -9.07
N VAL B 204 16.99 -16.03 -8.02
CA VAL B 204 17.95 -16.41 -6.99
C VAL B 204 17.27 -16.25 -5.64
N ASP B 205 17.37 -17.27 -4.80
CA ASP B 205 16.80 -17.21 -3.44
C ASP B 205 17.91 -17.07 -2.42
N ASN B 206 17.78 -16.05 -1.57
CA ASN B 206 18.72 -15.77 -0.48
C ASN B 206 18.79 -16.87 0.56
N GLU B 207 17.75 -17.73 0.61
CA GLU B 207 17.76 -18.90 1.47
C GLU B 207 18.98 -19.76 1.21
N ALA B 208 19.08 -20.30 0.01
CA ALA B 208 20.23 -21.11 -0.32
C ALA B 208 21.50 -20.30 -0.54
N ILE B 209 21.38 -18.99 -0.70
CA ILE B 209 22.58 -18.16 -0.70
C ILE B 209 23.22 -18.18 0.66
N TYR B 210 22.39 -18.11 1.71
CA TYR B 210 22.87 -18.25 3.06
C TYR B 210 23.48 -19.63 3.30
N ASP B 211 22.97 -20.65 2.61
CA ASP B 211 23.55 -21.98 2.73
C ASP B 211 24.96 -22.02 2.15
N ILE B 212 25.24 -21.19 1.17
CA ILE B 212 26.60 -21.15 0.63
C ILE B 212 27.51 -20.40 1.58
N CYS B 213 26.95 -19.46 2.35
CA CYS B 213 27.75 -18.73 3.32
C CYS B 213 28.21 -19.63 4.46
N ARG B 214 27.42 -20.63 4.83
CA ARG B 214 27.73 -21.50 5.94
C ARG B 214 28.42 -22.78 5.51
N ARG B 215 28.33 -23.17 4.25
CA ARG B 215 28.86 -24.46 3.85
C ARG B 215 29.91 -24.38 2.77
N ASN B 216 29.88 -23.34 1.94
CA ASN B 216 30.94 -23.20 0.95
C ASN B 216 31.80 -21.98 1.18
N LEU B 217 31.25 -20.93 1.78
CA LEU B 217 32.05 -19.80 2.23
C LEU B 217 32.57 -20.01 3.63
N ASP B 218 31.76 -20.65 4.48
CA ASP B 218 32.08 -20.95 5.88
C ASP B 218 32.35 -19.67 6.67
N ILE B 219 31.60 -18.62 6.37
CA ILE B 219 31.71 -17.35 7.08
C ILE B 219 30.32 -16.99 7.55
N GLU B 220 30.20 -16.60 8.82
CA GLU B 220 28.90 -16.35 9.43
C GLU B 220 28.60 -14.87 9.64
N ARG B 221 29.35 -13.98 9.00
CA ARG B 221 29.02 -12.56 8.98
C ARG B 221 29.09 -12.05 7.54
N PRO B 222 28.07 -12.31 6.73
CA PRO B 222 28.12 -11.83 5.35
C PRO B 222 27.53 -10.43 5.23
N THR B 223 27.83 -9.80 4.10
CA THR B 223 27.16 -8.57 3.72
C THR B 223 26.28 -8.83 2.52
N TYR B 224 25.51 -7.81 2.17
CA TYR B 224 24.76 -7.85 0.92
C TYR B 224 25.69 -7.86 -0.29
N THR B 225 26.90 -7.33 -0.16
CA THR B 225 27.90 -7.55 -1.19
C THR B 225 28.22 -9.03 -1.29
N ASN B 226 28.39 -9.67 -0.15
CA ASN B 226 28.79 -11.07 -0.12
C ASN B 226 27.65 -12.01 -0.49
N LEU B 227 26.42 -11.54 -0.49
CA LEU B 227 25.37 -12.34 -1.10
C LEU B 227 25.27 -12.10 -2.58
N ASN B 228 25.96 -11.10 -3.10
CA ASN B 228 25.75 -10.66 -4.47
C ASN B 228 26.98 -10.68 -5.32
N ARG B 229 28.18 -10.58 -4.73
CA ARG B 229 29.38 -10.89 -5.50
C ARG B 229 29.34 -12.32 -5.99
N LEU B 230 28.70 -13.20 -5.23
CA LEU B 230 28.30 -14.50 -5.72
C LEU B 230 27.44 -14.38 -6.97
N ILE B 231 26.38 -13.56 -6.90
CA ILE B 231 25.55 -13.38 -8.08
C ILE B 231 26.35 -12.65 -9.16
N GLY B 232 27.24 -11.76 -8.74
CA GLY B 232 28.02 -11.00 -9.69
C GLY B 232 29.05 -11.84 -10.41
N GLN B 233 29.57 -12.86 -9.77
CA GLN B 233 30.54 -13.69 -10.45
C GLN B 233 29.88 -14.59 -11.49
N ILE B 234 28.55 -14.78 -11.38
CA ILE B 234 27.84 -15.63 -12.33
C ILE B 234 27.86 -15.00 -13.71
N VAL B 235 27.57 -13.71 -13.77
CA VAL B 235 27.20 -13.06 -15.03
C VAL B 235 28.40 -12.93 -15.93
N SER B 236 29.58 -12.69 -15.35
CA SER B 236 30.81 -12.57 -16.12
C SER B 236 31.16 -13.86 -16.82
N SER B 237 30.73 -14.98 -16.25
CA SER B 237 30.77 -16.25 -16.93
C SER B 237 29.53 -16.54 -17.74
N ILE B 238 28.42 -15.84 -17.51
CA ILE B 238 27.29 -16.01 -18.42
C ILE B 238 27.61 -15.36 -19.74
N THR B 239 28.04 -14.15 -19.70
CA THR B 239 28.04 -13.33 -20.89
C THR B 239 29.37 -12.64 -21.19
N ALA B 240 30.12 -12.21 -20.17
CA ALA B 240 31.25 -11.32 -20.43
C ALA B 240 32.38 -12.03 -21.15
N SER B 241 32.49 -13.33 -20.96
CA SER B 241 33.46 -14.11 -21.70
C SER B 241 32.97 -14.49 -23.08
N LEU B 242 31.71 -14.24 -23.40
CA LEU B 242 31.22 -14.66 -24.70
C LEU B 242 31.79 -13.78 -25.79
N ARG B 243 32.20 -12.57 -25.45
CA ARG B 243 33.05 -11.83 -26.37
C ARG B 243 34.39 -12.52 -26.51
N PHE B 244 34.92 -13.08 -25.43
CA PHE B 244 36.26 -13.64 -25.48
C PHE B 244 36.29 -15.01 -26.14
N ASP B 245 37.38 -15.26 -26.85
CA ASP B 245 37.45 -16.42 -27.72
C ASP B 245 38.07 -17.60 -26.97
N GLY B 246 37.30 -18.67 -26.88
CA GLY B 246 37.75 -19.92 -26.30
C GLY B 246 37.56 -21.04 -27.30
N ALA B 247 37.28 -22.23 -26.77
CA ALA B 247 37.02 -23.35 -27.66
C ALA B 247 35.58 -23.34 -28.16
N LEU B 248 34.63 -23.47 -27.25
CA LEU B 248 33.22 -23.60 -27.62
C LEU B 248 32.49 -22.42 -27.04
N ASN B 249 32.51 -21.30 -27.73
CA ASN B 249 31.89 -20.10 -27.19
C ASN B 249 30.43 -20.05 -27.60
N VAL B 250 29.60 -19.63 -26.66
CA VAL B 250 28.17 -19.55 -26.85
C VAL B 250 27.84 -18.06 -26.88
N ASP B 251 26.66 -17.73 -27.41
CA ASP B 251 26.12 -16.39 -27.25
C ASP B 251 24.68 -16.49 -26.76
N LEU B 252 24.09 -15.30 -26.58
CA LEU B 252 22.73 -15.20 -26.07
C LEU B 252 21.73 -15.81 -27.04
N THR B 253 21.97 -15.66 -28.34
CA THR B 253 21.04 -16.15 -29.34
C THR B 253 21.05 -17.66 -29.44
N GLU B 254 22.05 -18.32 -28.86
CA GLU B 254 22.04 -19.76 -28.69
C GLU B 254 21.27 -20.20 -27.45
N PHE B 255 20.31 -19.40 -27.01
CA PHE B 255 19.38 -19.78 -25.98
C PHE B 255 17.94 -19.60 -26.43
N GLN B 256 17.73 -19.20 -27.69
CA GLN B 256 16.42 -18.69 -28.11
C GLN B 256 15.40 -19.82 -28.22
N THR B 257 15.63 -20.75 -29.12
CA THR B 257 14.81 -21.93 -29.21
C THR B 257 15.60 -23.15 -28.71
N ASN B 258 16.78 -22.93 -28.13
CA ASN B 258 17.55 -24.02 -27.53
C ASN B 258 17.07 -24.39 -26.14
N LEU B 259 17.34 -23.51 -25.19
CA LEU B 259 17.14 -23.84 -23.78
C LEU B 259 15.68 -23.89 -23.42
N VAL B 260 14.87 -23.10 -24.11
CA VAL B 260 13.44 -23.02 -23.81
C VAL B 260 12.70 -23.83 -24.86
N PRO B 261 12.20 -25.01 -24.54
CA PRO B 261 11.55 -25.87 -25.54
C PRO B 261 10.13 -25.45 -25.89
N TYR B 262 9.71 -24.28 -25.49
CA TYR B 262 8.35 -23.81 -25.71
C TYR B 262 8.39 -22.32 -25.94
N PRO B 263 7.29 -21.71 -26.38
CA PRO B 263 7.22 -20.24 -26.31
C PRO B 263 7.29 -19.71 -24.89
N ARG B 264 6.62 -20.36 -23.95
CA ARG B 264 6.55 -19.85 -22.57
C ARG B 264 6.93 -20.97 -21.61
N GLY B 265 8.22 -21.13 -21.39
CA GLY B 265 8.72 -21.99 -20.34
C GLY B 265 10.03 -21.47 -19.79
N HIS B 266 10.36 -20.24 -20.14
CA HIS B 266 11.72 -19.72 -20.00
C HIS B 266 12.07 -19.40 -18.56
N PHE B 267 12.47 -20.45 -17.82
CA PHE B 267 12.96 -20.27 -16.46
C PHE B 267 14.09 -21.22 -16.18
N PRO B 268 15.32 -20.76 -16.33
CA PRO B 268 16.48 -21.59 -16.00
C PRO B 268 16.81 -21.56 -14.53
N LEU B 269 17.96 -22.11 -14.18
CA LEU B 269 18.39 -22.17 -12.79
C LEU B 269 19.91 -22.13 -12.75
N ALA B 270 20.47 -21.15 -12.04
CA ALA B 270 21.89 -20.89 -12.08
C ALA B 270 22.58 -21.50 -10.87
N THR B 271 23.69 -22.19 -11.12
CA THR B 271 24.57 -22.69 -10.06
C THR B 271 26.00 -22.31 -10.39
N TYR B 272 26.86 -22.38 -9.37
CA TYR B 272 28.26 -22.08 -9.54
C TYR B 272 29.05 -23.07 -8.71
N ALA B 273 29.92 -23.84 -9.36
CA ALA B 273 30.48 -25.00 -8.66
C ALA B 273 31.66 -24.66 -7.73
N PRO B 274 32.80 -24.03 -8.16
CA PRO B 274 33.89 -23.87 -7.18
C PRO B 274 33.64 -22.71 -6.23
N VAL B 275 33.18 -23.00 -5.01
CA VAL B 275 32.93 -21.98 -4.01
C VAL B 275 33.71 -22.40 -2.77
N ILE B 276 34.94 -21.94 -2.66
CA ILE B 276 35.91 -22.45 -1.71
C ILE B 276 36.58 -21.28 -1.01
N SER B 277 36.44 -21.23 0.30
CA SER B 277 37.17 -20.23 1.07
C SER B 277 38.65 -20.59 1.08
N ALA B 278 39.50 -19.56 1.24
CA ALA B 278 40.93 -19.68 1.01
C ALA B 278 41.64 -20.61 1.97
N GLU B 279 41.02 -20.93 3.11
CA GLU B 279 41.57 -21.99 3.94
C GLU B 279 41.46 -23.34 3.26
N LYS B 280 40.37 -23.58 2.55
CA LYS B 280 40.15 -24.87 1.92
C LYS B 280 40.74 -24.96 0.52
N ALA B 281 41.74 -24.14 0.20
CA ALA B 281 42.43 -24.25 -1.09
C ALA B 281 43.43 -25.38 -1.11
N TYR B 282 43.57 -26.14 -0.02
CA TYR B 282 44.65 -27.09 0.12
C TYR B 282 44.23 -28.44 0.69
N HIS B 283 43.04 -28.55 1.29
CA HIS B 283 42.40 -29.85 1.51
C HIS B 283 41.49 -30.19 0.33
N GLU B 284 42.03 -30.02 -0.88
CA GLU B 284 41.23 -30.05 -2.09
C GLU B 284 42.19 -30.00 -3.27
N GLN B 285 41.87 -30.75 -4.33
CA GLN B 285 42.67 -30.76 -5.55
C GLN B 285 41.66 -30.81 -6.69
N LEU B 286 41.34 -29.64 -7.25
CA LEU B 286 40.19 -29.50 -8.13
C LEU B 286 40.43 -30.16 -9.49
N SER B 287 39.33 -30.61 -10.08
CA SER B 287 39.37 -31.20 -11.40
C SER B 287 38.14 -30.77 -12.17
N VAL B 288 38.11 -31.17 -13.44
CA VAL B 288 36.91 -30.99 -14.25
C VAL B 288 35.80 -31.88 -13.73
N ALA B 289 36.13 -33.12 -13.37
CA ALA B 289 35.09 -34.05 -12.98
C ALA B 289 34.55 -33.74 -11.59
N GLU B 290 35.35 -33.12 -10.73
CA GLU B 290 34.87 -32.77 -9.40
C GLU B 290 33.82 -31.68 -9.47
N ILE B 291 34.09 -30.65 -10.26
CA ILE B 291 33.21 -29.50 -10.26
C ILE B 291 31.93 -29.80 -10.99
N THR B 292 31.96 -30.76 -11.92
CA THR B 292 30.72 -31.26 -12.48
C THR B 292 29.92 -32.04 -11.45
N ASN B 293 30.61 -32.69 -10.51
CA ASN B 293 29.90 -33.35 -9.44
C ASN B 293 29.30 -32.34 -8.48
N ALA B 294 29.89 -31.16 -8.38
CA ALA B 294 29.28 -30.09 -7.59
C ALA B 294 28.05 -29.51 -8.25
N CYS B 295 27.86 -29.75 -9.55
CA CYS B 295 26.79 -29.13 -10.30
C CYS B 295 25.41 -29.65 -9.95
N PHE B 296 25.30 -30.74 -9.19
CA PHE B 296 23.98 -31.33 -9.03
C PHE B 296 23.69 -31.64 -7.58
N GLU B 297 24.27 -30.87 -6.68
CA GLU B 297 23.94 -30.97 -5.27
C GLU B 297 22.69 -30.19 -4.99
N PRO B 298 21.62 -30.83 -4.47
CA PRO B 298 20.40 -30.07 -4.14
C PRO B 298 20.58 -29.05 -3.03
N ALA B 299 21.68 -29.11 -2.28
CA ALA B 299 22.06 -28.04 -1.38
C ALA B 299 22.89 -26.98 -2.07
N ASN B 300 23.09 -27.07 -3.37
CA ASN B 300 23.75 -26.02 -4.12
C ASN B 300 22.90 -25.60 -5.30
N GLN B 301 21.63 -25.34 -5.04
CA GLN B 301 20.71 -24.93 -6.10
C GLN B 301 20.56 -23.43 -6.22
N MET B 302 20.98 -22.65 -5.21
CA MET B 302 20.76 -21.21 -5.03
C MET B 302 19.28 -20.84 -4.89
N VAL B 303 18.41 -21.84 -4.87
CA VAL B 303 16.98 -21.71 -4.60
C VAL B 303 16.64 -22.89 -3.71
N LYS B 304 15.77 -22.67 -2.72
CA LYS B 304 15.36 -23.75 -1.84
C LYS B 304 14.52 -24.73 -2.66
N CYS B 305 15.17 -25.77 -3.18
CA CYS B 305 14.51 -26.75 -4.03
C CYS B 305 15.37 -28.00 -4.13
N ASP B 306 14.69 -29.14 -4.25
CA ASP B 306 15.32 -30.41 -4.53
C ASP B 306 14.98 -30.83 -5.94
N PRO B 307 15.97 -31.05 -6.80
CA PRO B 307 15.68 -31.60 -8.13
C PRO B 307 15.11 -33.00 -8.10
N ARG B 308 15.28 -33.74 -6.99
CA ARG B 308 14.80 -35.11 -6.91
C ARG B 308 13.29 -35.18 -6.95
N HIS B 309 12.61 -34.15 -6.45
CA HIS B 309 11.15 -34.12 -6.56
C HIS B 309 10.68 -33.78 -7.96
N GLY B 310 11.57 -33.25 -8.80
CA GLY B 310 11.20 -32.88 -10.15
C GLY B 310 11.99 -33.64 -11.18
N LYS B 311 12.23 -33.02 -12.34
CA LYS B 311 13.00 -33.61 -13.42
C LYS B 311 13.98 -32.57 -13.95
N TYR B 312 14.72 -32.94 -15.00
CA TYR B 312 15.53 -32.00 -15.77
C TYR B 312 15.05 -31.98 -17.21
N MET B 313 14.41 -30.88 -17.59
CA MET B 313 14.03 -30.69 -18.99
C MET B 313 15.27 -30.41 -19.85
N ALA B 314 16.16 -29.56 -19.37
CA ALA B 314 17.37 -29.25 -20.12
C ALA B 314 18.47 -28.86 -19.14
N CYS B 315 19.69 -28.76 -19.66
CA CYS B 315 20.85 -28.47 -18.81
C CYS B 315 21.95 -27.88 -19.66
N CYS B 316 22.42 -26.70 -19.29
CA CYS B 316 23.41 -25.96 -20.07
C CYS B 316 24.69 -25.80 -19.27
N LEU B 317 25.76 -26.42 -19.76
CA LEU B 317 27.05 -26.45 -19.08
C LEU B 317 27.93 -25.38 -19.69
N LEU B 318 28.33 -24.40 -18.89
CA LEU B 318 29.07 -23.25 -19.40
C LEU B 318 30.33 -23.08 -18.56
N TYR B 319 31.49 -23.30 -19.17
CA TYR B 319 32.69 -23.53 -18.40
C TYR B 319 33.70 -22.41 -18.57
N ARG B 320 34.67 -22.37 -17.66
CA ARG B 320 35.68 -21.34 -17.61
C ARG B 320 37.06 -21.98 -17.60
N GLY B 321 38.05 -21.23 -18.10
CA GLY B 321 39.44 -21.60 -17.87
C GLY B 321 39.92 -22.78 -18.70
N ASP B 322 40.91 -23.48 -18.16
CA ASP B 322 41.56 -24.59 -18.86
C ASP B 322 40.61 -25.78 -18.87
N VAL B 323 39.87 -25.93 -19.96
CA VAL B 323 38.87 -26.99 -20.09
C VAL B 323 39.05 -27.66 -21.44
N VAL B 324 39.29 -28.96 -21.43
CA VAL B 324 39.43 -29.76 -22.64
C VAL B 324 38.31 -30.78 -22.64
N PRO B 325 37.55 -30.92 -23.74
CA PRO B 325 36.29 -31.70 -23.68
C PRO B 325 36.45 -33.17 -23.47
N LYS B 326 37.62 -33.74 -23.80
CA LYS B 326 37.85 -35.15 -23.53
C LYS B 326 37.81 -35.41 -22.03
N ASP B 327 38.31 -34.47 -21.24
CA ASP B 327 38.13 -34.53 -19.81
C ASP B 327 36.70 -34.24 -19.42
N VAL B 328 35.96 -33.51 -20.25
CA VAL B 328 34.59 -33.22 -19.93
C VAL B 328 33.71 -34.40 -20.29
N ASN B 329 33.95 -34.98 -21.48
CA ASN B 329 33.08 -36.02 -22.02
C ASN B 329 33.01 -37.24 -21.11
N ALA B 330 34.09 -37.52 -20.38
CA ALA B 330 34.05 -38.57 -19.38
C ALA B 330 33.06 -38.23 -18.27
N ALA B 331 33.11 -37.00 -17.77
CA ALA B 331 32.20 -36.61 -16.72
C ALA B 331 30.77 -36.45 -17.23
N ILE B 332 30.60 -36.26 -18.54
CA ILE B 332 29.28 -36.09 -19.12
C ILE B 332 28.47 -37.38 -19.00
N ALA B 333 29.01 -38.48 -19.52
CA ALA B 333 28.31 -39.74 -19.41
C ALA B 333 28.32 -40.28 -18.00
N THR B 334 29.24 -39.80 -17.17
CA THR B 334 29.30 -40.20 -15.78
C THR B 334 28.01 -39.84 -15.06
N ILE B 335 27.58 -38.59 -15.21
CA ILE B 335 26.37 -38.13 -14.56
C ILE B 335 25.16 -38.78 -15.21
N LYS B 336 25.28 -39.14 -16.48
CA LYS B 336 24.24 -39.95 -17.10
C LYS B 336 24.19 -41.35 -16.52
N THR B 337 25.34 -41.89 -16.12
CA THR B 337 25.39 -43.23 -15.55
C THR B 337 25.15 -43.22 -14.05
N LYS B 338 25.67 -42.20 -13.35
CA LYS B 338 25.50 -42.09 -11.90
C LYS B 338 24.23 -41.34 -11.58
N ARG B 339 23.22 -41.47 -12.43
CA ARG B 339 22.07 -40.60 -12.36
C ARG B 339 21.18 -40.97 -11.19
N THR B 340 20.82 -39.95 -10.42
CA THR B 340 19.78 -39.99 -9.41
C THR B 340 18.79 -38.86 -9.68
N ILE B 341 18.51 -38.63 -10.97
CA ILE B 341 17.90 -37.39 -11.39
C ILE B 341 16.48 -37.55 -11.91
N GLN B 342 16.08 -38.76 -12.31
CA GLN B 342 14.80 -39.04 -12.97
C GLN B 342 14.63 -38.12 -14.18
N PHE B 343 15.47 -38.41 -15.17
CA PHE B 343 15.51 -37.58 -16.36
C PHE B 343 14.22 -37.72 -17.16
N VAL B 344 13.91 -36.68 -17.94
CA VAL B 344 12.66 -36.59 -18.69
C VAL B 344 12.60 -37.61 -19.83
N ASP B 345 11.41 -37.79 -20.37
CA ASP B 345 11.26 -38.55 -21.60
C ASP B 345 11.49 -37.68 -22.83
N TRP B 346 11.15 -36.40 -22.74
CA TRP B 346 11.01 -35.60 -23.96
C TRP B 346 12.36 -35.11 -24.48
N CYS B 347 13.26 -34.69 -23.61
CA CYS B 347 14.61 -34.40 -24.09
C CYS B 347 15.33 -35.69 -24.40
N PRO B 348 15.81 -35.88 -25.60
CA PRO B 348 16.58 -37.09 -25.90
C PRO B 348 17.90 -37.16 -25.16
N THR B 349 18.76 -36.21 -25.38
CA THR B 349 20.03 -36.22 -24.67
C THR B 349 20.55 -34.83 -24.34
N GLY B 350 19.82 -33.77 -24.67
CA GLY B 350 20.42 -32.48 -24.94
C GLY B 350 21.17 -31.79 -23.83
N PHE B 351 22.49 -31.82 -23.93
CA PHE B 351 23.41 -31.12 -23.02
C PHE B 351 24.27 -30.20 -23.88
N LYS B 352 23.77 -29.00 -24.12
CA LYS B 352 24.50 -28.01 -24.90
C LYS B 352 25.63 -27.43 -24.06
N VAL B 353 26.79 -27.25 -24.69
CA VAL B 353 28.05 -27.11 -23.98
C VAL B 353 28.58 -25.70 -24.15
N GLY B 354 29.12 -25.14 -23.07
CA GLY B 354 29.85 -23.89 -23.17
C GLY B 354 31.25 -24.00 -22.61
N ILE B 355 32.25 -23.76 -23.46
CA ILE B 355 33.64 -23.88 -23.10
C ILE B 355 34.34 -22.59 -23.51
N ASN B 356 34.77 -21.81 -22.53
CA ASN B 356 35.56 -20.64 -22.83
C ASN B 356 36.90 -20.71 -22.15
N TYR B 357 37.70 -19.69 -22.41
CA TYR B 357 39.10 -19.70 -22.07
C TYR B 357 39.41 -19.02 -20.76
N GLU B 358 38.60 -18.07 -20.35
CA GLU B 358 39.07 -17.15 -19.32
C GLU B 358 38.90 -17.73 -17.92
N PRO B 359 39.93 -17.59 -17.08
CA PRO B 359 39.72 -17.83 -15.66
C PRO B 359 38.85 -16.76 -15.06
N PRO B 360 38.04 -17.07 -14.06
CA PRO B 360 37.40 -16.01 -13.28
C PRO B 360 38.42 -15.30 -12.42
N THR B 361 38.22 -14.01 -12.27
CA THR B 361 39.20 -13.17 -11.62
C THR B 361 38.87 -13.00 -10.14
N VAL B 362 39.90 -12.71 -9.36
CA VAL B 362 39.76 -12.60 -7.92
C VAL B 362 39.26 -11.22 -7.56
N VAL B 363 38.14 -11.16 -6.84
CA VAL B 363 37.64 -9.92 -6.28
C VAL B 363 38.63 -9.42 -5.24
N PRO B 364 39.20 -8.22 -5.39
CA PRO B 364 40.17 -7.72 -4.39
C PRO B 364 39.46 -7.45 -3.07
N GLY B 365 39.94 -8.13 -2.02
CA GLY B 365 39.22 -8.11 -0.76
C GLY B 365 37.96 -8.94 -0.80
N GLY B 366 37.83 -9.82 -1.77
CA GLY B 366 36.63 -10.60 -1.96
C GLY B 366 36.64 -11.91 -1.22
N ASP B 367 35.89 -12.87 -1.75
CA ASP B 367 35.64 -14.11 -1.04
C ASP B 367 36.21 -15.33 -1.74
N LEU B 368 35.79 -15.63 -2.97
CA LEU B 368 36.08 -16.93 -3.56
C LEU B 368 37.50 -16.98 -4.09
N ALA B 369 37.93 -18.18 -4.44
CA ALA B 369 39.34 -18.49 -4.56
C ALA B 369 39.84 -18.42 -6.00
N LYS B 370 41.13 -18.12 -6.12
CA LYS B 370 41.86 -18.16 -7.38
C LYS B 370 41.89 -19.59 -7.89
N VAL B 371 41.14 -19.88 -8.94
CA VAL B 371 41.02 -21.25 -9.43
C VAL B 371 41.58 -21.33 -10.84
N GLN B 372 41.66 -22.56 -11.34
CA GLN B 372 42.04 -22.83 -12.72
C GLN B 372 40.84 -23.02 -13.62
N ARG B 373 39.66 -23.29 -13.04
CA ARG B 373 38.53 -23.71 -13.84
C ARG B 373 37.26 -23.45 -13.04
N ALA B 374 36.19 -23.15 -13.75
CA ALA B 374 34.94 -22.77 -13.11
C ALA B 374 33.77 -23.05 -14.03
N VAL B 375 32.60 -23.21 -13.43
CA VAL B 375 31.37 -23.59 -14.12
C VAL B 375 30.25 -22.68 -13.68
N CYS B 376 29.52 -22.13 -14.64
CA CYS B 376 28.12 -21.77 -14.43
C CYS B 376 27.25 -22.76 -15.14
N MET B 377 26.14 -23.13 -14.51
CA MET B 377 25.25 -24.10 -15.10
C MET B 377 23.84 -23.54 -15.10
N LEU B 378 23.20 -23.65 -16.25
CA LEU B 378 21.75 -23.51 -16.31
C LEU B 378 21.12 -24.87 -16.46
N SER B 379 20.05 -25.08 -15.74
CA SER B 379 19.25 -26.28 -15.86
C SER B 379 17.79 -25.89 -15.80
N ASN B 380 16.91 -26.87 -15.89
CA ASN B 380 15.48 -26.63 -15.77
C ASN B 380 14.88 -27.70 -14.89
N THR B 381 13.83 -27.34 -14.15
CA THR B 381 13.20 -28.30 -13.27
C THR B 381 11.76 -27.94 -13.05
N THR B 382 10.99 -28.92 -12.59
CA THR B 382 9.66 -28.65 -12.07
C THR B 382 9.69 -28.44 -10.57
N ALA B 383 10.88 -28.39 -9.97
CA ALA B 383 11.00 -28.16 -8.54
C ALA B 383 10.77 -26.71 -8.16
N ILE B 384 11.06 -25.79 -9.09
CA ILE B 384 10.77 -24.39 -8.83
C ILE B 384 9.26 -24.18 -8.81
N ALA B 385 8.50 -25.01 -9.55
CA ALA B 385 7.03 -24.94 -9.54
C ALA B 385 6.47 -25.25 -8.16
N GLU B 386 7.18 -26.02 -7.36
CA GLU B 386 6.88 -26.10 -5.94
C GLU B 386 7.19 -24.76 -5.27
N ALA B 387 8.42 -24.29 -5.44
CA ALA B 387 8.86 -23.06 -4.79
C ALA B 387 8.15 -21.83 -5.33
N TRP B 388 7.62 -21.89 -6.56
CA TRP B 388 6.62 -20.93 -6.98
C TRP B 388 5.42 -20.98 -6.07
N ALA B 389 4.80 -22.16 -5.95
CA ALA B 389 3.57 -22.31 -5.20
C ALA B 389 3.78 -22.15 -3.71
N ARG B 390 5.01 -22.33 -3.23
CA ARG B 390 5.30 -22.05 -1.83
C ARG B 390 5.16 -20.57 -1.51
N LEU B 391 5.49 -19.71 -2.47
CA LEU B 391 5.17 -18.32 -2.29
C LEU B 391 3.67 -18.08 -2.44
N ASP B 392 3.02 -18.89 -3.27
CA ASP B 392 1.58 -18.75 -3.46
C ASP B 392 0.81 -19.15 -2.21
N HIS B 393 1.37 -20.07 -1.41
CA HIS B 393 0.78 -20.38 -0.11
C HIS B 393 0.81 -19.18 0.80
N LYS B 394 1.87 -18.37 0.72
CA LYS B 394 1.90 -17.11 1.43
C LYS B 394 0.96 -16.10 0.82
N PHE B 395 0.56 -16.30 -0.42
CA PHE B 395 -0.19 -15.29 -1.14
C PHE B 395 -1.69 -15.44 -0.97
N ASP B 396 -2.18 -16.67 -0.86
CA ASP B 396 -3.61 -16.89 -0.96
C ASP B 396 -4.34 -16.43 0.29
N LEU B 397 -3.74 -16.64 1.45
CA LEU B 397 -4.45 -16.40 2.70
C LEU B 397 -4.58 -14.92 3.02
N MET B 398 -3.71 -14.06 2.47
CA MET B 398 -3.86 -12.64 2.67
C MET B 398 -5.07 -12.10 1.92
N TYR B 399 -5.44 -12.75 0.83
CA TYR B 399 -6.63 -12.34 0.10
C TYR B 399 -7.91 -12.75 0.80
N ALA B 400 -7.87 -13.83 1.59
CA ALA B 400 -9.08 -14.32 2.24
C ALA B 400 -9.54 -13.36 3.34
N LYS B 401 -8.61 -12.62 3.92
CA LYS B 401 -8.97 -11.50 4.77
C LYS B 401 -9.19 -10.22 3.99
N ARG B 402 -8.86 -10.22 2.69
CA ARG B 402 -8.78 -9.02 1.85
C ARG B 402 -7.91 -7.96 2.49
N ALA B 403 -6.79 -8.38 3.07
CA ALA B 403 -6.02 -7.49 3.91
C ALA B 403 -4.95 -6.77 3.09
N PHE B 404 -4.46 -5.66 3.67
CA PHE B 404 -3.41 -4.82 3.08
C PHE B 404 -3.79 -4.35 1.69
N VAL B 405 -5.03 -3.94 1.55
CA VAL B 405 -5.64 -3.80 0.25
C VAL B 405 -5.85 -2.35 -0.16
N HIS B 406 -5.78 -1.40 0.78
CA HIS B 406 -6.17 -0.03 0.44
C HIS B 406 -5.11 0.75 -0.29
N TRP B 407 -3.86 0.29 -0.28
CA TRP B 407 -2.83 1.06 -0.95
C TRP B 407 -2.91 0.95 -2.45
N TYR B 408 -3.54 -0.09 -2.99
CA TYR B 408 -3.52 -0.32 -4.43
C TYR B 408 -4.87 -0.08 -5.08
N VAL B 409 -5.95 -0.39 -4.37
CA VAL B 409 -7.26 0.05 -4.84
C VAL B 409 -7.36 1.55 -4.66
N GLY B 410 -6.73 2.07 -3.61
CA GLY B 410 -6.54 3.50 -3.48
C GLY B 410 -5.62 4.09 -4.53
N GLU B 411 -4.86 3.27 -5.23
CA GLU B 411 -4.12 3.75 -6.39
C GLU B 411 -4.55 3.02 -7.65
N GLY B 412 -5.77 2.52 -7.66
CA GLY B 412 -6.43 2.14 -8.90
C GLY B 412 -6.02 0.81 -9.50
N MET B 413 -5.77 -0.19 -8.69
CA MET B 413 -5.54 -1.54 -9.18
C MET B 413 -6.62 -2.44 -8.63
N GLU B 414 -7.09 -3.37 -9.46
CA GLU B 414 -8.35 -4.04 -9.25
C GLU B 414 -8.15 -5.30 -8.43
N GLU B 415 -9.19 -5.67 -7.68
CA GLU B 415 -9.24 -7.00 -7.05
C GLU B 415 -9.21 -8.09 -8.09
N GLY B 416 -9.86 -7.86 -9.22
CA GLY B 416 -9.92 -8.84 -10.30
C GLY B 416 -8.58 -9.14 -10.90
N GLU B 417 -7.62 -8.23 -10.77
CA GLU B 417 -6.24 -8.52 -11.14
C GLU B 417 -5.70 -9.70 -10.34
N PHE B 418 -6.06 -9.76 -9.07
CA PHE B 418 -5.62 -10.87 -8.23
C PHE B 418 -6.31 -12.17 -8.63
N SER B 419 -7.56 -12.08 -9.09
CA SER B 419 -8.16 -13.24 -9.72
C SER B 419 -7.62 -13.45 -11.12
N GLU B 420 -7.12 -12.39 -11.75
CA GLU B 420 -6.53 -12.55 -13.07
C GLU B 420 -5.15 -13.18 -12.99
N ALA B 421 -4.29 -12.60 -12.15
CA ALA B 421 -2.88 -12.97 -12.17
C ALA B 421 -2.67 -14.36 -11.58
N ARG B 422 -3.20 -14.61 -10.38
CA ARG B 422 -2.84 -15.80 -9.62
C ARG B 422 -3.42 -17.06 -10.26
N GLU B 423 -4.64 -16.96 -10.78
CA GLU B 423 -5.22 -18.12 -11.42
C GLU B 423 -4.51 -18.44 -12.72
N ASP B 424 -4.03 -17.41 -13.40
CA ASP B 424 -3.14 -17.67 -14.52
C ASP B 424 -1.75 -18.06 -14.03
N MET B 425 -1.36 -17.57 -12.86
CA MET B 425 -0.10 -18.02 -12.27
C MET B 425 -0.21 -19.45 -11.81
N ALA B 426 -1.38 -19.84 -11.30
CA ALA B 426 -1.63 -21.24 -11.05
C ALA B 426 -1.71 -22.02 -12.36
N ALA B 427 -2.23 -21.40 -13.41
CA ALA B 427 -2.19 -22.02 -14.73
C ALA B 427 -0.76 -22.15 -15.24
N LEU B 428 0.12 -21.20 -14.88
CA LEU B 428 1.54 -21.38 -15.15
C LEU B 428 2.10 -22.55 -14.37
N GLU B 429 1.82 -22.59 -13.07
CA GLU B 429 2.34 -23.65 -12.21
C GLU B 429 1.77 -25.01 -12.61
N LYS B 430 0.53 -25.05 -13.10
CA LYS B 430 0.01 -26.30 -13.62
C LYS B 430 0.63 -26.67 -14.96
N ASP B 431 1.28 -25.74 -15.64
CA ASP B 431 1.88 -26.03 -16.92
C ASP B 431 3.38 -26.28 -16.85
N TYR B 432 3.95 -26.33 -15.65
CA TYR B 432 5.22 -27.04 -15.50
C TYR B 432 5.00 -28.53 -15.44
N GLU B 433 3.80 -28.96 -15.08
CA GLU B 433 3.51 -30.36 -14.85
C GLU B 433 3.24 -31.11 -16.16
N GLU B 434 3.10 -30.41 -17.27
CA GLU B 434 2.88 -31.05 -18.55
C GLU B 434 4.15 -31.59 -19.19
N VAL B 435 5.25 -31.73 -18.43
CA VAL B 435 6.49 -32.22 -19.00
C VAL B 435 6.41 -33.73 -19.21
N GLY B 436 6.21 -34.49 -18.13
CA GLY B 436 6.25 -35.93 -18.22
C GLY B 436 4.90 -36.59 -18.44
N VAL B 437 4.00 -35.90 -19.15
CA VAL B 437 2.65 -36.42 -19.32
C VAL B 437 2.57 -37.35 -20.54
N ASP B 438 2.79 -36.80 -21.73
CA ASP B 438 2.53 -37.55 -22.95
C ASP B 438 3.76 -38.34 -23.35
N SER B 439 3.63 -39.67 -23.37
CA SER B 439 4.76 -40.53 -23.68
C SER B 439 4.27 -41.87 -24.20
N ARG C 2 10.92 15.19 0.57
CA ARG C 2 12.20 15.05 1.24
C ARG C 2 12.30 15.89 2.48
N GLU C 3 11.17 16.44 2.95
CA GLU C 3 11.20 17.31 4.11
C GLU C 3 10.01 17.00 5.01
N ILE C 4 10.16 17.31 6.30
CA ILE C 4 9.16 17.02 7.31
C ILE C 4 8.87 18.26 8.14
N VAL C 5 7.59 18.59 8.27
CA VAL C 5 7.12 19.75 9.03
C VAL C 5 6.73 19.29 10.44
N HIS C 6 7.10 20.07 11.46
CA HIS C 6 6.85 19.70 12.84
C HIS C 6 5.87 20.65 13.52
N ILE C 7 4.96 20.05 14.30
CA ILE C 7 4.02 20.77 15.15
C ILE C 7 4.15 20.23 16.56
N GLN C 8 4.06 21.12 17.56
CA GLN C 8 3.98 20.73 18.96
C GLN C 8 2.82 21.46 19.62
N ALA C 9 2.22 20.84 20.64
CA ALA C 9 1.10 21.44 21.35
C ALA C 9 1.06 20.87 22.76
N GLY C 10 0.27 21.50 23.62
CA GLY C 10 0.09 21.03 24.99
C GLY C 10 1.28 21.32 25.88
N GLN C 11 1.05 21.30 27.19
CA GLN C 11 2.13 21.52 28.14
C GLN C 11 3.17 20.40 28.09
N CYS C 12 2.76 19.21 27.69
CA CYS C 12 3.72 18.12 27.57
C CYS C 12 4.34 18.09 26.19
N GLY C 13 3.54 18.00 25.14
CA GLY C 13 4.08 17.83 23.80
C GLY C 13 4.89 19.00 23.29
N ASN C 14 4.71 20.18 23.88
CA ASN C 14 5.70 21.22 23.66
C ASN C 14 6.97 20.93 24.42
N GLN C 15 6.84 20.51 25.67
CA GLN C 15 8.00 20.14 26.48
C GLN C 15 8.66 18.87 25.96
N ILE C 16 7.86 17.91 25.46
CA ILE C 16 8.40 16.62 25.02
C ILE C 16 9.31 16.80 23.82
N GLY C 17 8.84 17.50 22.80
CA GLY C 17 9.67 17.75 21.65
C GLY C 17 10.82 18.70 21.92
N ALA C 18 10.74 19.47 23.02
CA ALA C 18 11.85 20.32 23.39
C ALA C 18 13.08 19.49 23.74
N LYS C 19 12.85 18.33 24.35
CA LYS C 19 13.93 17.36 24.48
C LYS C 19 14.30 16.73 23.15
N PHE C 20 13.38 16.69 22.18
CA PHE C 20 13.65 15.98 20.94
C PHE C 20 14.63 16.75 20.07
N TRP C 21 14.40 18.04 19.90
CA TRP C 21 15.31 18.85 19.10
C TRP C 21 16.65 19.05 19.79
N GLU C 22 16.69 18.84 21.11
CA GLU C 22 17.97 18.73 21.79
C GLU C 22 18.79 17.59 21.22
N VAL C 23 18.15 16.47 20.94
CA VAL C 23 18.88 15.30 20.47
C VAL C 23 19.23 15.44 18.99
N ILE C 24 18.31 15.99 18.20
CA ILE C 24 18.55 16.10 16.77
C ILE C 24 19.58 17.19 16.50
N SER C 25 19.70 18.15 17.40
CA SER C 25 20.81 19.09 17.32
C SER C 25 22.13 18.36 17.53
N ASP C 26 22.16 17.42 18.45
CA ASP C 26 23.36 16.63 18.63
C ASP C 26 23.41 15.47 17.65
N GLU C 27 22.38 15.28 16.84
CA GLU C 27 22.45 14.28 15.79
C GLU C 27 23.45 14.67 14.71
N HIS C 28 23.70 15.97 14.53
CA HIS C 28 24.52 16.42 13.41
C HIS C 28 25.70 17.28 13.83
N GLY C 29 25.96 17.41 15.13
CA GLY C 29 27.06 18.24 15.58
C GLY C 29 26.81 19.70 15.33
N ILE C 30 25.83 20.25 16.04
CA ILE C 30 25.31 21.59 15.77
C ILE C 30 25.54 22.45 17.00
N ASP C 31 26.01 23.67 16.76
CA ASP C 31 26.08 24.73 17.77
C ASP C 31 24.70 24.93 18.40
N PRO C 32 24.63 25.25 19.70
CA PRO C 32 23.39 25.80 20.27
C PRO C 32 22.86 27.04 19.57
N THR C 33 23.69 27.79 18.84
CA THR C 33 23.16 28.86 18.02
C THR C 33 22.44 28.31 16.80
N GLY C 34 23.03 27.33 16.12
CA GLY C 34 22.50 26.89 14.85
C GLY C 34 23.55 26.83 13.75
N SER C 35 24.81 26.79 14.15
CA SER C 35 25.92 26.61 13.25
C SER C 35 26.32 25.15 13.20
N TYR C 36 26.87 24.73 12.06
CA TYR C 36 27.32 23.35 11.89
C TYR C 36 28.74 23.19 12.38
N HIS C 37 28.96 22.19 13.22
CA HIS C 37 30.31 21.81 13.62
C HIS C 37 30.47 20.30 13.68
N GLY C 38 29.55 19.53 13.10
CA GLY C 38 29.69 18.10 13.07
C GLY C 38 30.77 17.67 12.10
N ASP C 39 31.08 16.38 12.15
CA ASP C 39 32.16 15.83 11.35
C ASP C 39 31.70 14.79 10.34
N SER C 40 30.62 14.10 10.61
CA SER C 40 30.16 13.07 9.68
C SER C 40 29.55 13.70 8.45
N ASP C 41 29.90 13.13 7.30
CA ASP C 41 29.38 13.67 6.06
C ASP C 41 27.94 13.24 5.85
N LEU C 42 27.55 12.11 6.43
CA LEU C 42 26.15 11.71 6.34
C LEU C 42 25.26 12.57 7.20
N GLN C 43 25.82 13.22 8.23
CA GLN C 43 25.10 14.27 8.92
C GLN C 43 24.76 15.41 7.97
N LEU C 44 25.76 15.81 7.18
CA LEU C 44 25.63 17.00 6.36
C LEU C 44 24.75 16.78 5.15
N GLU C 45 24.56 15.52 4.75
CA GLU C 45 24.03 15.25 3.42
C GLU C 45 22.51 15.38 3.36
N ARG C 46 21.81 14.88 4.37
CA ARG C 46 20.36 14.96 4.35
C ARG C 46 19.85 15.83 5.48
N ILE C 47 20.49 17.00 5.63
CA ILE C 47 20.03 18.00 6.59
C ILE C 47 18.60 18.42 6.32
N ASN C 48 18.19 18.40 5.04
CA ASN C 48 17.02 19.08 4.52
C ASN C 48 15.71 18.66 5.17
N VAL C 49 15.64 17.46 5.73
CA VAL C 49 14.35 16.87 6.05
C VAL C 49 13.75 17.52 7.28
N TYR C 50 14.60 18.03 8.16
CA TYR C 50 14.15 18.73 9.35
C TYR C 50 14.56 20.19 9.38
N TYR C 51 15.45 20.63 8.51
CA TYR C 51 16.04 21.95 8.65
C TYR C 51 15.82 22.80 7.41
N ASN C 52 15.98 24.10 7.58
CA ASN C 52 15.85 25.07 6.49
C ASN C 52 17.10 25.93 6.54
N GLU C 53 18.12 25.55 5.78
CA GLU C 53 19.40 26.23 5.86
C GLU C 53 19.31 27.61 5.21
N ALA C 54 19.73 28.62 5.93
CA ALA C 54 19.67 29.99 5.44
C ALA C 54 21.05 30.61 5.44
N ALA C 55 21.10 31.82 4.88
CA ALA C 55 22.34 32.56 4.70
C ALA C 55 22.91 32.99 6.04
N GLY C 56 24.18 33.37 6.02
CA GLY C 56 24.92 33.46 7.25
C GLY C 56 25.31 32.11 7.78
N ASN C 57 25.20 31.07 6.95
CA ASN C 57 25.56 29.68 7.26
C ASN C 57 24.78 29.18 8.48
N LYS C 58 23.47 29.33 8.41
CA LYS C 58 22.58 29.12 9.54
C LYS C 58 21.72 27.89 9.32
N TYR C 59 20.98 27.50 10.36
CA TYR C 59 20.08 26.36 10.27
C TYR C 59 18.82 26.63 11.07
N VAL C 60 17.67 26.35 10.45
CA VAL C 60 16.37 26.65 11.01
C VAL C 60 15.63 25.34 11.22
N PRO C 61 15.27 24.99 12.46
CA PRO C 61 14.45 23.80 12.71
C PRO C 61 13.06 24.01 12.15
N ARG C 62 12.67 23.17 11.20
CA ARG C 62 11.38 23.28 10.54
C ARG C 62 10.29 22.84 11.51
N ALA C 63 9.87 23.76 12.35
CA ALA C 63 8.98 23.42 13.44
C ALA C 63 8.14 24.63 13.86
N ILE C 64 6.88 24.36 14.20
CA ILE C 64 5.95 25.38 14.67
C ILE C 64 5.50 25.01 16.07
N LEU C 65 5.67 25.94 17.00
CA LEU C 65 5.49 25.69 18.43
C LEU C 65 4.26 26.42 18.93
N VAL C 66 3.27 25.69 19.42
CA VAL C 66 1.93 26.19 19.65
C VAL C 66 1.57 25.99 21.11
N ASP C 67 1.01 27.02 21.73
CA ASP C 67 0.52 26.97 23.11
C ASP C 67 -0.54 28.05 23.29
N LEU C 68 -1.33 27.92 24.35
CA LEU C 68 -2.13 29.04 24.85
C LEU C 68 -1.58 29.63 26.14
N GLU C 69 -0.60 29.04 26.69
CA GLU C 69 0.10 29.54 27.86
C GLU C 69 1.39 30.20 27.43
N PRO C 70 1.66 31.41 27.85
CA PRO C 70 2.88 32.08 27.39
C PRO C 70 4.17 31.49 27.92
N GLY C 71 4.28 31.36 29.25
CA GLY C 71 5.56 31.09 29.88
C GLY C 71 6.15 29.74 29.60
N THR C 72 5.34 28.79 29.10
CA THR C 72 5.84 27.46 28.79
C THR C 72 6.85 27.52 27.65
N MET C 73 6.41 28.03 26.51
CA MET C 73 7.34 28.17 25.41
C MET C 73 8.32 29.29 25.64
N ASP C 74 8.00 30.22 26.54
CA ASP C 74 9.00 31.19 26.96
C ASP C 74 10.11 30.52 27.74
N SER C 75 9.75 29.54 28.57
CA SER C 75 10.76 28.79 29.30
C SER C 75 11.63 27.97 28.38
N VAL C 76 11.06 27.52 27.26
CA VAL C 76 11.86 26.94 26.20
C VAL C 76 12.84 27.97 25.68
N ARG C 77 12.35 29.19 25.46
CA ARG C 77 13.21 30.24 24.93
C ARG C 77 14.16 30.74 25.99
N SER C 78 13.69 30.81 27.24
CA SER C 78 14.58 31.19 28.32
C SER C 78 15.59 30.10 28.59
N GLY C 79 15.23 28.85 28.32
CA GLY C 79 16.17 27.77 28.43
C GLY C 79 17.08 27.70 27.23
N PRO C 80 18.17 26.94 27.38
CA PRO C 80 19.06 26.69 26.25
C PRO C 80 18.37 25.84 25.20
N PHE C 81 18.99 25.82 24.01
CA PHE C 81 18.38 25.33 22.77
C PHE C 81 17.06 26.03 22.51
N GLY C 82 17.03 27.34 22.76
CA GLY C 82 15.88 28.16 22.41
C GLY C 82 16.21 29.15 21.33
N GLN C 83 17.44 29.67 21.36
CA GLN C 83 17.91 30.59 20.34
C GLN C 83 18.22 29.88 19.04
N ILE C 84 18.22 28.55 19.03
CA ILE C 84 18.44 27.83 17.79
C ILE C 84 17.21 27.87 16.90
N PHE C 85 16.06 28.23 17.45
CA PHE C 85 14.88 28.51 16.66
C PHE C 85 14.96 29.88 16.02
N ARG C 86 14.03 30.17 15.11
CA ARG C 86 13.88 31.57 14.78
C ARG C 86 12.54 32.07 15.28
N PRO C 87 12.52 33.22 15.95
CA PRO C 87 11.39 33.56 16.82
C PRO C 87 10.15 34.05 16.09
N ASP C 88 10.11 33.97 14.78
CA ASP C 88 8.89 34.31 14.04
C ASP C 88 7.92 33.16 13.98
N ASN C 89 8.01 32.24 14.91
CA ASN C 89 7.25 31.02 14.86
C ASN C 89 6.50 30.73 16.14
N PHE C 90 6.74 31.46 17.22
CA PHE C 90 5.98 31.23 18.45
C PHE C 90 4.57 31.76 18.30
N VAL C 91 3.68 30.95 17.73
CA VAL C 91 2.29 31.35 17.56
C VAL C 91 1.54 30.95 18.81
N PHE C 92 1.13 31.94 19.60
CA PHE C 92 0.43 31.64 20.85
C PHE C 92 -0.59 32.74 21.14
N GLY C 93 -1.29 32.58 22.25
CA GLY C 93 -2.27 33.57 22.68
C GLY C 93 -2.17 33.78 24.17
N GLN C 94 -2.71 34.91 24.62
CA GLN C 94 -2.65 35.30 26.02
C GLN C 94 -3.94 34.94 26.74
N SER C 95 -4.27 33.65 26.72
CA SER C 95 -5.45 33.19 27.45
C SER C 95 -5.29 31.73 27.79
N GLY C 96 -5.62 31.37 29.02
CA GLY C 96 -5.58 29.98 29.42
C GLY C 96 -6.80 29.23 28.89
N ALA C 97 -6.55 28.03 28.37
CA ALA C 97 -7.62 27.19 27.86
C ALA C 97 -8.38 26.48 28.96
N GLY C 98 -7.94 26.60 30.21
CA GLY C 98 -8.54 25.86 31.29
C GLY C 98 -8.23 24.39 31.28
N ASN C 99 -7.24 23.99 30.48
CA ASN C 99 -6.88 22.60 30.22
C ASN C 99 -8.11 21.81 29.78
N ASN C 100 -8.71 22.28 28.69
CA ASN C 100 -10.02 21.81 28.29
C ASN C 100 -10.09 21.54 26.80
N TRP C 101 -10.52 20.33 26.45
CA TRP C 101 -10.72 19.99 25.04
C TRP C 101 -11.89 20.76 24.46
N ALA C 102 -12.93 20.97 25.26
CA ALA C 102 -14.12 21.68 24.81
C ALA C 102 -13.96 23.18 24.84
N LYS C 103 -12.74 23.67 25.06
CA LYS C 103 -12.40 25.06 24.84
C LYS C 103 -11.28 25.23 23.83
N GLY C 104 -10.26 24.37 23.89
CA GLY C 104 -9.11 24.54 23.01
C GLY C 104 -9.43 24.19 21.57
N HIS C 105 -10.24 23.17 21.36
CA HIS C 105 -10.74 22.88 20.02
C HIS C 105 -11.77 23.91 19.59
N TYR C 106 -12.31 24.68 20.52
CA TYR C 106 -13.64 25.25 20.37
C TYR C 106 -13.64 26.77 20.28
N THR C 107 -13.09 27.49 21.27
CA THR C 107 -13.11 28.95 21.21
C THR C 107 -11.71 29.56 21.09
N GLU C 108 -10.85 29.36 22.08
CA GLU C 108 -9.64 30.15 22.15
C GLU C 108 -8.57 29.66 21.20
N GLY C 109 -8.76 28.47 20.62
CA GLY C 109 -7.95 28.10 19.48
C GLY C 109 -8.41 28.76 18.20
N ALA C 110 -9.72 29.01 18.09
CA ALA C 110 -10.27 29.56 16.86
C ALA C 110 -9.80 30.98 16.57
N GLU C 111 -9.38 31.73 17.59
CA GLU C 111 -8.66 32.97 17.37
C GLU C 111 -7.16 32.76 17.21
N LEU C 112 -6.73 31.54 16.97
CA LEU C 112 -5.32 31.29 16.78
C LEU C 112 -5.08 30.30 15.64
N VAL C 113 -6.15 29.77 15.03
CA VAL C 113 -6.03 28.76 13.97
C VAL C 113 -5.29 29.32 12.76
N ASP C 114 -5.78 30.45 12.26
CA ASP C 114 -5.25 30.99 11.02
C ASP C 114 -3.85 31.52 11.21
N SER C 115 -3.51 31.95 12.43
CA SER C 115 -2.14 32.34 12.72
C SER C 115 -1.21 31.15 12.73
N VAL C 116 -1.73 29.96 13.04
CA VAL C 116 -0.91 28.77 12.92
C VAL C 116 -0.72 28.39 11.46
N LEU C 117 -1.83 28.26 10.73
CA LEU C 117 -1.82 27.72 9.39
C LEU C 117 -1.13 28.64 8.40
N ASP C 118 -0.96 29.92 8.73
CA ASP C 118 -0.16 30.79 7.89
C ASP C 118 1.31 30.44 7.99
N VAL C 119 1.78 30.09 9.19
CA VAL C 119 3.18 29.71 9.35
C VAL C 119 3.40 28.33 8.73
N VAL C 120 2.35 27.52 8.67
CA VAL C 120 2.36 26.33 7.81
C VAL C 120 2.56 26.74 6.37
N ARG C 121 1.76 27.71 5.89
CA ARG C 121 1.91 28.22 4.54
C ARG C 121 3.16 29.04 4.37
N LYS C 122 3.73 29.57 5.46
CA LYS C 122 5.08 30.13 5.37
C LYS C 122 6.09 29.05 5.06
N GLU C 123 5.85 27.83 5.50
CA GLU C 123 6.84 26.79 5.35
C GLU C 123 6.55 25.86 4.20
N SER C 124 5.33 25.30 4.16
CA SER C 124 5.06 24.13 3.33
C SER C 124 5.11 24.41 1.85
N GLU C 125 4.75 25.62 1.42
CA GLU C 125 4.97 25.98 0.03
C GLU C 125 6.45 26.15 -0.26
N SER C 126 7.20 26.73 0.69
CA SER C 126 8.64 26.92 0.53
C SER C 126 9.42 25.63 0.65
N CYS C 127 8.78 24.54 1.01
CA CYS C 127 9.43 23.25 1.07
C CYS C 127 9.63 22.66 -0.31
N ASP C 128 10.71 21.91 -0.46
CA ASP C 128 10.97 21.23 -1.72
C ASP C 128 9.95 20.13 -1.99
N CYS C 129 9.74 19.25 -1.04
CA CYS C 129 8.74 18.20 -1.19
C CYS C 129 8.21 17.84 0.18
N LEU C 130 6.91 18.08 0.38
CA LEU C 130 6.27 17.82 1.65
C LEU C 130 6.19 16.32 1.87
N GLN C 131 6.69 15.86 3.01
CA GLN C 131 6.63 14.43 3.25
C GLN C 131 6.17 14.12 4.66
N GLY C 132 6.42 15.01 5.61
CA GLY C 132 6.08 14.70 6.98
C GLY C 132 5.38 15.78 7.79
N PHE C 133 4.27 15.39 8.42
CA PHE C 133 3.50 16.26 9.32
C PHE C 133 3.52 15.67 10.71
N GLN C 134 4.59 15.97 11.43
CA GLN C 134 4.88 15.40 12.72
C GLN C 134 4.28 16.25 13.83
N LEU C 135 3.55 15.63 14.74
CA LEU C 135 2.92 16.32 15.86
C LEU C 135 3.33 15.71 17.19
N THR C 136 3.35 16.54 18.21
CA THR C 136 3.76 16.12 19.55
C THR C 136 2.89 16.87 20.55
N HIS C 137 2.01 16.16 21.24
CA HIS C 137 1.03 16.82 22.08
C HIS C 137 0.57 15.85 23.17
N SER C 138 -0.53 16.19 23.84
CA SER C 138 -1.08 15.39 24.90
C SER C 138 -2.38 14.73 24.46
N LEU C 139 -2.92 13.92 25.36
CA LEU C 139 -4.33 13.57 25.34
C LEU C 139 -4.95 13.77 26.71
N GLY C 140 -4.20 14.35 27.64
CA GLY C 140 -4.67 14.53 29.00
C GLY C 140 -5.14 15.94 29.25
N GLY C 141 -4.39 16.92 28.75
CA GLY C 141 -4.76 18.31 28.91
C GLY C 141 -5.67 18.76 27.79
N GLY C 142 -5.77 20.07 27.65
CA GLY C 142 -6.65 20.59 26.63
C GLY C 142 -5.89 21.01 25.39
N THR C 143 -4.75 21.65 25.59
CA THR C 143 -3.99 22.21 24.49
C THR C 143 -3.39 21.11 23.63
N GLY C 144 -2.98 20.02 24.26
CA GLY C 144 -2.55 18.87 23.49
C GLY C 144 -3.69 18.13 22.84
N SER C 145 -4.92 18.32 23.32
CA SER C 145 -6.05 17.57 22.81
C SER C 145 -6.94 18.38 21.88
N GLY C 146 -7.18 19.64 22.19
CA GLY C 146 -8.17 20.39 21.46
C GLY C 146 -7.71 20.95 20.14
N MET C 147 -6.62 21.71 20.19
CA MET C 147 -6.20 22.51 19.05
C MET C 147 -5.67 21.66 17.91
N GLY C 148 -5.04 20.53 18.24
CA GLY C 148 -4.46 19.70 17.21
C GLY C 148 -5.49 18.97 16.37
N THR C 149 -6.62 18.61 16.99
CA THR C 149 -7.70 18.00 16.22
C THR C 149 -8.27 18.98 15.21
N LEU C 150 -8.32 20.26 15.57
CA LEU C 150 -8.78 21.24 14.60
C LEU C 150 -7.70 21.56 13.58
N LEU C 151 -6.43 21.31 13.91
CA LEU C 151 -5.37 21.41 12.91
C LEU C 151 -5.57 20.36 11.82
N ILE C 152 -5.76 19.11 12.22
CA ILE C 152 -5.85 18.00 11.29
C ILE C 152 -7.14 18.08 10.48
N SER C 153 -8.17 18.72 11.03
CA SER C 153 -9.37 19.00 10.26
C SER C 153 -9.12 20.03 9.15
N LYS C 154 -8.04 20.79 9.23
CA LYS C 154 -7.73 21.79 8.22
C LYS C 154 -6.46 21.50 7.43
N ILE C 155 -5.48 20.84 8.05
CA ILE C 155 -4.23 20.56 7.35
C ILE C 155 -4.41 19.48 6.31
N ARG C 156 -5.14 18.41 6.66
CA ARG C 156 -5.48 17.39 5.66
C ARG C 156 -6.43 17.94 4.62
N GLU C 157 -7.27 18.91 5.00
CA GLU C 157 -8.07 19.64 4.02
C GLU C 157 -7.18 20.40 3.05
N GLU C 158 -6.03 20.89 3.53
CA GLU C 158 -5.10 21.52 2.60
C GLU C 158 -4.08 20.55 2.02
N TYR C 159 -3.85 19.41 2.64
CA TYR C 159 -2.92 18.43 2.09
C TYR C 159 -3.53 17.04 2.14
N PRO C 160 -4.44 16.72 1.22
CA PRO C 160 -5.01 15.36 1.24
C PRO C 160 -4.01 14.31 0.80
N ASP C 161 -3.02 14.69 0.00
CA ASP C 161 -2.06 13.73 -0.52
C ASP C 161 -0.80 13.68 0.31
N ARG C 162 -0.93 13.77 1.63
CA ARG C 162 0.21 13.62 2.50
C ARG C 162 -0.03 12.58 3.58
N ILE C 163 0.83 12.54 4.58
CA ILE C 163 0.85 11.51 5.61
C ILE C 163 0.73 12.18 6.97
N MET C 164 -0.11 11.64 7.85
CA MET C 164 -0.41 12.26 9.14
C MET C 164 0.01 11.33 10.28
N ASN C 165 1.13 11.65 10.92
CA ASN C 165 1.56 10.96 12.12
C ASN C 165 1.56 11.89 13.33
N THR C 166 1.34 11.33 14.50
CA THR C 166 1.42 12.12 15.73
C THR C 166 1.75 11.21 16.90
N PHE C 167 2.44 11.80 17.88
CA PHE C 167 2.85 11.12 19.11
C PHE C 167 1.94 11.66 20.21
N SER C 168 0.82 10.98 20.43
CA SER C 168 -0.15 11.40 21.43
C SER C 168 0.02 10.57 22.70
N VAL C 169 -0.04 11.25 23.85
CA VAL C 169 0.31 10.62 25.13
C VAL C 169 -0.94 10.01 25.75
N VAL C 170 -0.92 8.70 25.92
CA VAL C 170 -2.05 7.98 26.53
C VAL C 170 -2.08 8.28 28.03
N PRO C 171 -3.24 8.53 28.61
CA PRO C 171 -3.31 8.81 30.05
C PRO C 171 -2.95 7.60 30.90
N SER C 172 -2.43 7.88 32.09
CA SER C 172 -2.06 6.85 33.05
C SER C 172 -3.06 6.79 34.19
N PRO C 173 -3.80 5.69 34.37
CA PRO C 173 -4.57 5.53 35.61
C PRO C 173 -3.72 5.45 36.86
N LYS C 174 -2.43 5.14 36.74
CA LYS C 174 -1.56 5.20 37.91
C LYS C 174 -1.31 6.64 38.34
N VAL C 175 -0.62 7.41 37.52
CA VAL C 175 -0.11 8.71 37.92
C VAL C 175 -0.76 9.78 37.05
N SER C 176 -1.33 10.79 37.69
CA SER C 176 -2.02 11.90 37.04
C SER C 176 -2.16 13.03 38.06
N ASP C 177 -2.76 14.14 37.64
CA ASP C 177 -3.14 15.18 38.60
C ASP C 177 -4.53 15.75 38.41
N THR C 178 -5.13 15.63 37.23
CA THR C 178 -6.42 16.24 36.94
C THR C 178 -7.56 15.25 37.09
N VAL C 179 -8.76 15.70 36.71
CA VAL C 179 -10.01 15.00 36.98
C VAL C 179 -10.72 14.62 35.69
N VAL C 180 -10.87 15.57 34.77
CA VAL C 180 -11.71 15.37 33.59
C VAL C 180 -10.89 14.80 32.45
N GLU C 181 -9.69 14.34 32.78
CA GLU C 181 -8.78 13.50 32.02
C GLU C 181 -9.46 12.42 31.17
N PRO C 182 -10.54 11.71 31.61
CA PRO C 182 -11.23 10.84 30.66
C PRO C 182 -12.20 11.54 29.72
N TYR C 183 -12.05 12.84 29.53
CA TYR C 183 -12.69 13.49 28.40
C TYR C 183 -11.72 13.86 27.30
N ASN C 184 -10.51 14.27 27.67
CA ASN C 184 -9.58 14.89 26.74
C ASN C 184 -9.08 13.92 25.70
N ALA C 185 -8.68 12.72 26.13
CA ALA C 185 -8.41 11.68 25.16
C ALA C 185 -9.70 11.19 24.51
N THR C 186 -10.82 11.27 25.23
CA THR C 186 -12.04 10.60 24.80
C THR C 186 -12.64 11.28 23.59
N LEU C 187 -12.72 12.61 23.63
CA LEU C 187 -13.19 13.34 22.47
C LEU C 187 -12.11 13.57 21.45
N SER C 188 -10.86 13.20 21.73
CA SER C 188 -9.83 13.29 20.72
C SER C 188 -10.00 12.21 19.66
N VAL C 189 -10.47 11.04 20.09
CA VAL C 189 -10.58 9.86 19.22
C VAL C 189 -11.57 10.10 18.09
N HIS C 190 -12.60 10.91 18.35
CA HIS C 190 -13.57 11.25 17.33
C HIS C 190 -12.96 12.05 16.19
N GLN C 191 -11.82 12.70 16.42
CA GLN C 191 -11.09 13.32 15.34
C GLN C 191 -9.74 12.70 15.04
N LEU C 192 -9.14 11.94 15.98
CA LEU C 192 -7.85 11.35 15.69
C LEU C 192 -7.96 10.19 14.71
N VAL C 193 -9.01 9.39 14.83
CA VAL C 193 -9.10 8.21 13.99
C VAL C 193 -9.44 8.58 12.55
N GLU C 194 -10.40 9.48 12.37
CA GLU C 194 -10.97 9.68 11.05
C GLU C 194 -10.09 10.51 10.12
N ASN C 195 -9.02 11.11 10.63
CA ASN C 195 -8.27 12.03 9.78
C ASN C 195 -6.76 11.93 9.94
N THR C 196 -6.25 10.99 10.72
CA THR C 196 -4.82 10.75 10.79
C THR C 196 -4.52 9.37 10.25
N ASP C 197 -3.46 9.28 9.42
CA ASP C 197 -3.08 8.00 8.85
C ASP C 197 -2.56 7.06 9.92
N GLU C 198 -1.83 7.60 10.90
CA GLU C 198 -1.28 6.79 11.97
C GLU C 198 -1.10 7.66 13.20
N THR C 199 -1.06 6.98 14.36
CA THR C 199 -0.49 7.56 15.56
C THR C 199 -0.02 6.42 16.44
N TYR C 200 0.77 6.78 17.45
CA TYR C 200 1.26 5.80 18.39
C TYR C 200 0.48 5.98 19.68
N CYS C 201 0.87 5.24 20.70
CA CYS C 201 0.17 5.28 21.99
C CYS C 201 1.21 5.13 23.10
N ILE C 202 1.70 6.25 23.60
CA ILE C 202 2.68 6.26 24.68
C ILE C 202 1.98 6.61 25.97
N ASP C 203 2.21 5.81 27.01
CA ASP C 203 1.63 6.01 28.33
C ASP C 203 2.73 5.99 29.38
N ASN C 204 2.67 6.96 30.30
CA ASN C 204 3.60 7.01 31.43
C ASN C 204 3.47 5.80 32.32
N GLU C 205 2.28 5.20 32.34
CA GLU C 205 1.94 4.06 33.19
C GLU C 205 2.88 2.88 33.00
N ALA C 206 3.43 2.73 31.80
CA ALA C 206 4.55 1.84 31.64
C ALA C 206 5.89 2.55 31.77
N LEU C 207 5.94 3.85 31.47
CA LEU C 207 7.23 4.53 31.37
C LEU C 207 7.93 4.63 32.71
N TYR C 208 7.15 4.77 33.78
CA TYR C 208 7.72 4.73 35.12
C TYR C 208 8.36 3.37 35.40
N ASP C 209 7.75 2.30 34.90
CA ASP C 209 8.31 0.97 35.11
C ASP C 209 9.62 0.78 34.32
N ILE C 210 9.84 1.59 33.30
CA ILE C 210 11.02 1.39 32.47
C ILE C 210 12.26 1.96 33.13
N CYS C 211 12.23 3.24 33.48
CA CYS C 211 13.43 3.90 33.99
C CYS C 211 13.77 3.42 35.38
N PHE C 212 12.74 3.22 36.21
CA PHE C 212 12.95 2.88 37.61
C PHE C 212 13.47 1.46 37.75
N ARG C 213 12.79 0.50 37.14
CA ARG C 213 13.15 -0.89 37.31
C ARG C 213 14.27 -1.31 36.36
N THR C 214 13.99 -1.33 35.07
CA THR C 214 14.87 -1.99 34.12
C THR C 214 16.08 -1.14 33.74
N LEU C 215 16.12 0.11 34.13
CA LEU C 215 17.25 0.96 33.82
C LEU C 215 17.98 1.42 35.07
N LYS C 216 17.52 0.97 36.23
CA LYS C 216 18.16 1.19 37.54
C LYS C 216 18.29 2.68 37.86
N LEU C 217 17.16 3.36 37.84
CA LEU C 217 17.12 4.78 38.14
C LEU C 217 16.18 5.05 39.29
N THR C 218 16.43 6.15 40.01
CA THR C 218 15.71 6.44 41.24
C THR C 218 14.46 7.28 41.00
N THR C 219 14.63 8.45 40.43
CA THR C 219 13.55 9.42 40.35
C THR C 219 13.14 9.65 38.91
N PRO C 220 11.96 9.21 38.50
CA PRO C 220 11.52 9.47 37.13
C PRO C 220 11.11 10.92 36.93
N THR C 221 11.94 11.71 36.29
CA THR C 221 11.60 13.10 36.01
C THR C 221 10.98 13.20 34.63
N TYR C 222 10.29 14.32 34.41
CA TYR C 222 9.74 14.59 33.10
C TYR C 222 10.82 14.80 32.06
N GLY C 223 11.95 15.38 32.46
CA GLY C 223 13.08 15.47 31.54
C GLY C 223 13.69 14.12 31.20
N ASP C 224 13.44 13.11 32.01
CA ASP C 224 14.00 11.80 31.77
C ASP C 224 12.99 10.81 31.22
N LEU C 225 11.72 10.92 31.59
CA LEU C 225 10.72 10.07 30.96
C LEU C 225 10.51 10.44 29.51
N ASN C 226 10.76 11.70 29.17
CA ASN C 226 10.60 12.14 27.79
C ASN C 226 11.86 11.93 26.98
N HIS C 227 13.02 11.93 27.64
CA HIS C 227 14.26 11.58 26.97
C HIS C 227 14.22 10.13 26.49
N LEU C 228 13.48 9.28 27.20
CA LEU C 228 13.21 7.94 26.70
C LEU C 228 12.36 7.99 25.43
N VAL C 229 11.39 8.89 25.39
CA VAL C 229 10.55 8.99 24.20
C VAL C 229 11.37 9.55 23.05
N SER C 230 12.34 10.41 23.36
CA SER C 230 13.04 11.20 22.36
C SER C 230 13.86 10.34 21.43
N ALA C 231 14.52 9.31 21.95
CA ALA C 231 15.26 8.42 21.07
C ALA C 231 14.31 7.62 20.19
N THR C 232 13.20 7.18 20.76
CA THR C 232 12.21 6.42 20.01
C THR C 232 11.52 7.27 18.97
N MET C 233 11.47 8.58 19.18
CA MET C 233 11.07 9.48 18.11
C MET C 233 12.05 9.41 16.96
N SER C 234 13.34 9.58 17.27
CA SER C 234 14.37 9.68 16.26
C SER C 234 14.53 8.39 15.48
N GLY C 235 14.26 7.27 16.12
CA GLY C 235 14.32 6.01 15.44
C GLY C 235 13.17 5.70 14.53
N VAL C 236 12.14 6.55 14.43
CA VAL C 236 11.02 6.24 13.55
C VAL C 236 11.46 6.33 12.10
N THR C 237 12.22 7.35 11.75
CA THR C 237 12.52 7.66 10.37
C THR C 237 14.02 7.82 10.14
N THR C 238 14.82 6.84 10.58
CA THR C 238 16.24 6.93 10.29
C THR C 238 16.57 6.62 8.83
N CYS C 239 15.87 5.64 8.24
CA CYS C 239 16.14 5.26 6.85
C CYS C 239 15.74 6.35 5.87
N LEU C 240 14.74 7.14 6.22
CA LEU C 240 14.34 8.26 5.38
C LEU C 240 15.40 9.35 5.42
N ARG C 241 16.15 9.41 6.50
CA ARG C 241 17.19 10.39 6.71
C ARG C 241 18.56 9.88 6.38
N PHE C 242 18.87 8.63 6.72
CA PHE C 242 20.24 8.18 6.63
C PHE C 242 20.35 6.97 5.71
N PRO C 243 21.53 6.71 5.15
CA PRO C 243 21.67 5.55 4.26
C PRO C 243 21.55 4.24 5.01
N GLY C 244 21.09 3.22 4.30
CA GLY C 244 20.89 1.92 4.89
C GLY C 244 20.70 0.89 3.80
N GLN C 245 20.90 -0.36 4.17
CA GLN C 245 20.83 -1.43 3.18
C GLN C 245 19.39 -1.64 2.72
N LEU C 246 18.53 -2.09 3.63
CA LEU C 246 17.11 -2.19 3.34
C LEU C 246 16.44 -0.95 3.91
N ASN C 247 16.52 0.14 3.16
CA ASN C 247 15.91 1.38 3.59
C ASN C 247 14.39 1.30 3.47
N ALA C 248 13.71 1.92 4.42
CA ALA C 248 12.26 1.88 4.47
C ALA C 248 11.71 3.29 4.57
N ASP C 249 10.63 3.52 3.85
CA ASP C 249 9.91 4.78 3.96
C ASP C 249 9.01 4.74 5.18
N LEU C 250 8.65 5.94 5.64
CA LEU C 250 7.52 6.08 6.55
C LEU C 250 6.26 5.55 5.90
N ARG C 251 6.09 5.83 4.61
CA ARG C 251 4.94 5.32 3.90
C ARG C 251 5.07 3.81 3.71
N LYS C 252 6.30 3.30 3.53
CA LYS C 252 6.52 1.86 3.62
C LYS C 252 6.15 1.33 4.98
N LEU C 253 6.58 2.03 6.02
CA LEU C 253 6.15 1.70 7.36
C LEU C 253 4.66 1.86 7.52
N ALA C 254 4.07 2.80 6.77
CA ALA C 254 2.62 2.86 6.76
C ALA C 254 2.01 1.70 6.00
N VAL C 255 2.69 1.19 4.98
CA VAL C 255 2.10 0.12 4.18
C VAL C 255 2.08 -1.18 4.96
N ASN C 256 3.25 -1.66 5.39
CA ASN C 256 3.33 -3.01 5.91
C ASN C 256 2.79 -3.14 7.32
N MET C 257 2.59 -2.03 8.03
CA MET C 257 2.13 -2.12 9.40
C MET C 257 0.64 -1.89 9.52
N VAL C 258 -0.03 -1.50 8.46
CA VAL C 258 -1.45 -1.22 8.48
C VAL C 258 -2.15 -2.22 7.57
N PRO C 259 -2.76 -3.25 8.14
CA PRO C 259 -3.56 -4.16 7.31
C PRO C 259 -4.88 -3.57 6.90
N PHE C 260 -5.31 -2.52 7.55
CA PHE C 260 -6.69 -2.10 7.42
C PHE C 260 -6.77 -0.67 7.93
N PRO C 261 -7.38 0.24 7.17
CA PRO C 261 -7.18 1.70 7.39
C PRO C 261 -7.73 2.28 8.70
N ARG C 262 -8.25 1.50 9.65
CA ARG C 262 -8.46 2.06 10.98
C ARG C 262 -7.51 1.52 12.03
N LEU C 263 -7.01 0.29 11.88
CA LEU C 263 -6.18 -0.30 12.91
C LEU C 263 -4.75 0.17 12.70
N HIS C 264 -4.49 1.40 13.10
CA HIS C 264 -3.20 2.02 12.84
C HIS C 264 -2.64 2.68 14.09
N PHE C 265 -2.65 1.96 15.20
CA PHE C 265 -2.03 2.43 16.43
C PHE C 265 -0.84 1.54 16.74
N PHE C 266 0.23 2.12 17.25
CA PHE C 266 1.50 1.42 17.29
C PHE C 266 2.23 1.73 18.59
N MET C 267 3.43 1.17 18.72
CA MET C 267 4.18 1.15 19.98
C MET C 267 5.68 1.16 19.73
N PRO C 268 6.43 2.03 20.38
CA PRO C 268 7.86 2.12 20.13
C PRO C 268 8.62 1.06 20.91
N GLY C 269 9.94 1.15 20.84
CA GLY C 269 10.80 0.35 21.67
C GLY C 269 12.26 0.58 21.39
N PHE C 270 13.04 0.78 22.44
CA PHE C 270 14.45 1.11 22.31
C PHE C 270 15.26 -0.09 22.76
N ALA C 271 16.20 -0.54 21.93
CA ALA C 271 16.80 -1.85 22.15
C ALA C 271 17.98 -1.94 23.13
N PRO C 272 18.98 -1.02 23.18
CA PRO C 272 20.00 -1.11 24.24
C PRO C 272 19.55 -0.47 25.55
N LEU C 273 18.37 -0.86 26.05
CA LEU C 273 17.91 -0.44 27.37
C LEU C 273 18.68 -1.19 28.44
N THR C 274 19.88 -0.72 28.69
CA THR C 274 20.69 -1.23 29.79
C THR C 274 20.97 -0.09 30.74
N SER C 275 21.25 -0.44 32.00
CA SER C 275 21.47 0.56 33.03
C SER C 275 22.89 1.13 32.91
N ARG C 276 23.21 2.05 33.81
CA ARG C 276 24.58 2.53 33.90
C ARG C 276 25.50 1.42 34.38
N GLY C 277 25.07 0.67 35.39
CA GLY C 277 25.92 -0.34 35.97
C GLY C 277 26.08 -1.58 35.15
N SER C 278 25.13 -1.88 34.28
CA SER C 278 25.14 -3.14 33.54
C SER C 278 25.95 -3.05 32.25
N GLN C 279 26.81 -2.04 32.11
CA GLN C 279 27.61 -1.90 30.91
C GLN C 279 28.76 -2.90 30.89
N GLN C 280 29.46 -3.03 32.00
CA GLN C 280 30.62 -3.90 32.10
C GLN C 280 30.27 -5.32 32.51
N TYR C 281 29.00 -5.70 32.39
CA TYR C 281 28.58 -7.06 32.70
C TYR C 281 27.59 -7.57 31.66
N ARG C 282 27.74 -7.13 30.42
CA ARG C 282 26.82 -7.52 29.36
C ARG C 282 27.54 -7.47 28.03
N ALA C 283 27.36 -8.51 27.23
CA ALA C 283 27.84 -8.53 25.86
C ALA C 283 26.71 -8.14 24.94
N LEU C 284 27.02 -7.38 23.90
CA LEU C 284 26.02 -6.70 23.10
C LEU C 284 25.99 -7.28 21.69
N THR C 285 24.92 -8.01 21.37
CA THR C 285 24.85 -8.72 20.11
C THR C 285 23.58 -8.40 19.34
N VAL C 286 23.40 -9.12 18.23
CA VAL C 286 22.19 -9.04 17.43
C VAL C 286 21.00 -9.71 18.14
N PRO C 287 21.08 -10.92 18.71
CA PRO C 287 19.93 -11.40 19.47
C PRO C 287 19.70 -10.63 20.75
N GLU C 288 20.73 -9.94 21.25
CA GLU C 288 20.57 -9.06 22.40
C GLU C 288 19.55 -7.97 22.10
N LEU C 289 19.58 -7.45 20.88
CA LEU C 289 18.62 -6.43 20.50
C LEU C 289 17.24 -7.01 20.36
N THR C 290 17.15 -8.17 19.71
CA THR C 290 15.86 -8.79 19.44
C THR C 290 15.26 -9.45 20.66
N GLN C 291 16.03 -9.57 21.74
CA GLN C 291 15.52 -10.18 22.96
C GLN C 291 14.40 -9.34 23.57
N GLN C 292 14.49 -8.02 23.43
CA GLN C 292 13.51 -7.15 24.05
C GLN C 292 12.19 -7.11 23.31
N MET C 293 12.12 -7.70 22.12
CA MET C 293 10.87 -7.85 21.39
C MET C 293 9.88 -8.70 22.18
N PHE C 294 10.39 -9.66 22.94
CA PHE C 294 9.60 -10.48 23.83
C PHE C 294 9.37 -9.80 25.18
N ASP C 295 10.17 -8.79 25.51
CA ASP C 295 10.13 -8.20 26.84
C ASP C 295 8.83 -7.42 27.05
N ALA C 296 8.11 -7.78 28.09
CA ALA C 296 6.95 -6.99 28.47
C ALA C 296 7.36 -5.67 29.07
N LYS C 297 8.52 -5.60 29.72
CA LYS C 297 8.99 -4.41 30.42
C LYS C 297 9.65 -3.40 29.50
N ASN C 298 9.80 -3.68 28.22
CA ASN C 298 10.30 -2.68 27.28
C ASN C 298 9.23 -2.27 26.27
N MET C 299 8.02 -2.78 26.41
CA MET C 299 6.87 -2.26 25.69
C MET C 299 6.41 -1.00 26.38
N MET C 300 6.66 0.16 25.74
CA MET C 300 6.54 1.44 26.43
C MET C 300 5.10 1.84 26.74
N ALA C 301 4.12 1.13 26.20
CA ALA C 301 2.74 1.33 26.60
C ALA C 301 2.35 0.27 27.62
N ALA C 302 1.39 0.62 28.47
CA ALA C 302 1.08 -0.17 29.67
C ALA C 302 0.20 -1.36 29.31
N CYS C 303 0.80 -2.33 28.64
CA CYS C 303 0.09 -3.53 28.25
C CYS C 303 1.05 -4.71 28.32
N ASP C 304 0.49 -5.87 28.63
CA ASP C 304 1.19 -7.12 28.41
C ASP C 304 1.19 -7.39 26.91
N PRO C 305 2.34 -7.44 26.26
CA PRO C 305 2.36 -7.93 24.89
C PRO C 305 1.93 -9.38 24.78
N ARG C 306 2.22 -10.19 25.78
CA ARG C 306 1.85 -11.59 25.73
C ARG C 306 0.39 -11.84 26.05
N HIS C 307 -0.35 -10.79 26.40
CA HIS C 307 -1.77 -10.94 26.69
C HIS C 307 -2.54 -11.28 25.43
N GLY C 308 -2.47 -10.40 24.44
CA GLY C 308 -3.10 -10.63 23.16
C GLY C 308 -2.19 -11.40 22.23
N ARG C 309 -2.35 -11.15 20.94
CA ARG C 309 -1.45 -11.67 19.93
C ARG C 309 -1.03 -10.51 19.04
N TYR C 310 0.21 -10.52 18.55
CA TYR C 310 0.67 -9.44 17.68
C TYR C 310 -0.03 -9.51 16.33
N LEU C 311 -0.47 -8.35 15.84
CA LEU C 311 -0.87 -8.25 14.45
C LEU C 311 0.35 -8.04 13.56
N THR C 312 1.04 -6.91 13.72
CA THR C 312 2.17 -6.57 12.87
C THR C 312 3.29 -6.02 13.73
N VAL C 313 4.53 -6.33 13.35
CA VAL C 313 5.71 -5.83 14.04
C VAL C 313 6.72 -5.38 13.00
N ALA C 314 7.28 -4.20 13.18
CA ALA C 314 8.40 -3.73 12.38
C ALA C 314 9.64 -3.54 13.24
N ALA C 315 10.79 -3.80 12.64
CA ALA C 315 12.07 -3.71 13.32
C ALA C 315 12.97 -2.81 12.50
N VAL C 316 13.44 -1.72 13.12
CA VAL C 316 14.24 -0.73 12.43
C VAL C 316 15.59 -0.66 13.14
N PHE C 317 16.62 -1.16 12.48
CA PHE C 317 17.88 -1.43 13.15
C PHE C 317 18.90 -0.34 12.91
N ARG C 318 19.93 -0.31 13.77
CA ARG C 318 21.04 0.63 13.67
C ARG C 318 22.34 -0.13 13.93
N GLY C 319 23.24 -0.13 12.98
CA GLY C 319 24.57 -0.69 13.19
C GLY C 319 25.04 -1.56 12.04
N ARG C 320 26.37 -1.68 11.91
CA ARG C 320 26.98 -2.45 10.85
C ARG C 320 26.79 -3.93 11.17
N MET C 321 25.63 -4.44 10.79
CA MET C 321 25.23 -5.79 11.14
C MET C 321 25.53 -6.73 10.00
N SER C 322 24.98 -7.92 10.11
CA SER C 322 25.03 -8.89 9.03
C SER C 322 23.66 -9.52 8.88
N MET C 323 23.14 -9.49 7.66
CA MET C 323 21.74 -9.81 7.42
C MET C 323 21.39 -11.26 7.73
N LYS C 324 22.31 -12.18 7.44
CA LYS C 324 22.11 -13.58 7.79
C LYS C 324 21.88 -13.75 9.28
N GLU C 325 22.69 -13.06 10.08
CA GLU C 325 22.42 -13.03 11.50
C GLU C 325 21.16 -12.25 11.79
N VAL C 326 20.88 -11.21 11.01
CA VAL C 326 19.67 -10.43 11.25
C VAL C 326 18.43 -11.22 10.89
N ASP C 327 18.47 -11.92 9.75
CA ASP C 327 17.28 -12.64 9.27
C ASP C 327 16.98 -13.83 10.16
N GLU C 328 18.00 -14.63 10.46
CA GLU C 328 17.76 -15.88 11.14
C GLU C 328 17.40 -15.67 12.59
N GLN C 329 17.94 -14.61 13.21
CA GLN C 329 17.50 -14.24 14.55
C GLN C 329 16.07 -13.73 14.52
N MET C 330 15.71 -13.01 13.46
CA MET C 330 14.31 -12.68 13.24
C MET C 330 13.48 -13.92 12.97
N LEU C 331 14.06 -14.87 12.25
CA LEU C 331 13.37 -16.11 11.94
C LEU C 331 13.06 -16.91 13.20
N ASN C 332 14.00 -16.92 14.15
CA ASN C 332 13.82 -17.70 15.36
C ASN C 332 12.69 -17.13 16.21
N VAL C 333 12.59 -15.81 16.28
CA VAL C 333 11.52 -15.19 17.05
C VAL C 333 10.17 -15.49 16.41
N GLN C 334 10.13 -15.60 15.08
CA GLN C 334 8.92 -16.11 14.45
C GLN C 334 8.70 -17.58 14.79
N ASN C 335 9.75 -18.34 15.04
CA ASN C 335 9.58 -19.75 15.34
C ASN C 335 9.47 -20.04 16.82
N LYS C 336 9.90 -19.11 17.67
CA LYS C 336 9.94 -19.39 19.10
C LYS C 336 8.54 -19.39 19.69
N ASN C 337 7.69 -18.50 19.22
CA ASN C 337 6.42 -18.24 19.87
C ASN C 337 5.30 -18.13 18.86
N SER C 338 5.21 -19.14 17.99
CA SER C 338 4.34 -19.09 16.81
C SER C 338 2.84 -19.04 17.08
N SER C 339 2.43 -18.91 18.34
CA SER C 339 1.07 -18.56 18.70
C SER C 339 0.87 -17.08 18.96
N TYR C 340 1.95 -16.31 19.09
CA TYR C 340 1.82 -14.90 19.46
C TYR C 340 1.45 -13.99 18.30
N PHE C 341 1.29 -14.52 17.09
CA PHE C 341 1.05 -13.71 15.91
C PHE C 341 -0.32 -14.07 15.35
N VAL C 342 -0.58 -13.60 14.14
CA VAL C 342 -1.75 -14.05 13.42
C VAL C 342 -1.29 -15.08 12.41
N GLU C 343 -2.27 -15.81 11.86
CA GLU C 343 -1.98 -16.93 10.99
C GLU C 343 -1.90 -16.54 9.53
N TRP C 344 -2.82 -15.68 9.07
CA TRP C 344 -2.93 -15.32 7.67
C TRP C 344 -1.81 -14.41 7.19
N ILE C 345 -1.00 -13.90 8.10
CA ILE C 345 0.20 -13.16 7.72
C ILE C 345 1.40 -14.03 8.05
N PRO C 346 1.98 -14.69 7.08
CA PRO C 346 3.14 -15.55 7.37
C PRO C 346 4.36 -14.76 7.78
N ASN C 347 4.80 -13.81 6.98
CA ASN C 347 5.88 -12.94 7.41
C ASN C 347 5.27 -11.88 8.30
N ASN C 348 5.31 -12.14 9.59
CA ASN C 348 4.74 -11.21 10.54
C ASN C 348 5.64 -10.01 10.81
N VAL C 349 6.88 -10.04 10.35
CA VAL C 349 7.88 -9.03 10.70
C VAL C 349 8.28 -8.28 9.45
N LYS C 350 8.48 -6.97 9.57
CA LYS C 350 9.17 -6.21 8.54
C LYS C 350 10.53 -5.73 9.05
N THR C 351 11.57 -5.98 8.27
CA THR C 351 12.91 -5.58 8.62
C THR C 351 13.18 -4.16 8.15
N ALA C 352 14.12 -3.51 8.82
CA ALA C 352 14.64 -2.24 8.36
C ALA C 352 16.03 -2.06 8.96
N VAL C 353 17.00 -1.79 8.09
CA VAL C 353 18.40 -1.81 8.47
C VAL C 353 19.04 -0.51 8.04
N CYS C 354 19.44 0.30 9.00
CA CYS C 354 20.25 1.45 8.69
C CYS C 354 21.71 1.05 8.54
N ASP C 355 22.53 2.00 8.12
CA ASP C 355 23.95 1.73 8.06
C ASP C 355 24.74 2.38 9.18
N ILE C 356 24.22 3.44 9.80
CA ILE C 356 24.95 4.16 10.84
C ILE C 356 24.09 4.27 12.09
N PRO C 357 24.57 3.79 13.24
CA PRO C 357 23.87 4.02 14.50
C PRO C 357 24.26 5.36 15.09
N PRO C 358 23.59 5.86 16.13
CA PRO C 358 24.04 7.10 16.77
C PRO C 358 25.36 6.91 17.47
N ARG C 359 26.00 8.04 17.80
CA ARG C 359 27.34 8.00 18.37
C ARG C 359 27.31 7.46 19.79
N GLY C 360 28.44 6.92 20.22
CA GLY C 360 28.59 6.33 21.53
C GLY C 360 28.35 4.84 21.58
N LEU C 361 27.35 4.36 20.86
CA LEU C 361 27.02 2.94 20.86
C LEU C 361 27.76 2.22 19.75
N LYS C 362 27.40 0.96 19.57
CA LYS C 362 27.76 0.20 18.38
C LYS C 362 26.59 -0.52 17.75
N MET C 363 25.53 -0.76 18.50
CA MET C 363 24.31 -1.35 17.98
C MET C 363 23.13 -0.62 18.59
N SER C 364 22.06 -0.54 17.80
CA SER C 364 20.78 -0.02 18.29
C SER C 364 19.69 -0.52 17.37
N ALA C 365 18.45 -0.29 17.79
CA ALA C 365 17.29 -0.72 17.02
C ALA C 365 16.09 0.10 17.46
N THR C 366 14.96 -0.16 16.81
CA THR C 366 13.72 0.53 17.14
C THR C 366 12.55 -0.42 16.93
N PHE C 367 11.96 -0.86 18.03
CA PHE C 367 10.83 -1.76 17.96
C PHE C 367 9.61 -0.96 17.55
N ILE C 368 8.86 -1.48 16.59
CA ILE C 368 7.54 -0.95 16.24
C ILE C 368 6.62 -2.15 16.14
N GLY C 369 5.77 -2.34 17.15
CA GLY C 369 4.85 -3.44 17.18
C GLY C 369 3.41 -2.98 17.10
N ASN C 370 2.53 -3.96 16.87
CA ASN C 370 1.10 -3.69 16.84
C ASN C 370 0.41 -5.00 17.18
N SER C 371 -0.27 -5.03 18.32
CA SER C 371 -0.83 -6.25 18.87
C SER C 371 -2.29 -6.06 19.25
N THR C 372 -2.92 -7.17 19.59
CA THR C 372 -4.31 -7.19 20.00
C THR C 372 -4.50 -6.92 21.48
N ALA C 373 -3.44 -6.58 22.19
CA ALA C 373 -3.54 -6.27 23.61
C ALA C 373 -3.35 -4.79 23.92
N ILE C 374 -3.09 -3.98 22.90
CA ILE C 374 -2.85 -2.55 23.12
C ILE C 374 -4.17 -1.85 23.45
N GLN C 375 -5.29 -2.50 23.14
CA GLN C 375 -6.62 -2.07 23.56
C GLN C 375 -6.81 -2.06 25.07
N GLU C 376 -5.88 -2.65 25.84
CA GLU C 376 -5.95 -2.58 27.29
C GLU C 376 -5.82 -1.13 27.78
N LEU C 377 -5.09 -0.30 27.03
CA LEU C 377 -5.08 1.14 27.32
C LEU C 377 -6.46 1.76 27.12
N PHE C 378 -7.28 1.17 26.27
CA PHE C 378 -8.56 1.76 25.93
C PHE C 378 -9.69 1.35 26.85
N LYS C 379 -9.66 0.11 27.35
CA LYS C 379 -10.68 -0.32 28.29
C LYS C 379 -10.58 0.43 29.61
N ARG C 380 -9.37 0.88 29.95
CA ARG C 380 -9.22 1.69 31.15
C ARG C 380 -9.89 3.04 31.00
N ILE C 381 -9.74 3.66 29.83
CA ILE C 381 -10.28 4.99 29.65
C ILE C 381 -11.78 4.93 29.40
N SER C 382 -12.23 3.94 28.63
CA SER C 382 -13.63 3.84 28.25
C SER C 382 -14.52 3.55 29.45
N GLU C 383 -14.05 2.73 30.37
CA GLU C 383 -14.84 2.44 31.56
C GLU C 383 -14.88 3.62 32.51
N GLN C 384 -13.83 4.44 32.52
CA GLN C 384 -13.87 5.67 33.30
C GLN C 384 -14.89 6.63 32.74
N PHE C 385 -15.11 6.60 31.44
CA PHE C 385 -16.16 7.40 30.84
C PHE C 385 -17.53 6.94 31.28
N THR C 386 -17.69 5.65 31.56
CA THR C 386 -18.99 5.12 31.95
C THR C 386 -19.42 5.61 33.33
N ALA C 387 -18.50 6.12 34.14
CA ALA C 387 -18.86 6.70 35.42
C ALA C 387 -19.09 8.20 35.34
N MET C 388 -18.39 8.89 34.46
CA MET C 388 -18.49 10.34 34.40
C MET C 388 -19.78 10.79 33.75
N PHE C 389 -20.45 9.92 33.01
CA PHE C 389 -21.61 10.32 32.23
C PHE C 389 -22.92 10.12 32.98
N ARG C 390 -23.00 9.14 33.88
CA ARG C 390 -24.26 8.78 34.51
C ARG C 390 -24.75 9.88 35.44
N ARG C 391 -23.89 10.34 36.34
CA ARG C 391 -24.20 11.52 37.13
C ARG C 391 -24.07 12.80 36.32
N LYS C 392 -23.49 12.73 35.12
CA LYS C 392 -23.04 13.87 34.34
C LYS C 392 -22.12 14.76 35.19
N ALA C 393 -21.13 14.12 35.81
CA ALA C 393 -20.36 14.72 36.87
C ALA C 393 -19.36 15.74 36.34
N PHE C 394 -19.36 16.92 36.95
CA PHE C 394 -18.68 18.13 36.45
C PHE C 394 -18.90 18.31 34.95
N LEU C 395 -20.16 18.33 34.56
CA LEU C 395 -20.52 18.71 33.21
C LEU C 395 -20.57 20.23 33.05
N HIS C 396 -20.67 20.97 34.17
CA HIS C 396 -20.91 22.41 34.15
C HIS C 396 -19.62 23.24 34.00
N TRP C 397 -18.58 22.68 33.41
CA TRP C 397 -17.56 23.49 32.76
C TRP C 397 -17.78 23.58 31.25
N TYR C 398 -18.53 22.64 30.65
CA TYR C 398 -18.54 22.45 29.20
C TYR C 398 -19.86 22.67 28.50
N THR C 399 -21.00 22.48 29.16
CA THR C 399 -22.27 22.73 28.48
C THR C 399 -22.45 24.22 28.22
N GLY C 400 -21.84 25.06 29.06
CA GLY C 400 -21.74 26.47 28.76
C GLY C 400 -20.91 26.76 27.53
N GLU C 401 -19.94 25.90 27.21
CA GLU C 401 -19.27 26.01 25.92
C GLU C 401 -20.21 25.59 24.80
N GLY C 402 -20.72 24.37 24.86
CA GLY C 402 -21.69 23.96 23.87
C GLY C 402 -21.40 22.72 23.05
N MET C 403 -20.75 21.73 23.65
CA MET C 403 -20.61 20.44 22.99
C MET C 403 -21.78 19.54 23.41
N ASP C 404 -22.18 18.66 22.52
CA ASP C 404 -23.48 17.99 22.59
C ASP C 404 -23.37 16.63 23.28
N GLU C 405 -24.50 16.19 23.83
CA GLU C 405 -24.61 14.80 24.29
C GLU C 405 -24.54 13.83 23.13
N MET C 406 -24.94 14.26 21.92
CA MET C 406 -24.82 13.40 20.76
C MET C 406 -23.36 13.11 20.45
N GLU C 407 -22.49 14.09 20.70
CA GLU C 407 -21.06 13.82 20.68
C GLU C 407 -20.68 12.86 21.78
N PHE C 408 -21.28 13.00 22.97
CA PHE C 408 -21.01 12.07 24.04
C PHE C 408 -21.61 10.70 23.80
N THR C 409 -22.58 10.59 22.89
CA THR C 409 -23.13 9.29 22.55
C THR C 409 -22.28 8.59 21.51
N GLU C 410 -21.92 9.31 20.45
CA GLU C 410 -21.34 8.67 19.27
C GLU C 410 -19.84 8.47 19.40
N ALA C 411 -19.13 9.44 19.98
CA ALA C 411 -17.70 9.25 20.24
C ALA C 411 -17.47 8.16 21.28
N GLU C 412 -18.43 7.97 22.17
CA GLU C 412 -18.44 6.79 23.04
C GLU C 412 -18.50 5.52 22.21
N SER C 413 -19.50 5.42 21.32
CA SER C 413 -19.62 4.25 20.47
C SER C 413 -18.57 4.24 19.37
N ASN C 414 -17.87 5.35 19.15
CA ASN C 414 -16.72 5.33 18.27
C ASN C 414 -15.62 4.45 18.85
N MET C 415 -15.52 4.39 20.17
CA MET C 415 -14.48 3.56 20.78
C MET C 415 -14.81 2.08 20.68
N ASN C 416 -16.07 1.71 20.92
CA ASN C 416 -16.46 0.31 20.90
C ASN C 416 -16.36 -0.29 19.51
N ASP C 417 -16.60 0.54 18.49
CA ASP C 417 -16.35 0.10 17.12
C ASP C 417 -14.88 -0.12 16.87
N LEU C 418 -14.04 0.60 17.61
CA LEU C 418 -12.60 0.51 17.38
C LEU C 418 -12.00 -0.68 18.10
N VAL C 419 -12.26 -0.77 19.41
CA VAL C 419 -11.54 -1.70 20.26
C VAL C 419 -11.91 -3.14 19.94
N SER C 420 -13.19 -3.37 19.67
CA SER C 420 -13.72 -4.71 19.50
C SER C 420 -13.37 -5.35 18.16
N GLU C 421 -12.46 -4.75 17.39
CA GLU C 421 -11.97 -5.35 16.17
C GLU C 421 -10.64 -6.06 16.35
N TYR C 422 -9.90 -5.75 17.40
CA TYR C 422 -8.69 -6.51 17.70
C TYR C 422 -9.05 -7.91 18.17
N GLN C 423 -10.11 -8.03 18.97
CA GLN C 423 -10.55 -9.30 19.48
C GLN C 423 -11.28 -10.13 18.43
N GLN C 424 -11.64 -9.55 17.28
CA GLN C 424 -11.98 -10.38 16.14
C GLN C 424 -10.79 -11.22 15.72
N TYR C 425 -9.63 -10.59 15.66
CA TYR C 425 -8.44 -11.22 15.13
C TYR C 425 -7.50 -11.69 16.22
N GLN C 426 -7.83 -11.43 17.49
CA GLN C 426 -7.05 -11.99 18.59
C GLN C 426 -7.35 -13.48 18.75
N ASP C 427 -8.61 -13.81 18.99
CA ASP C 427 -8.99 -15.19 19.26
C ASP C 427 -10.11 -15.65 18.33
MG MG D . -24.84 6.48 -16.24
PG ANP E . -21.11 7.56 -13.43
O1G ANP E . -21.56 8.78 -14.28
O2G ANP E . -19.84 7.97 -12.62
O3G ANP E . -22.19 7.17 -12.53
PB ANP E . -21.56 5.64 -15.59
O1B ANP E . -21.47 4.19 -15.50
O2B ANP E . -23.03 6.07 -15.30
N3B ANP E . -20.66 6.40 -14.46
PA ANP E . -22.09 6.51 -18.29
O1A ANP E . -21.57 7.72 -18.92
O2A ANP E . -23.51 6.78 -17.83
O3A ANP E . -21.19 6.18 -17.01
O5' ANP E . -22.16 5.29 -19.30
C5' ANP E . -21.91 5.48 -20.72
C4' ANP E . -23.19 5.28 -21.50
O4' ANP E . -23.71 3.96 -21.27
C3' ANP E . -24.34 6.24 -21.18
O3' ANP E . -24.43 7.28 -22.14
C2' ANP E . -25.59 5.36 -21.21
O2' ANP E . -26.56 5.85 -22.12
C1' ANP E . -25.06 3.99 -21.67
N9 ANP E . -25.74 2.84 -21.07
C8 ANP E . -25.14 1.91 -20.28
N7 ANP E . -25.95 0.95 -19.86
C5 ANP E . -27.16 1.30 -20.44
C6 ANP E . -28.42 0.66 -20.43
N6 ANP E . -28.66 -0.50 -19.80
N1 ANP E . -29.42 1.25 -21.13
C2 ANP E . -29.17 2.38 -21.79
N3 ANP E . -28.02 3.05 -21.88
C4 ANP E . -27.05 2.46 -21.19
PG GTP F . 10.80 -0.30 -2.95
O1G GTP F . 10.33 -1.41 -2.07
O2G GTP F . 9.66 0.62 -3.25
O3G GTP F . 11.94 0.42 -2.30
O3B GTP F . 11.34 -0.89 -4.33
PB GTP F . 12.83 -1.41 -4.44
O1B GTP F . 12.81 -2.27 -5.67
O2B GTP F . 13.82 -0.29 -4.56
O3A GTP F . 13.16 -2.20 -3.09
PA GTP F . 14.29 -3.35 -3.14
O1A GTP F . 15.14 -3.24 -4.39
O2A GTP F . 15.15 -3.25 -1.93
O5' GTP F . 13.48 -4.74 -3.11
C5' GTP F . 13.13 -5.33 -1.88
C4' GTP F . 13.65 -6.75 -1.90
O4' GTP F . 14.93 -6.74 -2.46
C3' GTP F . 13.78 -7.30 -0.51
O3' GTP F . 12.83 -8.33 -0.36
C2' GTP F . 15.16 -7.90 -0.43
O2' GTP F . 15.10 -9.26 -0.15
C1' GTP F . 15.73 -7.69 -1.82
N9 GTP F . 17.05 -7.11 -1.63
C8 GTP F . 17.32 -5.82 -1.29
N7 GTP F . 18.65 -5.68 -1.22
C5 GTP F . 19.21 -6.86 -1.53
C6 GTP F . 20.51 -7.25 -1.61
O6 GTP F . 21.40 -6.44 -1.39
N1 GTP F . 20.82 -8.53 -1.95
C2 GTP F . 19.81 -9.42 -2.21
N2 GTP F . 20.11 -10.66 -2.55
N3 GTP F . 18.50 -9.03 -2.13
C4 GTP F . 18.22 -7.76 -1.79
MG MG G . 12.26 0.99 -4.27
O01 TA1 H . 23.02 9.16 28.58
C01 TA1 H . 23.57 8.03 27.90
C02 TA1 H . 22.79 6.74 28.40
O02 TA1 H . 21.44 7.21 28.53
C03 TA1 H . 20.91 7.31 29.76
O03 TA1 H . 21.56 7.24 30.77
C04 TA1 H . 19.44 7.46 29.73
C05 TA1 H . 18.76 7.50 28.52
C06 TA1 H . 17.38 7.64 28.49
C07 TA1 H . 16.67 7.75 29.67
C08 TA1 H . 17.34 7.71 30.87
C09 TA1 H . 18.72 7.58 30.91
C10 TA1 H . 22.84 5.46 27.49
C11 TA1 H . 21.40 4.75 27.23
O04 TA1 H . 20.58 5.60 26.38
C12 TA1 H . 20.87 5.93 25.09
O05 TA1 H . 21.84 5.57 24.48
C13 TA1 H . 19.79 6.80 24.55
C14 TA1 H . 20.52 4.18 28.37
O06 TA1 H . 20.24 3.01 27.61
C15 TA1 H . 21.37 3.30 26.75
C16 TA1 H . 22.57 2.46 27.02
C17 TA1 H . 23.80 3.29 26.71
O07 TA1 H . 24.93 2.42 26.62
C18 TA1 H . 24.00 4.42 27.74
C19 TA1 H . 24.08 3.87 29.17
C20 TA1 H . 25.48 4.76 27.48
O08 TA1 H . 26.23 3.85 27.73
C21 TA1 H . 26.34 5.98 27.02
O09 TA1 H . 27.53 5.77 27.87
C22 TA1 H . 28.65 6.53 27.94
O10 TA1 H . 28.79 7.55 27.34
C23 TA1 H . 29.65 5.92 28.85
C24 TA1 H . 25.76 7.37 27.01
C25 TA1 H . 25.65 8.03 25.85
C26 TA1 H . 24.28 8.53 25.39
O11 TA1 H . 23.75 8.11 24.10
C27 TA1 H . 23.93 8.90 23.03
O12 TA1 H . 24.61 9.89 23.02
C28 TA1 H . 23.13 8.43 21.86
O13 TA1 H . 23.63 8.97 20.65
C29 TA1 H . 21.80 9.01 22.12
N01 TA1 H . 22.02 10.43 22.32
C30 TA1 H . 21.36 11.11 23.25
O14 TA1 H . 20.35 10.67 23.79
C31 TA1 H . 21.93 12.44 23.65
C32 TA1 H . 21.12 13.56 23.73
C33 TA1 H . 21.65 14.77 24.14
C34 TA1 H . 22.98 14.87 24.47
C35 TA1 H . 23.79 13.76 24.39
C36 TA1 H . 23.27 12.54 23.98
C37 TA1 H . 20.79 8.69 21.05
C38 TA1 H . 20.21 7.44 20.97
C39 TA1 H . 19.25 7.15 20.02
C40 TA1 H . 18.86 8.12 19.12
C41 TA1 H . 19.43 9.37 19.17
C42 TA1 H . 20.40 9.65 20.13
C43 TA1 H . 23.19 8.17 26.40
C44 TA1 H . 26.80 8.34 24.95
C45 TA1 H . 25.10 7.96 28.25
C46 TA1 H . 25.74 9.31 28.61
C47 TA1 H . 25.32 7.42 29.67
PB GDP I . -2.53 21.01 28.03
O1B GDP I . -2.75 20.17 26.79
O2B GDP I . -1.42 21.97 27.74
O3B GDP I . -3.77 21.66 28.48
O3A GDP I . -1.99 20.03 29.16
PA GDP I . -0.88 18.88 29.18
O1A GDP I . -0.01 19.01 27.95
O2A GDP I . -0.05 19.03 30.39
O5' GDP I . -1.53 17.45 29.24
C5' GDP I . -1.60 16.73 30.49
C4' GDP I . -1.16 15.31 30.27
O4' GDP I . 0.22 15.29 29.87
C3' GDP I . -1.24 14.43 31.51
O3' GDP I . -1.46 13.08 31.16
C2' GDP I . 0.15 14.60 32.12
O2' GDP I . 0.54 13.47 32.89
C1' GDP I . 1.01 14.66 30.86
N9 GDP I . 2.19 15.47 31.08
C8 GDP I . 2.21 16.73 31.57
N7 GDP I . 3.42 17.23 31.68
C5 GDP I . 4.24 16.20 31.23
C6 GDP I . 5.63 16.14 31.10
O6 GDP I . 6.43 17.04 31.33
N1 GDP I . 6.06 14.93 30.61
C2 GDP I . 5.24 13.90 30.25
N2 GDP I . 5.82 12.80 29.77
N3 GDP I . 3.92 13.95 30.37
C4 GDP I . 3.49 15.12 30.87
#